data_2VWR
# 
_entry.id   2VWR 
# 
_audit_conform.dict_name       mmcif_pdbx.dic 
_audit_conform.dict_version    5.382 
_audit_conform.dict_location   http://mmcif.pdb.org/dictionaries/ascii/mmcif_pdbx.dic 
# 
loop_
_database_2.database_id 
_database_2.database_code 
_database_2.pdbx_database_accession 
_database_2.pdbx_DOI 
PDB   2VWR         pdb_00002vwr 10.2210/pdb2vwr/pdb 
PDBE  EBI-36711    ?            ?                   
WWPDB D_1290036711 ?            ?                   
# 
_pdbx_database_status.status_code                     REL 
_pdbx_database_status.entry_id                        2VWR 
_pdbx_database_status.deposit_site                    PDBE 
_pdbx_database_status.process_site                    PDBE 
_pdbx_database_status.SG_entry                        . 
_pdbx_database_status.recvd_initial_deposition_date   2008-06-26 
_pdbx_database_status.pdb_format_compatible           Y 
_pdbx_database_status.status_code_sf                  REL 
_pdbx_database_status.status_code_mr                  ? 
_pdbx_database_status.status_code_cs                  ? 
_pdbx_database_status.methods_development_category    ? 
_pdbx_database_status.status_code_nmr_data            ? 
# 
loop_
_audit_author.name 
_audit_author.pdbx_ordinal 
'Roos, A.K.'          1  
'Guo, K.'             2  
'Burgess-Brown, N.'   3  
'Yue, W.W.'           4  
'Elkins, J.M.'        5  
'Pike, A.C.W.'        6  
'Filippakopoulos, P.' 7  
'Arrowsmith, C.H.'    8  
'Wikstom, M.'         9  
'Edwards, A.'         10 
'von Delft, F.'       11 
'Bountra, C.'         12 
'Doyle, D.'           13 
'Oppermann, U.'       14 
# 
_citation.id                        primary 
_citation.title                     'Crystal Structure of the Second Pdz Domain of the Human Numb-Binding Protein 2' 
_citation.journal_abbrev            'To be Published' 
_citation.journal_volume            ? 
_citation.page_first                ? 
_citation.page_last                 ? 
_citation.year                      ? 
_citation.journal_id_ASTM           ? 
_citation.country                   ? 
_citation.journal_id_ISSN           ? 
_citation.journal_id_CSD            0353 
_citation.book_publisher            ? 
_citation.pdbx_database_id_PubMed   ? 
_citation.pdbx_database_id_DOI      ? 
# 
loop_
_citation_author.citation_id 
_citation_author.name 
_citation_author.ordinal 
_citation_author.identifier_ORCID 
primary 'Roos, A.K.'          1  ? 
primary 'Guo, K.'             2  ? 
primary 'Burgess-Brown, N.'   3  ? 
primary 'Yue, W.W.'           4  ? 
primary 'Elkins, J.M.'        5  ? 
primary 'Pike, A.C.W.'        6  ? 
primary 'Filippakopoulos, P.' 7  ? 
primary 'Arrowsmith, C.H.'    8  ? 
primary 'Wikstom, M.'         9  ? 
primary 'Edwards, A.'         10 ? 
primary 'von Delft, F.'       11 ? 
primary 'Bountra, C.'         12 ? 
primary 'Doyle, D.'           13 ? 
primary 'Oppermann, U.'       14 ? 
# 
_cell.entry_id           2VWR 
_cell.length_a           63.773 
_cell.length_b           38.643 
_cell.length_c           38.186 
_cell.angle_alpha        90.00 
_cell.angle_beta         117.22 
_cell.angle_gamma        90.00 
_cell.Z_PDB              4 
_cell.pdbx_unique_axis   ? 
# 
_symmetry.entry_id                         2VWR 
_symmetry.space_group_name_H-M             'C 1 2 1' 
_symmetry.pdbx_full_space_group_name_H-M   ? 
_symmetry.cell_setting                     ? 
_symmetry.Int_Tables_number                5 
# 
loop_
_entity.id 
_entity.type 
_entity.src_method 
_entity.pdbx_description 
_entity.formula_weight 
_entity.pdbx_number_of_molecules 
_entity.pdbx_ec 
_entity.pdbx_mutation 
_entity.pdbx_fragment 
_entity.details 
1 polymer man 'LIGAND OF NUMB PROTEIN X 2' 10310.739 1  ? YES 'PDZ DOMAIN, RESIDUES 336-424' ? 
2 water   nat water                        18.015    99 ? ?   ?                              ? 
# 
_entity_name_com.entity_id   1 
_entity_name_com.name        'NUMB-BINDING PROTEIN 2, PDZ DOMAIN-CONTAINING RING FINGER PROTEIN 1' 
# 
_entity_poly.entity_id                      1 
_entity_poly.type                           'polypeptide(L)' 
_entity_poly.nstd_linkage                   no 
_entity_poly.nstd_monomer                   no 
_entity_poly.pdbx_seq_one_letter_code       
;SMEILQVALHKRDSGEQLGIKLVRRTDEPGVFILDLLEGGLAAQDGRLSSNDRVLAINGHDLKYGTPELAAQIIQASGER
VNLTIARPGKPEIEL
;
_entity_poly.pdbx_seq_one_letter_code_can   
;SMEILQVALHKRDSGEQLGIKLVRRTDEPGVFILDLLEGGLAAQDGRLSSNDRVLAINGHDLKYGTPELAAQIIQASGER
VNLTIARPGKPEIEL
;
_entity_poly.pdbx_strand_id                 A 
_entity_poly.pdbx_target_identifier         ? 
# 
loop_
_entity_poly_seq.entity_id 
_entity_poly_seq.num 
_entity_poly_seq.mon_id 
_entity_poly_seq.hetero 
1 1  SER n 
1 2  MET n 
1 3  GLU n 
1 4  ILE n 
1 5  LEU n 
1 6  GLN n 
1 7  VAL n 
1 8  ALA n 
1 9  LEU n 
1 10 HIS n 
1 11 LYS n 
1 12 ARG n 
1 13 ASP n 
1 14 SER n 
1 15 GLY n 
1 16 GLU n 
1 17 GLN n 
1 18 LEU n 
1 19 GLY n 
1 20 ILE n 
1 21 LYS n 
1 22 LEU n 
1 23 VAL n 
1 24 ARG n 
1 25 ARG n 
1 26 THR n 
1 27 ASP n 
1 28 GLU n 
1 29 PRO n 
1 30 GLY n 
1 31 VAL n 
1 32 PHE n 
1 33 ILE n 
1 34 LEU n 
1 35 ASP n 
1 36 LEU n 
1 37 LEU n 
1 38 GLU n 
1 39 GLY n 
1 40 GLY n 
1 41 LEU n 
1 42 ALA n 
1 43 ALA n 
1 44 GLN n 
1 45 ASP n 
1 46 GLY n 
1 47 ARG n 
1 48 LEU n 
1 49 SER n 
1 50 SER n 
1 51 ASN n 
1 52 ASP n 
1 53 ARG n 
1 54 VAL n 
1 55 LEU n 
1 56 ALA n 
1 57 ILE n 
1 58 ASN n 
1 59 GLY n 
1 60 HIS n 
1 61 ASP n 
1 62 LEU n 
1 63 LYS n 
1 64 TYR n 
1 65 GLY n 
1 66 THR n 
1 67 PRO n 
1 68 GLU n 
1 69 LEU n 
1 70 ALA n 
1 71 ALA n 
1 72 GLN n 
1 73 ILE n 
1 74 ILE n 
1 75 GLN n 
1 76 ALA n 
1 77 SER n 
1 78 GLY n 
1 79 GLU n 
1 80 ARG n 
1 81 VAL n 
1 82 ASN n 
1 83 LEU n 
1 84 THR n 
1 85 ILE n 
1 86 ALA n 
1 87 ARG n 
1 88 PRO n 
1 89 GLY n 
1 90 LYS n 
1 91 PRO n 
1 92 GLU n 
1 93 ILE n 
1 94 GLU n 
1 95 LEU n 
# 
_entity_src_gen.entity_id                          1 
_entity_src_gen.pdbx_src_id                        1 
_entity_src_gen.pdbx_alt_source_flag               sample 
_entity_src_gen.pdbx_seq_type                      ? 
_entity_src_gen.pdbx_beg_seq_num                   ? 
_entity_src_gen.pdbx_end_seq_num                   ? 
_entity_src_gen.gene_src_common_name               HUMAN 
_entity_src_gen.gene_src_genus                     ? 
_entity_src_gen.pdbx_gene_src_gene                 ? 
_entity_src_gen.gene_src_species                   ? 
_entity_src_gen.gene_src_strain                    ? 
_entity_src_gen.gene_src_tissue                    ? 
_entity_src_gen.gene_src_tissue_fraction           ? 
_entity_src_gen.gene_src_details                   ? 
_entity_src_gen.pdbx_gene_src_fragment             ? 
_entity_src_gen.pdbx_gene_src_scientific_name      'HOMO SAPIENS' 
_entity_src_gen.pdbx_gene_src_ncbi_taxonomy_id     9606 
_entity_src_gen.pdbx_gene_src_variant              ? 
_entity_src_gen.pdbx_gene_src_cell_line            ? 
_entity_src_gen.pdbx_gene_src_atcc                 ? 
_entity_src_gen.pdbx_gene_src_organ                ? 
_entity_src_gen.pdbx_gene_src_organelle            ? 
_entity_src_gen.pdbx_gene_src_cell                 ? 
_entity_src_gen.pdbx_gene_src_cellular_location    ? 
_entity_src_gen.host_org_common_name               ? 
_entity_src_gen.pdbx_host_org_scientific_name      'ESCHERICHIA COLI' 
_entity_src_gen.pdbx_host_org_ncbi_taxonomy_id     469008 
_entity_src_gen.host_org_genus                     ? 
_entity_src_gen.pdbx_host_org_gene                 ? 
_entity_src_gen.pdbx_host_org_organ                ? 
_entity_src_gen.host_org_species                   ? 
_entity_src_gen.pdbx_host_org_tissue               ? 
_entity_src_gen.pdbx_host_org_tissue_fraction      ? 
_entity_src_gen.pdbx_host_org_strain               'BL21(DE3)' 
_entity_src_gen.pdbx_host_org_variant              R3-PRARE2 
_entity_src_gen.pdbx_host_org_cell_line            ? 
_entity_src_gen.pdbx_host_org_atcc                 ? 
_entity_src_gen.pdbx_host_org_culture_collection   ? 
_entity_src_gen.pdbx_host_org_cell                 ? 
_entity_src_gen.pdbx_host_org_organelle            ? 
_entity_src_gen.pdbx_host_org_cellular_location    ? 
_entity_src_gen.pdbx_host_org_vector_type          ? 
_entity_src_gen.pdbx_host_org_vector               ? 
_entity_src_gen.host_org_details                   ? 
_entity_src_gen.expression_system_id               ? 
_entity_src_gen.plasmid_name                       PNIC28-BSA4 
_entity_src_gen.plasmid_details                    ? 
_entity_src_gen.pdbx_description                   ? 
# 
loop_
_struct_ref.id 
_struct_ref.db_name 
_struct_ref.db_code 
_struct_ref.entity_id 
_struct_ref.pdbx_seq_one_letter_code 
_struct_ref.pdbx_align_begin 
_struct_ref.pdbx_db_accession 
_struct_ref.pdbx_db_isoform 
1 PDB 2VWR       1 ? ? 2VWR   ? 
2 UNP LNX2_HUMAN 1 ? ? Q8N448 ? 
# 
loop_
_struct_ref_seq.align_id 
_struct_ref_seq.ref_id 
_struct_ref_seq.pdbx_PDB_id_code 
_struct_ref_seq.pdbx_strand_id 
_struct_ref_seq.seq_align_beg 
_struct_ref_seq.pdbx_seq_align_beg_ins_code 
_struct_ref_seq.seq_align_end 
_struct_ref_seq.pdbx_seq_align_end_ins_code 
_struct_ref_seq.pdbx_db_accession 
_struct_ref_seq.db_align_beg 
_struct_ref_seq.pdbx_db_align_beg_ins_code 
_struct_ref_seq.db_align_end 
_struct_ref_seq.pdbx_db_align_end_ins_code 
_struct_ref_seq.pdbx_auth_seq_align_beg 
_struct_ref_seq.pdbx_auth_seq_align_end 
1 1 2VWR A 1  ? 2  ? 2VWR   -1  ? 0   ? -1  0   
2 2 2VWR A 3  ? 91 ? Q8N448 336 ? 424 ? 336 424 
3 1 2VWR A 92 ? 95 ? 2VWR   425 ? 428 ? 425 428 
# 
_struct_ref_seq_dif.align_id                     1 
_struct_ref_seq_dif.pdbx_pdb_id_code             2VWR 
_struct_ref_seq_dif.mon_id                       LEU 
_struct_ref_seq_dif.pdbx_pdb_strand_id           A 
_struct_ref_seq_dif.seq_num                      5 
_struct_ref_seq_dif.pdbx_pdb_ins_code            ? 
_struct_ref_seq_dif.pdbx_seq_db_name             UNP 
_struct_ref_seq_dif.pdbx_seq_db_accession_code   Q8N448 
_struct_ref_seq_dif.db_mon_id                    PHE 
_struct_ref_seq_dif.pdbx_seq_db_seq_num          338 
_struct_ref_seq_dif.details                      'engineered mutation' 
_struct_ref_seq_dif.pdbx_auth_seq_num            338 
_struct_ref_seq_dif.pdbx_ordinal                 1 
# 
loop_
_chem_comp.id 
_chem_comp.type 
_chem_comp.mon_nstd_flag 
_chem_comp.name 
_chem_comp.pdbx_synonyms 
_chem_comp.formula 
_chem_comp.formula_weight 
ALA 'L-peptide linking' y ALANINE         ? 'C3 H7 N O2'     89.093  
ARG 'L-peptide linking' y ARGININE        ? 'C6 H15 N4 O2 1' 175.209 
ASN 'L-peptide linking' y ASPARAGINE      ? 'C4 H8 N2 O3'    132.118 
ASP 'L-peptide linking' y 'ASPARTIC ACID' ? 'C4 H7 N O4'     133.103 
GLN 'L-peptide linking' y GLUTAMINE       ? 'C5 H10 N2 O3'   146.144 
GLU 'L-peptide linking' y 'GLUTAMIC ACID' ? 'C5 H9 N O4'     147.129 
GLY 'peptide linking'   y GLYCINE         ? 'C2 H5 N O2'     75.067  
HIS 'L-peptide linking' y HISTIDINE       ? 'C6 H10 N3 O2 1' 156.162 
HOH non-polymer         . WATER           ? 'H2 O'           18.015  
ILE 'L-peptide linking' y ISOLEUCINE      ? 'C6 H13 N O2'    131.173 
LEU 'L-peptide linking' y LEUCINE         ? 'C6 H13 N O2'    131.173 
LYS 'L-peptide linking' y LYSINE          ? 'C6 H15 N2 O2 1' 147.195 
MET 'L-peptide linking' y METHIONINE      ? 'C5 H11 N O2 S'  149.211 
PHE 'L-peptide linking' y PHENYLALANINE   ? 'C9 H11 N O2'    165.189 
PRO 'L-peptide linking' y PROLINE         ? 'C5 H9 N O2'     115.130 
SER 'L-peptide linking' y SERINE          ? 'C3 H7 N O3'     105.093 
THR 'L-peptide linking' y THREONINE       ? 'C4 H9 N O3'     119.119 
TYR 'L-peptide linking' y TYROSINE        ? 'C9 H11 N O3'    181.189 
VAL 'L-peptide linking' y VALINE          ? 'C5 H11 N O2'    117.146 
# 
_exptl.entry_id          2VWR 
_exptl.method            'X-RAY DIFFRACTION' 
_exptl.crystals_number   1 
# 
_exptl_crystal.id                    1 
_exptl_crystal.density_meas          ? 
_exptl_crystal.density_Matthews      2.03 
_exptl_crystal.density_percent_sol   39.5 
_exptl_crystal.description           NONE 
# 
_exptl_crystal_grow.crystal_id      1 
_exptl_crystal_grow.method          ? 
_exptl_crystal_grow.temp            ? 
_exptl_crystal_grow.temp_details    ? 
_exptl_crystal_grow.pH              4.2 
_exptl_crystal_grow.pdbx_pH_range   ? 
_exptl_crystal_grow.pdbx_details    '40% PEG 300, 0.1M CITRATE/PO4 PH 4.2' 
# 
_diffrn.id                     1 
_diffrn.ambient_temp           100 
_diffrn.ambient_temp_details   ? 
_diffrn.crystal_id             1 
# 
_diffrn_detector.diffrn_id              1 
_diffrn_detector.detector               CCD 
_diffrn_detector.type                   MARRESEARCH 
_diffrn_detector.pdbx_collection_date   2008-04-10 
_diffrn_detector.details                ? 
# 
_diffrn_radiation.diffrn_id                        1 
_diffrn_radiation.wavelength_id                    1 
_diffrn_radiation.pdbx_monochromatic_or_laue_m_l   M 
_diffrn_radiation.monochromator                    ? 
_diffrn_radiation.pdbx_diffrn_protocol             'SINGLE WAVELENGTH' 
_diffrn_radiation.pdbx_scattering_type             x-ray 
# 
_diffrn_radiation_wavelength.id           1 
_diffrn_radiation_wavelength.wavelength   1.00001 
_diffrn_radiation_wavelength.wt           1.0 
# 
_diffrn_source.diffrn_id                   1 
_diffrn_source.source                      SYNCHROTRON 
_diffrn_source.type                        'SLS BEAMLINE X10SA' 
_diffrn_source.pdbx_synchrotron_site       SLS 
_diffrn_source.pdbx_synchrotron_beamline   X10SA 
_diffrn_source.pdbx_wavelength             1.00001 
_diffrn_source.pdbx_wavelength_list        ? 
# 
_reflns.pdbx_diffrn_id               1 
_reflns.pdbx_ordinal                 1 
_reflns.entry_id                     2VWR 
_reflns.observed_criterion_sigma_I   5.2 
_reflns.observed_criterion_sigma_F   ? 
_reflns.d_resolution_low             33.96 
_reflns.d_resolution_high            1.30 
_reflns.number_obs                   19996 
_reflns.number_all                   ? 
_reflns.percent_possible_obs         98.0 
_reflns.pdbx_Rmerge_I_obs            0.06 
_reflns.pdbx_Rsym_value              ? 
_reflns.pdbx_netI_over_sigmaI        16.00 
_reflns.B_iso_Wilson_estimate        10.30 
_reflns.pdbx_redundancy              5.4 
# 
_reflns_shell.pdbx_diffrn_id         1 
_reflns_shell.pdbx_ordinal           1 
_reflns_shell.d_res_high             1.30 
_reflns_shell.d_res_low              1.37 
_reflns_shell.percent_possible_all   88.9 
_reflns_shell.Rmerge_I_obs           0.24 
_reflns_shell.pdbx_Rsym_value        ? 
_reflns_shell.meanI_over_sigI_obs    5.20 
_reflns_shell.pdbx_redundancy        4.4 
# 
_refine.pdbx_refine_id                           'X-RAY DIFFRACTION' 
_refine.entry_id                                 2VWR 
_refine.pdbx_diffrn_id                           1 
_refine.pdbx_TLS_residual_ADP_flag               ? 
_refine.ls_number_reflns_obs                     18972 
_refine.ls_number_reflns_all                     ? 
_refine.pdbx_ls_sigma_I                          ? 
_refine.pdbx_ls_sigma_F                          ? 
_refine.pdbx_data_cutoff_high_absF               ? 
_refine.pdbx_data_cutoff_low_absF                ? 
_refine.pdbx_data_cutoff_high_rms_absF           ? 
_refine.ls_d_res_low                             33.96 
_refine.ls_d_res_high                            1.30 
_refine.ls_percent_reflns_obs                    97.8 
_refine.ls_R_factor_obs                          0.136 
_refine.ls_R_factor_all                          ? 
_refine.ls_R_factor_R_work                       0.134 
_refine.ls_R_factor_R_free                       0.177 
_refine.ls_R_factor_R_free_error                 ? 
_refine.ls_R_factor_R_free_error_details         ? 
_refine.ls_percent_reflns_R_free                 5.100 
_refine.ls_number_reflns_R_free                  1024 
_refine.ls_number_parameters                     ? 
_refine.ls_number_restraints                     ? 
_refine.occupancy_min                            ? 
_refine.occupancy_max                            ? 
_refine.correlation_coeff_Fo_to_Fc               0.972 
_refine.correlation_coeff_Fo_to_Fc_free          0.959 
_refine.B_iso_mean                               9.50 
_refine.aniso_B[1][1]                            -0.16000 
_refine.aniso_B[2][2]                            0.14000 
_refine.aniso_B[3][3]                            -0.02000 
_refine.aniso_B[1][2]                            0.00000 
_refine.aniso_B[1][3]                            -0.05000 
_refine.aniso_B[2][3]                            0.00000 
_refine.solvent_model_details                    MASK 
_refine.solvent_model_param_ksol                 ? 
_refine.solvent_model_param_bsol                 ? 
_refine.pdbx_solvent_vdw_probe_radii             1.20 
_refine.pdbx_solvent_ion_probe_radii             0.80 
_refine.pdbx_solvent_shrinkage_radii             0.80 
_refine.pdbx_ls_cross_valid_method               THROUGHOUT 
_refine.details                                  'HYDROGENS HAVE BEEN ADDED IN THE RIDING POSITIONS.' 
_refine.pdbx_starting_model                      'PDB ENTRIES 2QG1 AND 2HE2' 
_refine.pdbx_method_to_determine_struct          'MOLECULAR REPLACEMENT' 
_refine.pdbx_isotropic_thermal_model             ? 
_refine.pdbx_stereochemistry_target_values       'MAXIMUM LIKELIHOOD' 
_refine.pdbx_stereochem_target_val_spec_case     ? 
_refine.pdbx_R_Free_selection_details            RANDOM 
_refine.pdbx_overall_ESU_R                       0.048 
_refine.pdbx_overall_ESU_R_Free                  0.049 
_refine.overall_SU_ML                            0.026 
_refine.pdbx_overall_phase_error                 ? 
_refine.overall_SU_B                             1.321 
_refine.overall_SU_R_Cruickshank_DPI             ? 
_refine.pdbx_overall_SU_R_free_Cruickshank_DPI   ? 
_refine.pdbx_overall_SU_R_Blow_DPI               ? 
_refine.pdbx_overall_SU_R_free_Blow_DPI          ? 
# 
_refine_hist.pdbx_refine_id                   'X-RAY DIFFRACTION' 
_refine_hist.cycle_id                         LAST 
_refine_hist.pdbx_number_atoms_protein        723 
_refine_hist.pdbx_number_atoms_nucleic_acid   0 
_refine_hist.pdbx_number_atoms_ligand         0 
_refine_hist.number_atoms_solvent             99 
_refine_hist.number_atoms_total               822 
_refine_hist.d_res_high                       1.30 
_refine_hist.d_res_low                        33.96 
# 
loop_
_refine_ls_restr.type 
_refine_ls_restr.dev_ideal 
_refine_ls_restr.dev_ideal_target 
_refine_ls_restr.weight 
_refine_ls_restr.number 
_refine_ls_restr.pdbx_refine_id 
_refine_ls_restr.pdbx_restraint_function 
r_bond_refined_d             0.011  0.022  ? 737  'X-RAY DIFFRACTION' ? 
r_bond_other_d               0.002  0.020  ? 510  'X-RAY DIFFRACTION' ? 
r_angle_refined_deg          1.313  2.007  ? 995  'X-RAY DIFFRACTION' ? 
r_angle_other_deg            0.876  3.000  ? 1254 'X-RAY DIFFRACTION' ? 
r_dihedral_angle_1_deg       6.035  5.000  ? 94   'X-RAY DIFFRACTION' ? 
r_dihedral_angle_2_deg       36.281 24.545 ? 33   'X-RAY DIFFRACTION' ? 
r_dihedral_angle_3_deg       10.524 15.000 ? 139  'X-RAY DIFFRACTION' ? 
r_dihedral_angle_4_deg       11.507 15.000 ? 7    'X-RAY DIFFRACTION' ? 
r_chiral_restr               0.082  0.200  ? 118  'X-RAY DIFFRACTION' ? 
r_gen_planes_refined         0.007  0.021  ? 816  'X-RAY DIFFRACTION' ? 
r_gen_planes_other           0.001  0.020  ? 131  'X-RAY DIFFRACTION' ? 
r_nbd_refined                ?      ?      ? ?    'X-RAY DIFFRACTION' ? 
r_nbd_other                  ?      ?      ? ?    'X-RAY DIFFRACTION' ? 
r_nbtor_refined              ?      ?      ? ?    'X-RAY DIFFRACTION' ? 
r_nbtor_other                ?      ?      ? ?    'X-RAY DIFFRACTION' ? 
r_xyhbond_nbd_refined        ?      ?      ? ?    'X-RAY DIFFRACTION' ? 
r_xyhbond_nbd_other          ?      ?      ? ?    'X-RAY DIFFRACTION' ? 
r_metal_ion_refined          ?      ?      ? ?    'X-RAY DIFFRACTION' ? 
r_metal_ion_other            ?      ?      ? ?    'X-RAY DIFFRACTION' ? 
r_symmetry_vdw_refined       ?      ?      ? ?    'X-RAY DIFFRACTION' ? 
r_symmetry_vdw_other         ?      ?      ? ?    'X-RAY DIFFRACTION' ? 
r_symmetry_hbond_refined     ?      ?      ? ?    'X-RAY DIFFRACTION' ? 
r_symmetry_hbond_other       ?      ?      ? ?    'X-RAY DIFFRACTION' ? 
r_symmetry_metal_ion_refined ?      ?      ? ?    'X-RAY DIFFRACTION' ? 
r_symmetry_metal_ion_other   ?      ?      ? ?    'X-RAY DIFFRACTION' ? 
r_mcbond_it                  3.352  3.000  ? 471  'X-RAY DIFFRACTION' ? 
r_mcbond_other               ?      ?      ? ?    'X-RAY DIFFRACTION' ? 
r_mcangle_it                 4.562  5.000  ? 756  'X-RAY DIFFRACTION' ? 
r_mcangle_other              ?      ?      ? ?    'X-RAY DIFFRACTION' ? 
r_scbond_it                  6.932  8.000  ? 266  'X-RAY DIFFRACTION' ? 
r_scbond_other               ?      ?      ? ?    'X-RAY DIFFRACTION' ? 
r_scangle_it                 9.761  11.000 ? 239  'X-RAY DIFFRACTION' ? 
r_scangle_other              ?      ?      ? ?    'X-RAY DIFFRACTION' ? 
r_long_range_B_refined       ?      ?      ? ?    'X-RAY DIFFRACTION' ? 
r_long_range_B_other         ?      ?      ? ?    'X-RAY DIFFRACTION' ? 
r_rigid_bond_restr           ?      ?      ? ?    'X-RAY DIFFRACTION' ? 
r_sphericity_free            ?      ?      ? ?    'X-RAY DIFFRACTION' ? 
r_sphericity_bonded          ?      ?      ? ?    'X-RAY DIFFRACTION' ? 
# 
_refine_ls_shell.pdbx_refine_id                   'X-RAY DIFFRACTION' 
_refine_ls_shell.pdbx_total_number_of_bins_used   20 
_refine_ls_shell.d_res_high                       1.30 
_refine_ls_shell.d_res_low                        1.33 
_refine_ls_shell.number_reflns_R_work             1159 
_refine_ls_shell.R_factor_R_work                  0.1410 
_refine_ls_shell.percent_reflns_obs               ? 
_refine_ls_shell.R_factor_R_free                  0.2160 
_refine_ls_shell.R_factor_R_free_error            ? 
_refine_ls_shell.percent_reflns_R_free            ? 
_refine_ls_shell.number_reflns_R_free             70 
_refine_ls_shell.number_reflns_all                ? 
_refine_ls_shell.R_factor_all                     ? 
# 
_struct.entry_id                  2VWR 
_struct.title                     'Crystal structure of the second pdz domain of numb-binding protein 2' 
_struct.pdbx_model_details        ? 
_struct.pdbx_CASP_flag            ? 
_struct.pdbx_model_type_details   ? 
# 
_struct_keywords.entry_id        2VWR 
_struct_keywords.pdbx_keywords   'PROTEIN BINDING' 
_struct_keywords.text            
;PROTEIN-BINDING, METAL-BINDING, LIGAND OF NUMB PROTEIN, ZINC, LNX2_HUMAN, ZINC-FINGER, POLYMORPHISM, RING FINGER PROTEIN 1, CASP8 PROTEIN-BINDING, PROTEIN BINDING
;
# 
loop_
_struct_asym.id 
_struct_asym.pdbx_blank_PDB_chainid_flag 
_struct_asym.pdbx_modified 
_struct_asym.entity_id 
_struct_asym.details 
A N N 1 ? 
B N N 2 ? 
# 
_struct_biol.id   1 
# 
loop_
_struct_conf.conf_type_id 
_struct_conf.id 
_struct_conf.pdbx_PDB_helix_id 
_struct_conf.beg_label_comp_id 
_struct_conf.beg_label_asym_id 
_struct_conf.beg_label_seq_id 
_struct_conf.pdbx_beg_PDB_ins_code 
_struct_conf.end_label_comp_id 
_struct_conf.end_label_asym_id 
_struct_conf.end_label_seq_id 
_struct_conf.pdbx_end_PDB_ins_code 
_struct_conf.beg_auth_comp_id 
_struct_conf.beg_auth_asym_id 
_struct_conf.beg_auth_seq_id 
_struct_conf.end_auth_comp_id 
_struct_conf.end_auth_asym_id 
_struct_conf.end_auth_seq_id 
_struct_conf.pdbx_PDB_helix_class 
_struct_conf.details 
_struct_conf.pdbx_PDB_helix_length 
HELX_P HELX_P1 1 GLY A 40 ? GLY A 46 ? GLY A 373 GLY A 379 1 ? 7  
HELX_P HELX_P2 2 THR A 66 ? SER A 77 ? THR A 399 SER A 410 1 ? 12 
# 
_struct_conf_type.id          HELX_P 
_struct_conf_type.criteria    ? 
_struct_conf_type.reference   ? 
# 
loop_
_struct_sheet.id 
_struct_sheet.type 
_struct_sheet.number_strands 
_struct_sheet.details 
AA ? 5 ? 
AB ? 4 ? 
# 
loop_
_struct_sheet_order.sheet_id 
_struct_sheet_order.range_id_1 
_struct_sheet_order.range_id_2 
_struct_sheet_order.offset 
_struct_sheet_order.sense 
AA 1 2 ? anti-parallel 
AA 2 3 ? anti-parallel 
AA 3 4 ? anti-parallel 
AA 4 5 ? anti-parallel 
AB 1 2 ? anti-parallel 
AB 2 3 ? anti-parallel 
AB 3 4 ? anti-parallel 
# 
loop_
_struct_sheet_range.sheet_id 
_struct_sheet_range.id 
_struct_sheet_range.beg_label_comp_id 
_struct_sheet_range.beg_label_asym_id 
_struct_sheet_range.beg_label_seq_id 
_struct_sheet_range.pdbx_beg_PDB_ins_code 
_struct_sheet_range.end_label_comp_id 
_struct_sheet_range.end_label_asym_id 
_struct_sheet_range.end_label_seq_id 
_struct_sheet_range.pdbx_end_PDB_ins_code 
_struct_sheet_range.beg_auth_comp_id 
_struct_sheet_range.beg_auth_asym_id 
_struct_sheet_range.beg_auth_seq_id 
_struct_sheet_range.end_auth_comp_id 
_struct_sheet_range.end_auth_asym_id 
_struct_sheet_range.end_auth_seq_id 
AA 1 MET A 2  ? HIS A 10 ? MET A 0   HIS A 343 
AA 2 ARG A 80 ? PRO A 88 ? ARG A 413 PRO A 421 
AA 3 ARG A 53 ? ILE A 57 ? ARG A 386 ILE A 390 
AA 4 VAL A 31 ? LEU A 36 ? VAL A 364 LEU A 369 
AA 5 ILE A 20 ? ARG A 24 ? ILE A 353 ARG A 357 
AB 1 MET A 2  ? HIS A 10 ? MET A 0   HIS A 343 
AB 2 ARG A 80 ? PRO A 88 ? ARG A 413 PRO A 421 
AB 3 ARG A 53 ? ILE A 57 ? ARG A 386 ILE A 390 
AB 4 HIS A 60 ? ASP A 61 ? HIS A 393 ASP A 394 
# 
loop_
_pdbx_struct_sheet_hbond.sheet_id 
_pdbx_struct_sheet_hbond.range_id_1 
_pdbx_struct_sheet_hbond.range_id_2 
_pdbx_struct_sheet_hbond.range_1_label_atom_id 
_pdbx_struct_sheet_hbond.range_1_label_comp_id 
_pdbx_struct_sheet_hbond.range_1_label_asym_id 
_pdbx_struct_sheet_hbond.range_1_label_seq_id 
_pdbx_struct_sheet_hbond.range_1_PDB_ins_code 
_pdbx_struct_sheet_hbond.range_1_auth_atom_id 
_pdbx_struct_sheet_hbond.range_1_auth_comp_id 
_pdbx_struct_sheet_hbond.range_1_auth_asym_id 
_pdbx_struct_sheet_hbond.range_1_auth_seq_id 
_pdbx_struct_sheet_hbond.range_2_label_atom_id 
_pdbx_struct_sheet_hbond.range_2_label_comp_id 
_pdbx_struct_sheet_hbond.range_2_label_asym_id 
_pdbx_struct_sheet_hbond.range_2_label_seq_id 
_pdbx_struct_sheet_hbond.range_2_PDB_ins_code 
_pdbx_struct_sheet_hbond.range_2_auth_atom_id 
_pdbx_struct_sheet_hbond.range_2_auth_comp_id 
_pdbx_struct_sheet_hbond.range_2_auth_asym_id 
_pdbx_struct_sheet_hbond.range_2_auth_seq_id 
AA 1 2 N LEU A 9  ? N LEU A 342 O VAL A 81 ? O VAL A 414 
AA 2 3 N ALA A 86 ? N ALA A 419 O ARG A 53 ? O ARG A 386 
AA 3 4 N VAL A 54 ? N VAL A 387 O VAL A 31 ? O VAL A 364 
AA 4 5 N LEU A 34 ? N LEU A 367 O LYS A 21 ? O LYS A 354 
AB 1 2 N LEU A 9  ? N LEU A 342 O VAL A 81 ? O VAL A 414 
AB 2 3 N ALA A 86 ? N ALA A 419 O ARG A 53 ? O ARG A 386 
AB 3 4 N ILE A 57 ? N ILE A 390 O HIS A 60 ? O HIS A 393 
# 
_atom_sites.entry_id                    2VWR 
_atom_sites.fract_transf_matrix[1][1]   0.00403362 
_atom_sites.fract_transf_matrix[1][2]   -0.01557870 
_atom_sites.fract_transf_matrix[1][3]   0.00721028 
_atom_sites.fract_transf_matrix[2][1]   0.02499634 
_atom_sites.fract_transf_matrix[2][2]   0.00668192 
_atom_sites.fract_transf_matrix[2][3]   0.00045350 
_atom_sites.fract_transf_matrix[3][1]   -0.00008903 
_atom_sites.fract_transf_matrix[3][2]   -0.00166244 
_atom_sites.fract_transf_matrix[3][3]   0.02940190 
_atom_sites.fract_transf_vector[1]      0.237826 
_atom_sites.fract_transf_vector[2]      0.442816 
_atom_sites.fract_transf_vector[3]      0.244143 
# 
loop_
_atom_type.symbol 
C 
N 
O 
S 
# 
loop_
_atom_site.group_PDB 
_atom_site.id 
_atom_site.type_symbol 
_atom_site.label_atom_id 
_atom_site.label_alt_id 
_atom_site.label_comp_id 
_atom_site.label_asym_id 
_atom_site.label_entity_id 
_atom_site.label_seq_id 
_atom_site.pdbx_PDB_ins_code 
_atom_site.Cartn_x 
_atom_site.Cartn_y 
_atom_site.Cartn_z 
_atom_site.occupancy 
_atom_site.B_iso_or_equiv 
_atom_site.pdbx_formal_charge 
_atom_site.auth_seq_id 
_atom_site.auth_comp_id 
_atom_site.auth_asym_id 
_atom_site.auth_atom_id 
_atom_site.pdbx_PDB_model_num 
ATOM   1   N N   . SER A 1 1  ? -1.818  -10.925 15.638  1.00 19.40 ? -1   SER A N   1 
ATOM   2   C CA  . SER A 1 1  ? -1.517  -11.613 14.355  1.00 14.62 ? -1   SER A CA  1 
ATOM   3   C C   . SER A 1 1  ? -1.574  -10.645 13.190  1.00 13.47 ? -1   SER A C   1 
ATOM   4   O O   . SER A 1 1  ? -2.078  -9.523  13.304  1.00 15.69 ? -1   SER A O   1 
ATOM   5   C CB  . SER A 1 1  ? -2.508  -12.744 14.106  1.00 17.49 ? -1   SER A CB  1 
ATOM   6   O OG  . SER A 1 1  ? -3.840  -12.263 13.983  1.00 25.56 ? -1   SER A OG  1 
ATOM   7   N N   . MET A 1 2  ? -1.080  -11.104 12.056  1.00 10.92 ? 0    MET A N   1 
ATOM   8   C CA  . MET A 1 2  ? -1.202  -10.359 10.828  1.00 9.70  ? 0    MET A CA  1 
ATOM   9   C C   . MET A 1 2  ? -1.212  -11.287 9.636   1.00 9.06  ? 0    MET A C   1 
ATOM   10  O O   . MET A 1 2  ? -0.733  -12.408 9.704   1.00 13.20 ? 0    MET A O   1 
ATOM   11  C CB  . MET A 1 2  ? -0.074  -9.343  10.692  1.00 12.91 ? 0    MET A CB  1 
ATOM   12  C CG  . MET A 1 2  ? 1.285   -9.974  10.569  1.00 15.71 ? 0    MET A CG  1 
ATOM   13  S SD  . MET A 1 2  ? 2.624   -8.768  10.606  1.00 19.52 ? 0    MET A SD  1 
ATOM   14  C CE  . MET A 1 2  ? 2.545   -8.212  12.305  1.00 31.08 ? 0    MET A CE  1 
ATOM   15  N N   . GLU A 1 3  ? -1.778  -10.785 8.551   1.00 7.47  ? 336  GLU A N   1 
ATOM   16  C CA  . GLU A 1 3  ? -1.714  -11.429 7.274   1.00 7.61  ? 336  GLU A CA  1 
ATOM   17  C C   . GLU A 1 3  ? -0.706  -10.694 6.411   1.00 8.80  ? 336  GLU A C   1 
ATOM   18  O O   . GLU A 1 3  ? -0.720  -9.472  6.356   1.00 10.63 ? 336  GLU A O   1 
ATOM   19  C CB  . GLU A 1 3  ? -3.088  -11.414 6.602   1.00 9.77  ? 336  GLU A CB  1 
ATOM   20  C CG  . GLU A 1 3  ? -3.091  -12.167 5.286   1.00 14.79 ? 336  GLU A CG  1 
ATOM   21  C CD  . GLU A 1 3  ? -4.380  -12.024 4.527   1.00 26.53 ? 336  GLU A CD  1 
ATOM   22  O OE1 . GLU A 1 3  ? -5.348  -11.466 5.082   1.00 31.96 ? 336  GLU A OE1 1 
ATOM   23  O OE2 . GLU A 1 3  ? -4.415  -12.478 3.360   1.00 32.73 ? 336  GLU A OE2 1 
ATOM   24  N N   . ILE A 1 4  ? 0.168   -11.451 5.766   1.00 7.18  ? 337  ILE A N   1 
ATOM   25  C CA  . ILE A 1 4  ? 1.083   -10.913 4.769   1.00 7.38  ? 337  ILE A CA  1 
ATOM   26  C C   . ILE A 1 4  ? 0.583   -11.335 3.418   1.00 7.35  ? 337  ILE A C   1 
ATOM   27  O O   . ILE A 1 4  ? 0.327   -12.525 3.187   1.00 9.86  ? 337  ILE A O   1 
ATOM   28  C CB  . ILE A 1 4  ? 2.513   -11.425 4.937   1.00 9.41  ? 337  ILE A CB  1 
ATOM   29  C CG1 . ILE A 1 4  ? 2.985   -11.265 6.364   1.00 12.88 ? 337  ILE A CG1 1 
ATOM   30  C CG2 . ILE A 1 4  ? 3.457   -10.745 3.926   1.00 11.50 ? 337  ILE A CG2 1 
ATOM   31  C CD1 . ILE A 1 4  ? 3.064   -9.897  6.810   1.00 14.81 ? 337  ILE A CD1 1 
ATOM   32  N N   . LEU A 1 5  ? 0.437   -10.364 2.532   1.00 7.58  ? 338  LEU A N   1 
ATOM   33  C CA  . LEU A 1 5  ? 0.001   -10.672 1.171   1.00 8.65  ? 338  LEU A CA  1 
ATOM   34  C C   . LEU A 1 5  ? 0.645   -9.742  0.155   1.00 7.20  ? 338  LEU A C   1 
ATOM   35  O O   . LEU A 1 5  ? 1.200   -8.708  0.502   1.00 8.46  ? 338  LEU A O   1 
ATOM   36  C CB  . LEU A 1 5  ? -1.505  -10.654 1.048   1.00 13.90 ? 338  LEU A CB  1 
ATOM   37  C CG  . LEU A 1 5  ? -2.139  -9.301  1.237   1.00 13.10 ? 338  LEU A CG  1 
ATOM   38  C CD1 . LEU A 1 5  ? -3.467  -9.230  0.466   1.00 20.34 ? 338  LEU A CD1 1 
ATOM   39  C CD2 . LEU A 1 5  ? -2.368  -8.946  2.695   1.00 19.29 ? 338  LEU A CD2 1 
ATOM   40  N N   . GLN A 1 6  ? 0.623   -10.167 -1.096  1.00 7.20  ? 339  GLN A N   1 
ATOM   41  C CA  . GLN A 1 6  ? 1.186   -9.403  -2.179  1.00 7.97  ? 339  GLN A CA  1 
ATOM   42  C C   . GLN A 1 6  ? 0.075   -9.005  -3.125  1.00 8.78  ? 339  GLN A C   1 
ATOM   43  O O   . GLN A 1 6  ? -0.768  -9.821  -3.477  1.00 12.62 ? 339  GLN A O   1 
ATOM   44  C CB  . GLN A 1 6  ? 2.278   -10.186 -2.907  1.00 11.22 ? 339  GLN A CB  1 
ATOM   45  C CG  . GLN A 1 6  ? 3.451   -10.481 -1.989  1.00 17.34 ? 339  GLN A CG  1 
ATOM   46  C CD  . GLN A 1 6  ? 4.688   -10.984 -2.690  1.00 25.58 ? 339  GLN A CD  1 
ATOM   47  O OE1 . GLN A 1 6  ? 4.955   -10.661 -3.849  1.00 22.54 ? 339  GLN A OE1 1 
ATOM   48  N NE2 . GLN A 1 6  ? 5.477   -11.771 -1.968  1.00 35.80 ? 339  GLN A NE2 1 
ATOM   49  N N   . VAL A 1 7  ? 0.077   -7.732  -3.495  1.00 6.69  ? 340  VAL A N   1 
ATOM   50  C CA  . VAL A 1 7  ? -0.899  -7.175  -4.393  1.00 6.49  ? 340  VAL A CA  1 
ATOM   51  C C   . VAL A 1 7  ? -0.189  -6.530  -5.558  1.00 6.92  ? 340  VAL A C   1 
ATOM   52  O O   . VAL A 1 7  ? 0.582   -5.623  -5.373  1.00 9.54  ? 340  VAL A O   1 
ATOM   53  C CB  . VAL A 1 7  ? -1.767  -6.130  -3.687  1.00 7.24  ? 340  VAL A CB  1 
ATOM   54  C CG1 . VAL A 1 7  ? -2.690  -5.428  -4.658  1.00 9.62  ? 340  VAL A CG1 1 
ATOM   55  C CG2 . VAL A 1 7  ? -2.583  -6.781  -2.563  1.00 9.31  ? 340  VAL A CG2 1 
ATOM   56  N N   . ALA A 1 8  ? -0.493  -6.985  -6.763  1.00 7.20  ? 341  ALA A N   1 
ATOM   57  C CA  . ALA A 1 8  ? 0.092   -6.429  -7.977  1.00 8.32  ? 341  ALA A CA  1 
ATOM   58  C C   . ALA A 1 8  ? -0.934  -5.585  -8.701  1.00 7.94  ? 341  ALA A C   1 
ATOM   59  O O   . ALA A 1 8  ? -2.006  -6.058  -9.028  1.00 12.11 ? 341  ALA A O   1 
ATOM   60  C CB  . ALA A 1 8  ? 0.590   -7.560  -8.882  1.00 12.50 ? 341  ALA A CB  1 
ATOM   61  N N   . LEU A 1 9  ? -0.606  -4.325  -8.916  1.00 7.05  ? 342  LEU A N   1 
ATOM   62  C CA  . LEU A 1 9  ? -1.410  -3.394  -9.688  1.00 7.53  ? 342  LEU A CA  1 
ATOM   63  C C   . LEU A 1 9  ? -0.679  -3.089  -10.993 1.00 6.69  ? 342  LEU A C   1 
ATOM   64  O O   . LEU A 1 9  ? 0.545   -3.158  -11.058 1.00 9.96  ? 342  LEU A O   1 
ATOM   65  C CB  . LEU A 1 9  ? -1.643  -2.108  -8.908  1.00 7.05  ? 342  LEU A CB  1 
ATOM   66  C CG  . LEU A 1 9  ? -2.293  -2.283  -7.536  1.00 6.94  ? 342  LEU A CG  1 
ATOM   67  C CD1 . LEU A 1 9  ? -2.408  -0.945  -6.830  1.00 10.28 ? 342  LEU A CD1 1 
ATOM   68  C CD2 . LEU A 1 9  ? -3.667  -2.985  -7.608  1.00 9.01  ? 342  LEU A CD2 1 
ATOM   69  N N   . HIS A 1 10 ? -1.436  -2.741  -12.026 1.00 7.45  ? 343  HIS A N   1 
ATOM   70  C CA  . HIS A 1 10 ? -0.825  -2.471  -13.321 1.00 8.58  ? 343  HIS A CA  1 
ATOM   71  C C   . HIS A 1 10 ? -1.182  -1.099  -13.872 1.00 7.84  ? 343  HIS A C   1 
ATOM   72  O O   . HIS A 1 10 ? -2.356  -0.810  -14.144 1.00 11.03 ? 343  HIS A O   1 
ATOM   73  C CB  . HIS A 1 10 ? -1.191  -3.582  -14.292 1.00 10.46 ? 343  HIS A CB  1 
ATOM   74  C CG  . HIS A 1 10 ? -0.621  -4.909  -13.895 1.00 12.40 ? 343  HIS A CG  1 
ATOM   75  N ND1 . HIS A 1 10 ? 0.597   -5.358  -14.355 1.00 16.70 ? 343  HIS A ND1 1 
ATOM   76  C CD2 . HIS A 1 10 ? -1.061  -5.846  -13.020 1.00 19.64 ? 343  HIS A CD2 1 
ATOM   77  C CE1 . HIS A 1 10 ? 0.859   -6.540  -13.822 1.00 18.81 ? 343  HIS A CE1 1 
ATOM   78  N NE2 . HIS A 1 10 ? -0.129  -6.855  -13.004 1.00 19.15 ? 343  HIS A NE2 1 
ATOM   79  N N   . LYS A 1 11 ? -0.169  -0.236  -13.965 1.00 9.81  ? 344  LYS A N   1 
ATOM   80  C CA  . LYS A 1 11 ? -0.368  1.114   -14.505 1.00 10.04 ? 344  LYS A CA  1 
ATOM   81  C C   . LYS A 1 11 ? -0.649  1.043   -15.992 1.00 12.69 ? 344  LYS A C   1 
ATOM   82  O O   . LYS A 1 11 ? 0.120   0.414   -16.712 1.00 14.69 ? 344  LYS A O   1 
ATOM   83  C CB  . LYS A 1 11 ? 0.874   1.981   -14.272 1.00 12.34 ? 344  LYS A CB  1 
ATOM   84  C CG  . LYS A 1 11 ? 1.186   2.293   -12.801 1.00 12.62 ? 344  LYS A CG  1 
ATOM   85  C CD  . LYS A 1 11 ? 1.941   3.637   -12.645 1.00 31.05 ? 344  LYS A CD  1 
ATOM   86  C CE  . LYS A 1 11 ? 3.373   3.614   -13.148 1.00 24.45 ? 344  LYS A CE  1 
ATOM   87  N NZ  . LYS A 1 11 ? 4.303   4.521   -12.403 1.00 21.96 ? 344  LYS A NZ  1 
ATOM   88  N N   . ARG A 1 12 ? -1.716  1.698   -16.441 1.00 13.65 ? 345  ARG A N   1 
ATOM   89  C CA  . ARG A 1 12 ? -2.090  1.694   -17.866 1.00 17.02 ? 345  ARG A CA  1 
ATOM   90  C C   . ARG A 1 12 ? -1.274  2.723   -18.645 1.00 17.99 ? 345  ARG A C   1 
ATOM   91  O O   . ARG A 1 12 ? -1.142  2.612   -19.874 1.00 22.78 ? 345  ARG A O   1 
ATOM   92  C CB  . ARG A 1 12 ? -3.597  1.929   -18.033 1.00 18.82 ? 345  ARG A CB  1 
ATOM   93  C CG  . ARG A 1 12 ? -4.453  0.832   -17.388 1.00 23.83 ? 345  ARG A CG  1 
ATOM   94  C CD  . ARG A 1 12 ? -5.574  0.348   -18.301 1.00 35.96 ? 345  ARG A CD  1 
ATOM   95  N NE  . ARG A 1 12 ? -6.339  -0.756  -17.717 1.00 41.80 ? 345  ARG A NE  1 
ATOM   96  C CZ  . ARG A 1 12 ? -7.266  -1.464  -18.364 1.00 38.74 ? 345  ARG A CZ  1 
ATOM   97  N NH1 . ARG A 1 12 ? -7.559  -1.200  -19.634 1.00 41.88 ? 345  ARG A NH1 1 
ATOM   98  N NH2 . ARG A 1 12 ? -7.908  -2.450  -17.738 1.00 33.93 ? 345  ARG A NH2 1 
ATOM   99  N N   . ASP A 1 13 ? -0.749  3.723   -17.933 1.00 16.60 ? 346  ASP A N   1 
ATOM   100 C CA  . ASP A 1 13 ? 0.261   4.652   -18.460 1.00 17.38 ? 346  ASP A CA  1 
ATOM   101 C C   . ASP A 1 13 ? 1.293   4.895   -17.365 1.00 14.18 ? 346  ASP A C   1 
ATOM   102 O O   . ASP A 1 13 ? 1.011   4.669   -16.192 1.00 14.00 ? 346  ASP A O   1 
ATOM   103 C CB  . ASP A 1 13 ? -0.375  5.972   -18.955 1.00 19.09 ? 346  ASP A CB  1 
ATOM   104 C CG  . ASP A 1 13 ? -0.953  6.829   -17.834 1.00 19.81 ? 346  ASP A CG  1 
ATOM   105 O OD1 . ASP A 1 13 ? -0.214  7.666   -17.270 1.00 22.06 ? 346  ASP A OD1 1 
ATOM   106 O OD2 . ASP A 1 13 ? -2.175  6.712   -17.567 1.00 23.43 ? 346  ASP A OD2 1 
ATOM   107 N N   . SER A 1 14 ? 2.478   5.358   -17.734 1.00 13.19 ? 347  SER A N   1 
ATOM   108 C CA  . SER A 1 14 ? 3.575   5.542   -16.777 1.00 13.78 ? 347  SER A CA  1 
ATOM   109 C C   . SER A 1 14 ? 3.287   6.578   -15.698 1.00 11.76 ? 347  SER A C   1 
ATOM   110 O O   . SER A 1 14 ? 3.947   6.605   -14.654 1.00 14.54 ? 347  SER A O   1 
ATOM   111 C CB  . SER A 1 14 ? 4.886   5.883   -17.490 1.00 14.22 ? 347  SER A CB  1 
ATOM   112 O OG  . SER A 1 14 ? 4.798   7.130   -18.146 1.00 16.20 ? 347  SER A OG  1 
ATOM   113 N N   . GLY A 1 15 ? 2.321   7.454   -15.972 1.00 11.38 ? 348  GLY A N   1 
ATOM   114 C CA  . GLY A 1 15 ? 1.905   8.453   -15.011 1.00 10.63 ? 348  GLY A CA  1 
ATOM   115 C C   . GLY A 1 15 ? 0.644   8.136   -14.235 1.00 10.54 ? 348  GLY A C   1 
ATOM   116 O O   . GLY A 1 15 ? 0.179   9.000   -13.497 1.00 11.58 ? 348  GLY A O   1 
ATOM   117 N N   . GLU A 1 16 ? 0.088   6.934   -14.384 1.00 10.14 ? 349  GLU A N   1 
ATOM   118 C CA  . GLU A 1 16 ? -1.139  6.597   -13.666 1.00 10.90 ? 349  GLU A CA  1 
ATOM   119 C C   . GLU A 1 16 ? -0.866  6.468   -12.176 1.00 11.70 ? 349  GLU A C   1 
ATOM   120 O O   . GLU A 1 16 ? 0.121   5.875   -11.769 1.00 12.51 ? 349  GLU A O   1 
ATOM   121 C CB  . GLU A 1 16 ? -1.796  5.311   -14.173 1.00 11.37 ? 349  GLU A CB  1 
ATOM   122 C CG  . GLU A 1 16 ? -3.184  5.110   -13.542 1.00 13.41 ? 349  GLU A CG  1 
ATOM   123 C CD  . GLU A 1 16 ? -3.995  3.972   -14.117 1.00 14.39 ? 349  GLU A CD  1 
ATOM   124 O OE1 . GLU A 1 16 ? -3.442  3.096   -14.807 1.00 17.24 ? 349  GLU A OE1 1 
ATOM   125 O OE2 . GLU A 1 16 ? -5.217  3.938   -13.834 1.00 19.88 ? 349  GLU A OE2 1 
ATOM   126 N N   . GLN A 1 17 ? -1.749  7.024   -11.348 1.00 13.12 ? 350  GLN A N   1 
ATOM   127 C CA  . GLN A 1 17 ? -1.594  6.847   -9.913  1.00 13.43 ? 350  GLN A CA  1 
ATOM   128 C C   . GLN A 1 17 ? -2.224  5.524   -9.502  1.00 9.97  ? 350  GLN A C   1 
ATOM   129 O O   . GLN A 1 17 ? -3.013  4.925   -10.234 1.00 11.21 ? 350  GLN A O   1 
ATOM   130 C CB  . GLN A 1 17 ? -2.204  7.998   -9.134  1.00 17.00 ? 350  GLN A CB  1 
ATOM   131 C CG  A GLN A 1 17 ? -1.400  9.281   -9.242  0.50 13.19 ? 350  GLN A CG  1 
ATOM   132 C CD  A GLN A 1 17 ? -2.198  10.477  -8.789  0.50 12.56 ? 350  GLN A CD  1 
ATOM   133 O OE1 A GLN A 1 17 ? -3.325  10.704  -9.268  0.50 18.97 ? 350  GLN A OE1 1 
ATOM   134 N NE2 A GLN A 1 17 ? -1.634  11.253  -7.865  0.50 15.21 ? 350  GLN A NE2 1 
ATOM   135 N N   . LEU A 1 18 ? -1.863  5.067   -8.321  1.00 9.09  ? 351  LEU A N   1 
ATOM   136 C CA  . LEU A 1 18 ? -2.405  3.832   -7.785  1.00 7.79  ? 351  LEU A CA  1 
ATOM   137 C C   . LEU A 1 18 ? -3.738  4.055   -7.114  1.00 6.95  ? 351  LEU A C   1 
ATOM   138 O O   . LEU A 1 18 ? -4.510  3.108   -6.966  1.00 7.83  ? 351  LEU A O   1 
ATOM   139 C CB  . LEU A 1 18 ? -1.444  3.223   -6.783  1.00 10.03 ? 351  LEU A CB  1 
ATOM   140 C CG  . LEU A 1 18 ? -0.059  2.922   -7.363  1.00 13.65 ? 351  LEU A CG  1 
ATOM   141 C CD1 . LEU A 1 18 ? 0.795   2.199   -6.323  1.00 16.68 ? 351  LEU A CD1 1 
ATOM   142 C CD2 . LEU A 1 18 ? -0.178  2.111   -8.651  1.00 14.79 ? 351  LEU A CD2 1 
ATOM   143 N N   . GLY A 1 19 ? -4.020  5.281   -6.679  1.00 6.45  ? 352  GLY A N   1 
ATOM   144 C CA  . GLY A 1 19 ? -5.253  5.529   -5.932  1.00 5.80  ? 352  GLY A CA  1 
ATOM   145 C C   . GLY A 1 19 ? -5.189  5.126   -4.473  1.00 5.53  ? 352  GLY A C   1 
ATOM   146 O O   . GLY A 1 19 ? -6.129  4.545   -3.940  1.00 6.57  ? 352  GLY A O   1 
ATOM   147 N N   . ILE A 1 20 ? -4.074  5.457   -3.822  1.00 6.22  ? 353  ILE A N   1 
ATOM   148 C CA  . ILE A 1 20 ? -3.813  5.077   -2.432  1.00 6.82  ? 353  ILE A CA  1 
ATOM   149 C C   . ILE A 1 20 ? -3.369  6.318   -1.673  1.00 6.99  ? 353  ILE A C   1 
ATOM   150 O O   . ILE A 1 20 ? -2.519  7.050   -2.141  1.00 9.28  ? 353  ILE A O   1 
ATOM   151 C CB  . ILE A 1 20 ? -2.683  3.986   -2.334  1.00 8.22  ? 353  ILE A CB  1 
ATOM   152 C CG1 . ILE A 1 20 ? -3.000  2.745   -3.169  1.00 9.99  ? 353  ILE A CG1 1 
ATOM   153 C CG2 . ILE A 1 20 ? -2.429  3.617   -0.872  1.00 12.01 ? 353  ILE A CG2 1 
ATOM   154 C CD1 . ILE A 1 20 ? -1.814  1.804   -3.360  1.00 13.13 ? 353  ILE A CD1 1 
ATOM   155 N N   . LYS A 1 21 ? -3.972  6.549   -0.520  1.00 7.07  ? 354  LYS A N   1 
ATOM   156 C CA  . LYS A 1 21 ? -3.505  7.551   0.414   1.00 6.19  ? 354  LYS A CA  1 
ATOM   157 C C   . LYS A 1 21 ? -2.579  6.893   1.434   1.00 8.23  ? 354  LYS A C   1 
ATOM   158 O O   . LYS A 1 21 ? -3.003  6.042   2.208   1.00 8.25  ? 354  LYS A O   1 
ATOM   159 C CB  . LYS A 1 21 ? -4.680  8.224   1.116   1.00 8.22  ? 354  LYS A CB  1 
ATOM   160 C CG  . LYS A 1 21 ? -5.738  8.766   0.181   1.00 15.14 ? 354  LYS A CG  1 
ATOM   161 C CD  . LYS A 1 21 ? -6.709  9.700   0.902   1.00 20.17 ? 354  LYS A CD  1 
ATOM   162 C CE  . LYS A 1 21 ? -7.984  9.951   0.098   1.00 17.14 ? 354  LYS A CE  1 
ATOM   163 N NZ  . LYS A 1 21 ? -9.023  10.681  0.874   1.00 23.82 ? 354  LYS A NZ  1 
ATOM   164 N N   . LEU A 1 22 ? -1.304  7.271   1.396   1.00 6.53  ? 355  LEU A N   1 
ATOM   165 C CA  . LEU A 1 22 ? -0.281  6.693   2.265   1.00 7.05  ? 355  LEU A CA  1 
ATOM   166 C C   . LEU A 1 22 ? 0.073   7.673   3.368   1.00 6.95  ? 355  LEU A C   1 
ATOM   167 O O   . LEU A 1 22 ? 0.251   8.848   3.109   1.00 8.65  ? 355  LEU A O   1 
ATOM   168 C CB  . LEU A 1 22 ? 0.980   6.324   1.477   1.00 9.04  ? 355  LEU A CB  1 
ATOM   169 C CG  . LEU A 1 22 ? 0.924   5.180   0.479   1.00 11.98 ? 355  LEU A CG  1 
ATOM   170 C CD1 . LEU A 1 22 ? 2.297   4.999   -0.182  1.00 16.38 ? 355  LEU A CD1 1 
ATOM   171 C CD2 . LEU A 1 22 ? 0.483   3.914   1.163   1.00 12.08 ? 355  LEU A CD2 1 
ATOM   172 N N   . VAL A 1 23 ? 0.222   7.160   4.580   1.00 6.35  ? 356  VAL A N   1 
ATOM   173 C CA  . VAL A 1 23 ? 0.524   7.972   5.741   1.00 6.35  ? 356  VAL A CA  1 
ATOM   174 C C   . VAL A 1 23 ? 1.583   7.362   6.636   1.00 6.32  ? 356  VAL A C   1 
ATOM   175 O O   . VAL A 1 23 ? 1.797   6.156   6.661   1.00 7.02  ? 356  VAL A O   1 
ATOM   176 C CB  . VAL A 1 23 ? -0.746  8.227   6.612   1.00 7.14  ? 356  VAL A CB  1 
ATOM   177 C CG1 . VAL A 1 23 ? -1.815  8.969   5.794   1.00 10.40 ? 356  VAL A CG1 1 
ATOM   178 C CG2 . VAL A 1 23 ? -1.296  6.959   7.249   1.00 8.76  ? 356  VAL A CG2 1 
ATOM   179 N N   . ARG A 1 24 ? 2.252   8.234   7.370   1.00 6.06  ? 357  ARG A N   1 
ATOM   180 C CA  . ARG A 1 24 ? 3.032   7.840   8.528   1.00 6.42  ? 357  ARG A CA  1 
ATOM   181 C C   . ARG A 1 24 ? 2.159   7.941   9.768   1.00 7.93  ? 357  ARG A C   1 
ATOM   182 O O   . ARG A 1 24 ? 1.162   8.665   9.787   1.00 10.12 ? 357  ARG A O   1 
ATOM   183 C CB  . ARG A 1 24 ? 4.287   8.701   8.664   1.00 7.91  ? 357  ARG A CB  1 
ATOM   184 C CG  . ARG A 1 24 ? 4.057   10.157  9.048   1.00 8.11  ? 357  ARG A CG  1 
ATOM   185 C CD  . ARG A 1 24 ? 5.316   10.955  8.784   1.00 11.78 ? 357  ARG A CD  1 
ATOM   186 N NE  . ARG A 1 24 ? 5.161   12.326  9.254   1.00 11.84 ? 357  ARG A NE  1 
ATOM   187 C CZ  . ARG A 1 24 ? 5.905   13.353  8.851   1.00 13.32 ? 357  ARG A CZ  1 
ATOM   188 N NH1 . ARG A 1 24 ? 6.880   13.193  7.979   1.00 13.58 ? 357  ARG A NH1 1 
ATOM   189 N NH2 . ARG A 1 24 ? 5.663   14.560  9.338   1.00 15.33 ? 357  ARG A NH2 1 
ATOM   190 N N   . ARG A 1 25 ? 2.558   7.222   10.812  1.00 7.87  ? 358  ARG A N   1 
ATOM   191 C CA  . ARG A 1 25 ? 1.820   7.230   12.079  1.00 10.55 ? 358  ARG A CA  1 
ATOM   192 C C   . ARG A 1 25 ? 2.663   7.751   13.194  1.00 12.37 ? 358  ARG A C   1 
ATOM   193 O O   . ARG A 1 25 ? 3.867   7.568   13.194  1.00 12.41 ? 358  ARG A O   1 
ATOM   194 C CB  . ARG A 1 25 ? 1.390   5.828   12.450  1.00 11.13 ? 358  ARG A CB  1 
ATOM   195 C CG  . ARG A 1 25 ? 0.268   5.374   11.602  1.00 14.31 ? 358  ARG A CG  1 
ATOM   196 C CD  . ARG A 1 25 ? -0.204  4.030   12.009  1.00 14.64 ? 358  ARG A CD  1 
ATOM   197 N NE  . ARG A 1 25 ? -1.333  3.654   11.186  1.00 20.85 ? 358  ARG A NE  1 
ATOM   198 C CZ  . ARG A 1 25 ? -1.962  2.488   11.261  1.00 21.75 ? 358  ARG A CZ  1 
ATOM   199 N NH1 . ARG A 1 25 ? -1.594  1.569   12.145  1.00 26.11 ? 358  ARG A NH1 1 
ATOM   200 N NH2 . ARG A 1 25 ? -2.973  2.241   10.440  1.00 19.78 ? 358  ARG A NH2 1 
ATOM   201 N N   . THR A 1 26 ? 1.998   8.362   14.168  1.00 13.46 ? 359  THR A N   1 
ATOM   202 C CA  . THR A 1 26 ? 2.672   9.030   15.276  1.00 16.07 ? 359  THR A CA  1 
ATOM   203 C C   . THR A 1 26 ? 3.083   8.103   16.416  1.00 14.82 ? 359  THR A C   1 
ATOM   204 O O   . THR A 1 26 ? 3.796   8.539   17.309  1.00 19.95 ? 359  THR A O   1 
ATOM   205 C CB  . THR A 1 26 ? 1.793   10.151  15.854  1.00 15.98 ? 359  THR A CB  1 
ATOM   206 O OG1 . THR A 1 26 ? 0.507   9.605   16.171  1.00 20.67 ? 359  THR A OG1 1 
ATOM   207 C CG2 . THR A 1 26 ? 1.626   11.245  14.818  1.00 18.95 ? 359  THR A CG2 1 
ATOM   208 N N   . ASP A 1 27 ? 2.681   6.837   16.375  1.00 16.37 ? 360  ASP A N   1 
ATOM   209 C CA  . ASP A 1 27 ? 2.922   5.929   17.492  1.00 18.65 ? 360  ASP A CA  1 
ATOM   210 C C   . ASP A 1 27 ? 3.524   4.587   17.085  1.00 17.69 ? 360  ASP A C   1 
ATOM   211 O O   . ASP A 1 27 ? 3.670   3.700   17.919  1.00 20.53 ? 360  ASP A O   1 
ATOM   212 C CB  . ASP A 1 27 ? 1.618   5.693   18.246  1.00 23.44 ? 360  ASP A CB  1 
ATOM   213 C CG  . ASP A 1 27 ? 0.522   5.107   17.361  1.00 31.95 ? 360  ASP A CG  1 
ATOM   214 O OD1 . ASP A 1 27 ? 0.741   4.936   16.134  1.00 29.18 ? 360  ASP A OD1 1 
ATOM   215 O OD2 . ASP A 1 27 ? -0.570  4.827   17.896  1.00 45.79 ? 360  ASP A OD2 1 
ATOM   216 N N   . GLU A 1 28 ? 3.866   4.420   15.811  1.00 15.18 ? 361  GLU A N   1 
ATOM   217 C CA  . GLU A 1 28 ? 4.502   3.196   15.344  1.00 15.75 ? 361  GLU A CA  1 
ATOM   218 C C   . GLU A 1 28 ? 5.163   3.456   13.997  1.00 13.50 ? 361  GLU A C   1 
ATOM   219 O O   . GLU A 1 28 ? 4.741   4.332   13.238  1.00 11.92 ? 361  GLU A O   1 
ATOM   220 C CB  . GLU A 1 28 ? 3.477   2.058   15.216  1.00 17.87 ? 361  GLU A CB  1 
ATOM   221 C CG  . GLU A 1 28 ? 2.401   2.279   14.163  1.00 15.99 ? 361  GLU A CG  1 
ATOM   222 C CD  . GLU A 1 28 ? 1.411   1.119   14.086  1.00 17.81 ? 361  GLU A CD  1 
ATOM   223 O OE1 . GLU A 1 28 ? 1.860   -0.023  13.897  1.00 25.99 ? 361  GLU A OE1 1 
ATOM   224 O OE2 . GLU A 1 28 ? 0.201   1.357   14.221  1.00 32.00 ? 361  GLU A OE2 1 
ATOM   225 N N   . PRO A 1 29 ? 6.201   2.689   13.693  1.00 11.31 ? 362  PRO A N   1 
ATOM   226 C CA  . PRO A 1 29 ? 6.925   2.894   12.456  1.00 9.48  ? 362  PRO A CA  1 
ATOM   227 C C   . PRO A 1 29 ? 6.177   2.304   11.277  1.00 10.21 ? 362  PRO A C   1 
ATOM   228 O O   . PRO A 1 29 ? 5.297   1.446   11.456  1.00 10.48 ? 362  PRO A O   1 
ATOM   229 C CB  . PRO A 1 29 ? 8.229   2.143   12.691  1.00 13.51 ? 362  PRO A CB  1 
ATOM   230 C CG  . PRO A 1 29 ? 7.822   1.017   13.598  1.00 13.32 ? 362  PRO A CG  1 
ATOM   231 C CD  . PRO A 1 29 ? 6.773   1.595   14.499  1.00 13.95 ? 362  PRO A CD  1 
ATOM   232 N N   . GLY A 1 30 ? 6.528   2.760   10.079  1.00 8.28  ? 363  GLY A N   1 
ATOM   233 C CA  . GLY A 1 30 ? 5.978   2.182   8.872   1.00 8.52  ? 363  GLY A CA  1 
ATOM   234 C C   . GLY A 1 30 ? 5.212   3.162   8.001   1.00 7.13  ? 363  GLY A C   1 
ATOM   235 O O   . GLY A 1 30 ? 4.951   4.306   8.395   1.00 7.59  ? 363  GLY A O   1 
ATOM   236 N N   . VAL A 1 31 ? 4.848   2.680   6.816   1.00 6.41  ? 364  VAL A N   1 
ATOM   237 C CA  . VAL A 1 31 ? 4.026   3.409   5.874   1.00 6.55  ? 364  VAL A CA  1 
ATOM   238 C C   . VAL A 1 31 ? 2.711   2.653   5.789   1.00 5.36  ? 364  VAL A C   1 
ATOM   239 O O   . VAL A 1 31 ? 2.699   1.430   5.596   1.00 6.15  ? 364  VAL A O   1 
ATOM   240 C CB  . VAL A 1 31 ? 4.715   3.441   4.485   1.00 9.09  ? 364  VAL A CB  1 
ATOM   241 C CG1 . VAL A 1 31 ? 3.880   4.170   3.500   1.00 11.32 ? 364  VAL A CG1 1 
ATOM   242 C CG2 . VAL A 1 31 ? 6.101   4.048   4.595   1.00 12.01 ? 364  VAL A CG2 1 
ATOM   243 N N   . PHE A 1 32 ? 1.604   3.374   5.926   1.00 5.13  ? 365  PHE A N   1 
ATOM   244 C CA  . PHE A 1 32 ? 0.284   2.763   6.055   1.00 6.39  ? 365  PHE A CA  1 
ATOM   245 C C   . PHE A 1 32 ? -0.678  3.313   5.048   1.00 6.13  ? 365  PHE A C   1 
ATOM   246 O O   . PHE A 1 32 ? -0.628  4.494   4.684   1.00 8.29  ? 365  PHE A O   1 
ATOM   247 C CB  . PHE A 1 32 ? -0.279  2.980   7.473   1.00 6.64  ? 365  PHE A CB  1 
ATOM   248 C CG  . PHE A 1 32 ? 0.566   2.345   8.533   1.00 6.56  ? 365  PHE A CG  1 
ATOM   249 C CD1 . PHE A 1 32 ? 0.305   1.084   8.980   1.00 6.87  ? 365  PHE A CD1 1 
ATOM   250 C CD2 . PHE A 1 32 ? 1.642   3.025   9.069   1.00 6.58  ? 365  PHE A CD2 1 
ATOM   251 C CE1 . PHE A 1 32 ? 1.110   0.495   9.938   1.00 8.33  ? 365  PHE A CE1 1 
ATOM   252 C CE2 . PHE A 1 32 ? 2.435   2.439   10.027  1.00 8.36  ? 365  PHE A CE2 1 
ATOM   253 C CZ  . PHE A 1 32 ? 2.156   1.175   10.452  1.00 8.49  ? 365  PHE A CZ  1 
ATOM   254 N N   . ILE A 1 33 ? -1.601  2.461   4.617   1.00 5.72  ? 366  ILE A N   1 
ATOM   255 C CA  . ILE A 1 33 ? -2.713  2.915   3.793   1.00 5.98  ? 366  ILE A CA  1 
ATOM   256 C C   . ILE A 1 33 ? -3.766  3.526   4.706   1.00 7.53  ? 366  ILE A C   1 
ATOM   257 O O   . ILE A 1 33 ? -4.269  2.871   5.619   1.00 8.02  ? 366  ILE A O   1 
ATOM   258 C CB  . ILE A 1 33 ? -3.328  1.750   2.998   1.00 6.56  ? 366  ILE A CB  1 
ATOM   259 C CG1 . ILE A 1 33 ? -2.260  1.162   2.092   1.00 7.81  ? 366  ILE A CG1 1 
ATOM   260 C CG2 . ILE A 1 33 ? -4.533  2.198   2.169   1.00 8.37  ? 366  ILE A CG2 1 
ATOM   261 C CD1 . ILE A 1 33 ? -2.728  0.071   1.169   1.00 9.96  ? 366  ILE A CD1 1 
ATOM   262 N N   . LEU A 1 34 ? -4.125  4.784   4.455   1.00 6.69  ? 367  LEU A N   1 
ATOM   263 C CA  . LEU A 1 34 ? -5.215  5.405   5.174   1.00 9.23  ? 367  LEU A CA  1 
ATOM   264 C C   . LEU A 1 34 ? -6.542  4.994   4.529   1.00 8.28  ? 367  LEU A C   1 
ATOM   265 O O   . LEU A 1 34 ? -7.480  4.590   5.219   1.00 9.20  ? 367  LEU A O   1 
ATOM   266 C CB  . LEU A 1 34 ? -5.038  6.914   5.193   1.00 9.63  ? 367  LEU A CB  1 
ATOM   267 C CG  . LEU A 1 34 ? -6.071  7.693   6.004   1.00 10.85 ? 367  LEU A CG  1 
ATOM   268 C CD1 . LEU A 1 34 ? -5.856  7.440   7.495   1.00 13.84 ? 367  LEU A CD1 1 
ATOM   269 C CD2 . LEU A 1 34 ? -5.968  9.187   5.680   1.00 17.22 ? 367  LEU A CD2 1 
ATOM   270 N N   . ASP A 1 35 ? -6.617  5.134   3.207   1.00 8.00  ? 368  ASP A N   1 
ATOM   271 C CA  . ASP A 1 35 ? -7.798  4.750   2.440   1.00 8.97  ? 368  ASP A CA  1 
ATOM   272 C C   . ASP A 1 35 ? -7.402  4.729   0.967   1.00 7.38  ? 368  ASP A C   1 
ATOM   273 O O   . ASP A 1 35 ? -6.288  5.081   0.614   1.00 7.85  ? 368  ASP A O   1 
ATOM   274 C CB  . ASP A 1 35 ? -8.962  5.703   2.710   1.00 15.92 ? 368  ASP A CB  1 
ATOM   275 C CG  . ASP A 1 35 ? -8.620  7.108   2.385   1.00 18.18 ? 368  ASP A CG  1 
ATOM   276 O OD1 . ASP A 1 35 ? -8.317  7.354   1.217   1.00 27.37 ? 368  ASP A OD1 1 
ATOM   277 O OD2 . ASP A 1 35 ? -8.655  7.977   3.284   1.00 37.45 ? 368  ASP A OD2 1 
ATOM   278 N N   . LEU A 1 36 ? -8.329  4.274   0.139   1.00 9.96  ? 369  LEU A N   1 
ATOM   279 C CA  . LEU A 1 36 ? -8.179  4.216   -1.287  1.00 9.02  ? 369  LEU A CA  1 
ATOM   280 C C   . LEU A 1 36 ? -9.054  5.276   -1.937  1.00 10.85 ? 369  LEU A C   1 
ATOM   281 O O   . LEU A 1 36 ? -10.134 5.633   -1.415  1.00 16.71 ? 369  LEU A O   1 
ATOM   282 C CB  . LEU A 1 36 ? -8.582  2.839   -1.813  1.00 9.54  ? 369  LEU A CB  1 
ATOM   283 C CG  . LEU A 1 36 ? -7.899  1.632   -1.185  1.00 11.95 ? 369  LEU A CG  1 
ATOM   284 C CD1 . LEU A 1 36 ? -8.376  0.383   -1.939  1.00 12.55 ? 369  LEU A CD1 1 
ATOM   285 C CD2 . LEU A 1 36 ? -6.385  1.743   -1.215  1.00 10.74 ? 369  LEU A CD2 1 
ATOM   286 N N   . LEU A 1 37 ? -8.599  5.780   -3.071  1.00 10.18 ? 370  LEU A N   1 
ATOM   287 C CA  . LEU A 1 37 ? -9.356  6.755   -3.842  1.00 9.91  ? 370  LEU A CA  1 
ATOM   288 C C   . LEU A 1 37 ? -10.416 6.072   -4.700  1.00 9.77  ? 370  LEU A C   1 
ATOM   289 O O   . LEU A 1 37 ? -10.170 5.041   -5.316  1.00 9.19  ? 370  LEU A O   1 
ATOM   290 C CB  . LEU A 1 37 ? -8.443  7.562   -4.768  1.00 11.13 ? 370  LEU A CB  1 
ATOM   291 C CG  A LEU A 1 37 ? -7.317  8.397   -4.162  0.50 15.44 ? 370  LEU A CG  1 
ATOM   292 C CG  B LEU A 1 37 ? -7.433  8.536   -4.124  0.50 17.99 ? 370  LEU A CG  1 
ATOM   293 C CD1 A LEU A 1 37 ? -6.675  9.301   -5.218  0.50 17.87 ? 370  LEU A CD1 1 
ATOM   294 C CD1 B LEU A 1 37 ? -6.752  7.984   -2.870  0.50 15.38 ? 370  LEU A CD1 1 
ATOM   295 C CD2 A LEU A 1 37 ? -7.857  9.201   -3.027  0.50 17.28 ? 370  LEU A CD2 1 
ATOM   296 C CD2 B LEU A 1 37 ? -6.383  8.980   -5.147  0.50 22.58 ? 370  LEU A CD2 1 
ATOM   297 N N   . GLU A 1 38 ? -11.589 6.690   -4.768  1.00 12.24 ? 371  GLU A N   1 
ATOM   298 C CA  . GLU A 1 38 ? -12.696 6.208   -5.595  1.00 14.34 ? 371  GLU A CA  1 
ATOM   299 C C   . GLU A 1 38 ? -12.257 5.950   -7.024  1.00 13.82 ? 371  GLU A C   1 
ATOM   300 O O   . GLU A 1 38 ? -11.646 6.803   -7.640  1.00 14.65 ? 371  GLU A O   1 
ATOM   301 C CB  . GLU A 1 38 ? -13.818 7.269   -5.619  1.00 18.79 ? 371  GLU A CB  1 
ATOM   302 C CG  . GLU A 1 38 ? -15.101 6.788   -6.281  1.00 22.16 ? 371  GLU A CG  1 
ATOM   303 C CD  . GLU A 1 38 ? -16.213 7.805   -6.199  1.00 31.25 ? 371  GLU A CD  1 
ATOM   304 O OE1 . GLU A 1 38 ? -15.922 8.983   -5.914  1.00 23.39 ? 371  GLU A OE1 1 
ATOM   305 O OE2 . GLU A 1 38 ? -17.381 7.426   -6.426  1.00 44.28 ? 371  GLU A OE2 1 
ATOM   306 N N   . GLY A 1 39 ? -12.551 4.762   -7.539  1.00 11.43 ? 372  GLY A N   1 
ATOM   307 C CA  . GLY A 1 39 ? -12.312 4.458   -8.954  1.00 14.98 ? 372  GLY A CA  1 
ATOM   308 C C   . GLY A 1 39 ? -10.853 4.257   -9.350  1.00 12.08 ? 372  GLY A C   1 
ATOM   309 O O   . GLY A 1 39 ? -10.550 4.010   -10.521 1.00 13.34 ? 372  GLY A O   1 
ATOM   310 N N   . GLY A 1 40 ? -9.937  4.323   -8.389  1.00 9.86  ? 373  GLY A N   1 
ATOM   311 C CA  . GLY A 1 40 ? -8.538  4.162   -8.703  1.00 9.55  ? 373  GLY A CA  1 
ATOM   312 C C   . GLY A 1 40 ? -8.168  2.710   -8.903  1.00 7.46  ? 373  GLY A C   1 
ATOM   313 O O   . GLY A 1 40 ? -8.968  1.807   -8.636  1.00 7.40  ? 373  GLY A O   1 
ATOM   314 N N   . LEU A 1 41 ? -6.933  2.476   -9.332  1.00 7.62  ? 374  LEU A N   1 
ATOM   315 C CA  . LEU A 1 41 ? -6.472  1.110   -9.579  1.00 8.00  ? 374  LEU A CA  1 
ATOM   316 C C   . LEU A 1 41 ? -6.618  0.249   -8.357  1.00 6.30  ? 374  LEU A C   1 
ATOM   317 O O   . LEU A 1 41 ? -7.008  -0.916  -8.455  1.00 6.05  ? 374  LEU A O   1 
ATOM   318 C CB  . LEU A 1 41 ? -4.991  1.095   -9.974  1.00 10.73 ? 374  LEU A CB  1 
ATOM   319 C CG  . LEU A 1 41 ? -4.587  1.400   -11.396 1.00 14.71 ? 374  LEU A CG  1 
ATOM   320 C CD1 . LEU A 1 41 ? -3.079  1.328   -11.437 1.00 13.54 ? 374  LEU A CD1 1 
ATOM   321 C CD2 . LEU A 1 41 ? -5.225  0.405   -12.350 1.00 13.69 ? 374  LEU A CD2 1 
ATOM   322 N N   . ALA A 1 42 ? -6.231  0.782   -7.201  1.00 6.10  ? 375  ALA A N   1 
ATOM   323 C CA  . ALA A 1 42 ? -6.265  -0.016  -5.977  1.00 5.50  ? 375  ALA A CA  1 
ATOM   324 C C   . ALA A 1 42 ? -7.687  -0.404  -5.595  1.00 6.00  ? 375  ALA A C   1 
ATOM   325 O O   . ALA A 1 42 ? -7.954  -1.544  -5.233  1.00 5.85  ? 375  ALA A O   1 
ATOM   326 C CB  . ALA A 1 42 ? -5.563  0.709   -4.846  1.00 6.62  ? 375  ALA A CB  1 
ATOM   327 N N   . ALA A 1 43 ? -8.606  0.550   -5.702  1.00 5.17  ? 376  ALA A N   1 
ATOM   328 C CA  . ALA A 1 43 ? -10.004 0.291   -5.413  1.00 5.95  ? 376  ALA A CA  1 
ATOM   329 C C   . ALA A 1 43 ? -10.583 -0.726  -6.395  1.00 6.68  ? 376  ALA A C   1 
ATOM   330 O O   . ALA A 1 43 ? -11.330 -1.610  -6.004  1.00 7.67  ? 376  ALA A O   1 
ATOM   331 C CB  . ALA A 1 43 ? -10.826 1.571   -5.432  1.00 8.50  ? 376  ALA A CB  1 
ATOM   332 N N   . GLN A 1 44 ? -10.245 -0.597  -7.674  1.00 6.75  ? 377  GLN A N   1 
ATOM   333 C CA  . GLN A 1 44 ? -10.719 -1.541  -8.666  1.00 5.96  ? 377  GLN A CA  1 
ATOM   334 C C   . GLN A 1 44 ? -10.223 -2.943  -8.380  1.00 5.84  ? 377  GLN A C   1 
ATOM   335 O O   . GLN A 1 44 ? -10.944 -3.931  -8.574  1.00 6.68  ? 377  GLN A O   1 
ATOM   336 C CB  . GLN A 1 44 ? -10.266 -1.139  -10.059 1.00 6.18  ? 377  GLN A CB  1 
ATOM   337 C CG  . GLN A 1 44 ? -10.992 0.103   -10.594 1.00 8.92  ? 377  GLN A CG  1 
ATOM   338 C CD  . GLN A 1 44 ? -10.483 0.485   -11.947 1.00 11.62 ? 377  GLN A CD  1 
ATOM   339 O OE1 . GLN A 1 44 ? -10.498 -0.321  -12.881 1.00 14.68 ? 377  GLN A OE1 1 
ATOM   340 N NE2 . GLN A 1 44 ? -10.007 1.707   -12.062 1.00 14.96 ? 377  GLN A NE2 1 
ATOM   341 N N   . ASP A 1 45 ? -8.973  -3.045  -7.952  1.00 5.19  ? 378  ASP A N   1 
ATOM   342 C CA  . ASP A 1 45 ? -8.399  -4.330  -7.631  1.00 5.40  ? 378  ASP A CA  1 
ATOM   343 C C   . ASP A 1 45 ? -9.079  -4.966  -6.428  1.00 6.21  ? 378  ASP A C   1 
ATOM   344 O O   . ASP A 1 45 ? -9.287  -6.170  -6.422  1.00 7.92  ? 378  ASP A O   1 
ATOM   345 C CB  . ASP A 1 45 ? -6.882  -4.207  -7.411  1.00 5.38  ? 378  ASP A CB  1 
ATOM   346 C CG  . ASP A 1 45 ? -6.274  -5.472  -6.922  1.00 7.25  ? 378  ASP A CG  1 
ATOM   347 O OD1 . ASP A 1 45 ? -5.923  -6.331  -7.779  1.00 7.92  ? 378  ASP A OD1 1 
ATOM   348 O OD2 . ASP A 1 45 ? -6.164  -5.627  -5.674  1.00 7.45  ? 378  ASP A OD2 1 
ATOM   349 N N   . GLY A 1 46 ? -9.378  -4.159  -5.416  1.00 6.05  ? 379  GLY A N   1 
ATOM   350 C CA  . GLY A 1 46 ? -10.197 -4.559  -4.282  1.00 8.24  ? 379  GLY A CA  1 
ATOM   351 C C   . GLY A 1 46 ? -9.448  -5.022  -3.053  1.00 8.42  ? 379  GLY A C   1 
ATOM   352 O O   . GLY A 1 46 ? -9.992  -4.963  -1.952  1.00 12.24 ? 379  GLY A O   1 
ATOM   353 N N   . ARG A 1 47 ? -8.212  -5.496  -3.224  1.00 6.54  ? 380  ARG A N   1 
ATOM   354 C CA  . ARG A 1 47 ? -7.520  -6.167  -2.120  1.00 8.04  ? 380  ARG A CA  1 
ATOM   355 C C   . ARG A 1 47 ? -7.007  -5.238  -1.040  1.00 8.63  ? 380  ARG A C   1 
ATOM   356 O O   . ARG A 1 47 ? -7.156  -5.523  0.142   1.00 13.68 ? 380  ARG A O   1 
ATOM   357 C CB  . ARG A 1 47 ? -6.383  -7.027  -2.645  1.00 7.42  ? 380  ARG A CB  1 
ATOM   358 C CG  . ARG A 1 47 ? -6.883  -8.209  -3.425  1.00 9.19  ? 380  ARG A CG  1 
ATOM   359 C CD  . ARG A 1 47 ? -5.767  -9.013  -4.060  1.00 9.89  ? 380  ARG A CD  1 
ATOM   360 N NE  . ARG A 1 47 ? -5.198  -8.334  -5.207  1.00 8.34  ? 380  ARG A NE  1 
ATOM   361 C CZ  . ARG A 1 47 ? -4.206  -8.809  -5.945  1.00 7.37  ? 380  ARG A CZ  1 
ATOM   362 N NH1 . ARG A 1 47 ? -3.633  -9.961  -5.638  1.00 10.70 ? 380  ARG A NH1 1 
ATOM   363 N NH2 . ARG A 1 47 ? -3.765  -8.131  -6.975  1.00 8.55  ? 380  ARG A NH2 1 
ATOM   364 N N   . LEU A 1 48 ? -6.364  -4.157  -1.431  1.00 7.63  ? 381  LEU A N   1 
ATOM   365 C CA  . LEU A 1 48 ? -5.773  -3.267  -0.458  1.00 7.29  ? 381  LEU A CA  1 
ATOM   366 C C   . LEU A 1 48 ? -6.834  -2.628  0.412   1.00 9.21  ? 381  LEU A C   1 
ATOM   367 O O   . LEU A 1 48 ? -7.991  -2.485  -0.001  1.00 11.25 ? 381  LEU A O   1 
ATOM   368 C CB  . LEU A 1 48 ? -4.924  -2.205  -1.141  1.00 7.30  ? 381  LEU A CB  1 
ATOM   369 C CG  . LEU A 1 48 ? -3.675  -2.733  -1.870  1.00 8.01  ? 381  LEU A CG  1 
ATOM   370 C CD1 . LEU A 1 48 ? -3.082  -1.644  -2.719  1.00 10.86 ? 381  LEU A CD1 1 
ATOM   371 C CD2 . LEU A 1 48 ? -2.628  -3.280  -0.905  1.00 9.67  ? 381  LEU A CD2 1 
ATOM   372 N N   . SER A 1 49 ? -6.434  -2.256  1.627   1.00 7.94  ? 382  SER A N   1 
ATOM   373 C CA  . SER A 1 49 ? -7.362  -1.784  2.630   1.00 8.89  ? 382  SER A CA  1 
ATOM   374 C C   . SER A 1 49 ? -6.749  -0.772  3.573   1.00 7.68  ? 382  SER A C   1 
ATOM   375 O O   . SER A 1 49 ? -5.578  -0.823  3.859   1.00 7.74  ? 382  SER A O   1 
ATOM   376 C CB  . SER A 1 49 ? -7.829  -2.985  3.449   1.00 10.93 ? 382  SER A CB  1 
ATOM   377 O OG  . SER A 1 49 ? -8.883  -2.609  4.318   1.00 14.79 ? 382  SER A OG  1 
ATOM   378 N N   . SER A 1 50 ? -7.603  0.072   4.132   1.00 7.02  ? 383  SER A N   1 
ATOM   379 C CA  . SER A 1 50 ? -7.240  0.933   5.240   1.00 7.93  ? 383  SER A CA  1 
ATOM   380 C C   . SER A 1 50 ? -6.556  0.106   6.316   1.00 6.25  ? 383  SER A C   1 
ATOM   381 O O   . SER A 1 50 ? -6.997  -1.006  6.636   1.00 8.15  ? 383  SER A O   1 
ATOM   382 C CB  A SER A 1 50 ? -8.516  1.598   5.780   0.50 7.51  ? 383  SER A CB  1 
ATOM   383 C CB  B SER A 1 50 ? -8.473  1.623   5.832   0.50 7.96  ? 383  SER A CB  1 
ATOM   384 O OG  A SER A 1 50 ? -8.260  2.531   6.801   0.50 6.38  ? 383  SER A OG  1 
ATOM   385 O OG  B SER A 1 50 ? -9.367  0.666   6.376   0.50 13.69 ? 383  SER A OG  1 
ATOM   386 N N   . ASN A 1 51 ? -5.463  0.668   6.847   1.00 5.84  ? 384  ASN A N   1 
ATOM   387 C CA  . ASN A 1 51 ? -4.654  0.095   7.924   1.00 6.94  ? 384  ASN A CA  1 
ATOM   388 C C   . ASN A 1 51 ? -3.622  -0.925  7.491   1.00 6.49  ? 384  ASN A C   1 
ATOM   389 O O   . ASN A 1 51 ? -2.835  -1.372  8.319   1.00 8.19  ? 384  ASN A O   1 
ATOM   390 C CB  . ASN A 1 51 ? -5.518  -0.373  9.095   1.00 8.16  ? 384  ASN A CB  1 
ATOM   391 C CG  . ASN A 1 51 ? -6.231  0.776   9.732   1.00 9.85  ? 384  ASN A CG  1 
ATOM   392 O OD1 . ASN A 1 51 ? -5.597  1.644   10.332  1.00 12.30 ? 384  ASN A OD1 1 
ATOM   393 N ND2 . ASN A 1 51 ? -7.536  0.824   9.581   1.00 9.84  ? 384  ASN A ND2 1 
ATOM   394 N N   . ASP A 1 52 ? -3.571  -1.245  6.202   1.00 6.15  ? 385  ASP A N   1 
ATOM   395 C CA  . ASP A 1 52 ? -2.531  -2.104  5.698   1.00 5.99  ? 385  ASP A CA  1 
ATOM   396 C C   . ASP A 1 52 ? -1.203  -1.373  5.844   1.00 6.29  ? 385  ASP A C   1 
ATOM   397 O O   . ASP A 1 52 ? -1.094  -0.176  5.544   1.00 6.95  ? 385  ASP A O   1 
ATOM   398 C CB  . ASP A 1 52 ? -2.768  -2.417  4.220   1.00 6.83  ? 385  ASP A CB  1 
ATOM   399 C CG  . ASP A 1 52 ? -3.833  -3.464  3.981   1.00 8.10  ? 385  ASP A CG  1 
ATOM   400 O OD1 . ASP A 1 52 ? -4.302  -4.107  4.941   1.00 8.15  ? 385  ASP A OD1 1 
ATOM   401 O OD2 . ASP A 1 52 ? -4.167  -3.667  2.793   1.00 8.89  ? 385  ASP A OD2 1 
ATOM   402 N N   . ARG A 1 53 ? -0.184  -2.106  6.250   1.00 5.25  ? 386  ARG A N   1 
ATOM   403 C CA  . ARG A 1 53 ? 1.169   -1.600  6.316   1.00 4.99  ? 386  ARG A CA  1 
ATOM   404 C C   . ARG A 1 53 ? 1.907   -2.049  5.055   1.00 4.96  ? 386  ARG A C   1 
ATOM   405 O O   . ARG A 1 53 ? 1.907   -3.218  4.714   1.00 6.86  ? 386  ARG A O   1 
ATOM   406 C CB  . ARG A 1 53 ? 1.899   -2.128  7.542   1.00 6.14  ? 386  ARG A CB  1 
ATOM   407 C CG  . ARG A 1 53 ? 3.286   -1.578  7.651   1.00 7.50  ? 386  ARG A CG  1 
ATOM   408 C CD  . ARG A 1 53 ? 4.001   -2.113  8.829   1.00 8.27  ? 386  ARG A CD  1 
ATOM   409 N NE  . ARG A 1 53 ? 5.350   -1.570  8.983   1.00 8.88  ? 386  ARG A NE  1 
ATOM   410 C CZ  . ARG A 1 53 ? 6.088   -1.865  10.035  1.00 11.23 ? 386  ARG A CZ  1 
ATOM   411 N NH1 . ARG A 1 53 ? 5.595   -2.680  10.959  1.00 16.53 ? 386  ARG A NH1 1 
ATOM   412 N NH2 . ARG A 1 53 ? 7.284   -1.351  10.186  1.00 13.37 ? 386  ARG A NH2 1 
ATOM   413 N N   . VAL A 1 54 ? 2.508   -1.100  4.340   1.00 5.73  ? 387  VAL A N   1 
ATOM   414 C CA  . VAL A 1 54 ? 3.272   -1.416  3.138   1.00 6.02  ? 387  VAL A CA  1 
ATOM   415 C C   . VAL A 1 54 ? 4.702   -1.778  3.544   1.00 5.20  ? 387  VAL A C   1 
ATOM   416 O O   . VAL A 1 54 ? 5.458   -0.925  3.986   1.00 6.89  ? 387  VAL A O   1 
ATOM   417 C CB  . VAL A 1 54 ? 3.266   -0.240  2.120   1.00 6.77  ? 387  VAL A CB  1 
ATOM   418 C CG1 . VAL A 1 54 ? 4.032   -0.649  0.864   1.00 7.75  ? 387  VAL A CG1 1 
ATOM   419 C CG2 . VAL A 1 54 ? 1.831   0.189   1.752   1.00 9.25  ? 387  VAL A CG2 1 
ATOM   420 N N   . LEU A 1 55 ? 5.039   -3.058  3.432   1.00 4.90  ? 388  LEU A N   1 
ATOM   421 C CA  . LEU A 1 55 ? 6.356   -3.557  3.793   1.00 5.97  ? 388  LEU A CA  1 
ATOM   422 C C   . LEU A 1 55 ? 7.381   -3.368  2.675   1.00 5.73  ? 388  LEU A C   1 
ATOM   423 O O   . LEU A 1 55 ? 8.556   -3.212  2.968   1.00 6.02  ? 388  LEU A O   1 
ATOM   424 C CB  . LEU A 1 55 ? 6.283   -5.039  4.157   1.00 6.50  ? 388  LEU A CB  1 
ATOM   425 C CG  . LEU A 1 55 ? 5.436   -5.382  5.370   1.00 7.90  ? 388  LEU A CG  1 
ATOM   426 C CD1 . LEU A 1 55 ? 5.409   -6.905  5.518   1.00 10.54 ? 388  LEU A CD1 1 
ATOM   427 C CD2 . LEU A 1 55 ? 5.955   -4.720  6.633   1.00 12.65 ? 388  LEU A CD2 1 
ATOM   428 N N   . ALA A 1 56 ? 6.944   -3.397  1.418   1.00 4.96  ? 389  ALA A N   1 
ATOM   429 C CA  . ALA A 1 56 ? 7.836   -3.280  0.287   1.00 5.86  ? 389  ALA A CA  1 
ATOM   430 C C   . ALA A 1 56 ? 7.003   -2.953  -0.936  1.00 4.94  ? 389  ALA A C   1 
ATOM   431 O O   . ALA A 1 56 ? 5.815   -3.286  -0.998  1.00 5.30  ? 389  ALA A O   1 
ATOM   432 C CB  . ALA A 1 56 ? 8.610   -4.594  0.041   1.00 7.39  ? 389  ALA A CB  1 
ATOM   433 N N   . ILE A 1 57 ? 7.634   -2.307  -1.907  1.00 4.78  ? 390  ILE A N   1 
ATOM   434 C CA  . ILE A 1 57 ? 7.062   -2.082  -3.233  1.00 5.74  ? 390  ILE A CA  1 
ATOM   435 C C   . ILE A 1 57 ? 8.126   -2.469  -4.250  1.00 5.48  ? 390  ILE A C   1 
ATOM   436 O O   . ILE A 1 57 ? 9.255   -1.985  -4.200  1.00 5.95  ? 390  ILE A O   1 
ATOM   437 C CB  . ILE A 1 57 ? 6.620   -0.622  -3.463  1.00 7.45  ? 390  ILE A CB  1 
ATOM   438 C CG1 . ILE A 1 57 ? 5.476   -0.254  -2.520  1.00 8.31  ? 390  ILE A CG1 1 
ATOM   439 C CG2 . ILE A 1 57 ? 6.124   -0.421  -4.867  1.00 7.99  ? 390  ILE A CG2 1 
ATOM   440 C CD1 . ILE A 1 57 ? 4.996   1.192   -2.610  1.00 11.74 ? 390  ILE A CD1 1 
ATOM   441 N N   . ASN A 1 58 ? 7.785   -3.418  -5.121  1.00 5.37  ? 391  ASN A N   1 
ATOM   442 C CA  . ASN A 1 58 ? 8.694   -3.855  -6.181  1.00 5.56  ? 391  ASN A CA  1 
ATOM   443 C C   . ASN A 1 58 ? 10.037  -4.319  -5.636  1.00 5.61  ? 391  ASN A C   1 
ATOM   444 O O   . ASN A 1 58 ? 11.076  -4.107  -6.240  1.00 6.22  ? 391  ASN A O   1 
ATOM   445 C CB  . ASN A 1 58 ? 8.849   -2.759  -7.241  1.00 6.55  ? 391  ASN A CB  1 
ATOM   446 C CG  . ASN A 1 58 ? 7.626   -2.626  -8.108  1.00 5.43  ? 391  ASN A CG  1 
ATOM   447 O OD1 . ASN A 1 58 ? 6.762   -3.500  -8.087  1.00 7.68  ? 391  ASN A OD1 1 
ATOM   448 N ND2 . ASN A 1 58 ? 7.535   -1.530  -8.867  1.00 9.08  ? 391  ASN A ND2 1 
ATOM   449 N N   . GLY A 1 59 ? 10.006  -4.976  -4.482  1.00 7.13  ? 392  GLY A N   1 
ATOM   450 C CA  . GLY A 1 59 ? 11.197  -5.476  -3.811  1.00 6.57  ? 392  GLY A CA  1 
ATOM   451 C C   . GLY A 1 59 ? 11.985  -4.469  -3.015  1.00 6.87  ? 392  GLY A C   1 
ATOM   452 O O   . GLY A 1 59 ? 12.988  -4.838  -2.397  1.00 10.12 ? 392  GLY A O   1 
ATOM   453 N N   . HIS A 1 60 ? 11.567  -3.205  -3.062  1.00 5.84  ? 393  HIS A N   1 
ATOM   454 C CA  . HIS A 1 60 ? 12.205  -2.137  -2.321  1.00 6.38  ? 393  HIS A CA  1 
ATOM   455 C C   . HIS A 1 60 ? 11.607  -2.088  -0.919  1.00 6.08  ? 393  HIS A C   1 
ATOM   456 O O   . HIS A 1 60 ? 10.414  -1.860  -0.750  1.00 7.61  ? 393  HIS A O   1 
ATOM   457 C CB  . HIS A 1 60 ? 11.975  -0.788  -3.012  1.00 7.41  ? 393  HIS A CB  1 
ATOM   458 C CG  . HIS A 1 60 ? 12.543  -0.700  -4.394  1.00 9.29  ? 393  HIS A CG  1 
ATOM   459 N ND1 . HIS A 1 60 ? 13.675  0.021   -4.690  1.00 15.26 ? 393  HIS A ND1 1 
ATOM   460 C CD2 . HIS A 1 60 ? 12.115  -1.215  -5.569  1.00 11.08 ? 393  HIS A CD2 1 
ATOM   461 C CE1 . HIS A 1 60 ? 13.946  -0.087  -5.979  1.00 15.78 ? 393  HIS A CE1 1 
ATOM   462 N NE2 . HIS A 1 60 ? 13.018  -0.847  -6.536  1.00 10.90 ? 393  HIS A NE2 1 
ATOM   463 N N   . ASP A 1 61 ? 12.447  -2.246  0.099   1.00 7.12  ? 394  ASP A N   1 
ATOM   464 C CA  . ASP A 1 61 ? 11.992  -2.286  1.487   1.00 7.26  ? 394  ASP A CA  1 
ATOM   465 C C   . ASP A 1 61 ? 11.406  -0.942  1.912   1.00 7.26  ? 394  ASP A C   1 
ATOM   466 O O   . ASP A 1 61 ? 12.019  0.104   1.703   1.00 9.44  ? 394  ASP A O   1 
ATOM   467 C CB  . ASP A 1 61 ? 13.188  -2.630  2.392   1.00 9.51  ? 394  ASP A CB  1 
ATOM   468 C CG  . ASP A 1 61 ? 12.837  -2.705  3.863   1.00 11.69 ? 394  ASP A CG  1 
ATOM   469 O OD1 . ASP A 1 61 ? 11.692  -3.051  4.201   1.00 11.87 ? 394  ASP A OD1 1 
ATOM   470 O OD2 . ASP A 1 61 ? 13.741  -2.413  4.673   1.00 19.75 ? 394  ASP A OD2 1 
ATOM   471 N N   . LEU A 1 62 ? 10.231  -0.986  2.533   1.00 6.81  ? 395  LEU A N   1 
ATOM   472 C CA  . LEU A 1 62 ? 9.575   0.177   3.112   1.00 7.03  ? 395  LEU A CA  1 
ATOM   473 C C   . LEU A 1 62 ? 9.196   -0.030  4.579   1.00 6.56  ? 395  LEU A C   1 
ATOM   474 O O   . LEU A 1 62 ? 8.459   0.769   5.154   1.00 7.03  ? 395  LEU A O   1 
ATOM   475 C CB  . LEU A 1 62 ? 8.349   0.524   2.279   1.00 8.04  ? 395  LEU A CB  1 
ATOM   476 C CG  . LEU A 1 62 ? 8.636   1.288   0.983   1.00 9.58  ? 395  LEU A CG  1 
ATOM   477 C CD1 . LEU A 1 62 ? 7.381   1.305   0.124   1.00 14.23 ? 395  LEU A CD1 1 
ATOM   478 C CD2 . LEU A 1 62 ? 9.036   2.711   1.269   1.00 11.51 ? 395  LEU A CD2 1 
ATOM   479 N N   . LYS A 1 63 ? 9.705   -1.081  5.211   1.00 6.57  ? 396  LYS A N   1 
ATOM   480 C CA  . LYS A 1 63 ? 9.314   -1.365  6.589   1.00 7.54  ? 396  LYS A CA  1 
ATOM   481 C C   . LYS A 1 63 ? 9.512   -0.147  7.492   1.00 6.86  ? 396  LYS A C   1 
ATOM   482 O O   . LYS A 1 63 ? 8.644   0.175   8.305   1.00 7.88  ? 396  LYS A O   1 
ATOM   483 C CB  . LYS A 1 63 ? 10.089  -2.565  7.134   1.00 9.50  ? 396  LYS A CB  1 
ATOM   484 C CG  . LYS A 1 63 ? 9.593   -3.057  8.485   1.00 14.00 ? 396  LYS A CG  1 
ATOM   485 C CD  . LYS A 1 63 ? 10.207  -4.377  8.902   1.00 18.24 ? 396  LYS A CD  1 
ATOM   486 C CE  . LYS A 1 63 ? 9.737   -4.745  10.303  1.00 23.48 ? 396  LYS A CE  1 
ATOM   487 N N   . TYR A 1 64 ? 10.648  0.531   7.350   1.00 7.48  ? 397  TYR A N   1 
ATOM   488 C CA  . TYR A 1 64 ? 10.927  1.731   8.126   1.00 8.17  ? 397  TYR A CA  1 
ATOM   489 C C   . TYR A 1 64 ? 10.996  2.967   7.238   1.00 8.44  ? 397  TYR A C   1 
ATOM   490 O O   . TYR A 1 64 ? 11.680  3.940   7.544   1.00 11.33 ? 397  TYR A O   1 
ATOM   491 C CB  . TYR A 1 64 ? 12.219  1.546   8.937   1.00 11.09 ? 397  TYR A CB  1 
ATOM   492 C CG  . TYR A 1 64 ? 12.130  0.371   9.875   1.00 11.97 ? 397  TYR A CG  1 
ATOM   493 C CD1 . TYR A 1 64 ? 11.407  0.465   11.050  1.00 14.21 ? 397  TYR A CD1 1 
ATOM   494 C CD2 . TYR A 1 64 ? 12.680  -0.861  9.540   1.00 15.02 ? 397  TYR A CD2 1 
ATOM   495 C CE1 . TYR A 1 64 ? 11.284  -0.615  11.906  1.00 17.55 ? 397  TYR A CE1 1 
ATOM   496 C CE2 . TYR A 1 64 ? 12.561  -1.946  10.390  1.00 20.96 ? 397  TYR A CE2 1 
ATOM   497 C CZ  . TYR A 1 64 ? 11.856  -1.815  11.567  1.00 20.25 ? 397  TYR A CZ  1 
ATOM   498 O OH  . TYR A 1 64 ? 11.733  -2.885  12.418  1.00 26.55 ? 397  TYR A OH  1 
ATOM   499 N N   . GLY A 1 65 ? 10.240  2.935   6.142   1.00 7.80  ? 398  GLY A N   1 
ATOM   500 C CA  . GLY A 1 65 ? 10.265  3.967   5.136   1.00 8.27  ? 398  GLY A CA  1 
ATOM   501 C C   . GLY A 1 65 ? 9.302   5.093   5.428   1.00 7.91  ? 398  GLY A C   1 
ATOM   502 O O   . GLY A 1 65 ? 8.746   5.196   6.512   1.00 7.59  ? 398  GLY A O   1 
ATOM   503 N N   . THR A 1 66 ? 9.104   5.931   4.425   1.00 9.49  ? 399  THR A N   1 
ATOM   504 C CA  . THR A 1 66 ? 8.271   7.117   4.508   1.00 9.40  ? 399  THR A CA  1 
ATOM   505 C C   . THR A 1 66 ? 7.316   7.183   3.326   1.00 9.04  ? 399  THR A C   1 
ATOM   506 O O   . THR A 1 66 ? 7.566   6.570   2.289   1.00 8.82  ? 399  THR A O   1 
ATOM   507 C CB  . THR A 1 66 ? 9.147   8.381   4.404   1.00 9.92  ? 399  THR A CB  1 
ATOM   508 O OG1 . THR A 1 66 ? 9.805   8.385   3.133   1.00 12.44 ? 399  THR A OG1 1 
ATOM   509 C CG2 . THR A 1 66 ? 10.173  8.436   5.512   1.00 13.80 ? 399  THR A CG2 1 
ATOM   510 N N   . PRO A 1 67 ? 6.230   7.953   3.458   1.00 9.53  ? 400  PRO A N   1 
ATOM   511 C CA  . PRO A 1 67 ? 5.391   8.219   2.294   1.00 8.74  ? 400  PRO A CA  1 
ATOM   512 C C   . PRO A 1 67 ? 6.180   8.766   1.102   1.00 9.67  ? 400  PRO A C   1 
ATOM   513 O O   . PRO A 1 67 ? 5.917   8.397   -0.039  1.00 10.04 ? 400  PRO A O   1 
ATOM   514 C CB  . PRO A 1 67 ? 4.381   9.235   2.827   1.00 10.07 ? 400  PRO A CB  1 
ATOM   515 C CG  . PRO A 1 67 ? 4.256   8.891   4.263   1.00 11.46 ? 400  PRO A CG  1 
ATOM   516 C CD  . PRO A 1 67 ? 5.641   8.506   4.690   1.00 11.37 ? 400  PRO A CD  1 
ATOM   517 N N   . GLU A 1 68 ? 7.155   9.628   1.373   1.00 9.78  ? 401  GLU A N   1 
ATOM   518 C CA  . GLU A 1 68 ? 7.966   10.193  0.311   1.00 11.62 ? 401  GLU A CA  1 
ATOM   519 C C   . GLU A 1 68 ? 8.744   9.153   -0.460  1.00 10.80 ? 401  GLU A C   1 
ATOM   520 O O   . GLU A 1 68 ? 8.820   9.212   -1.696  1.00 13.59 ? 401  GLU A O   1 
ATOM   521 C CB  . GLU A 1 68 ? 8.966   11.203  0.875   1.00 15.78 ? 401  GLU A CB  1 
ATOM   522 C CG  . GLU A 1 68 ? 8.376   12.506  1.284   1.00 22.69 ? 401  GLU A CG  1 
ATOM   523 C CD  . GLU A 1 68 ? 7.426   12.403  2.461   1.00 38.18 ? 401  GLU A CD  1 
ATOM   524 O OE1 . GLU A 1 68 ? 7.660   11.605  3.412   1.00 30.10 ? 401  GLU A OE1 1 
ATOM   525 O OE2 . GLU A 1 68 ? 6.424   13.142  2.431   1.00 46.84 ? 401  GLU A OE2 1 
ATOM   526 N N   . LEU A 1 69 ? 9.362   8.226   0.263   1.00 10.10 ? 402  LEU A N   1 
ATOM   527 C CA  . LEU A 1 69 ? 10.119  7.161   -0.387  1.00 10.16 ? 402  LEU A CA  1 
ATOM   528 C C   . LEU A 1 69 ? 9.177   6.278   -1.210  1.00 9.38  ? 402  LEU A C   1 
ATOM   529 O O   . LEU A 1 69 ? 9.489   5.916   -2.336  1.00 10.31 ? 402  LEU A O   1 
ATOM   530 C CB  . LEU A 1 69 ? 10.890  6.354   0.651   1.00 13.39 ? 402  LEU A CB  1 
ATOM   531 C CG  . LEU A 1 69 ? 11.748  5.208   0.124   1.00 13.91 ? 402  LEU A CG  1 
ATOM   532 C CD1 . LEU A 1 69 ? 12.745  5.690   -0.930  1.00 16.82 ? 402  LEU A CD1 1 
ATOM   533 C CD2 . LEU A 1 69 ? 12.434  4.501   1.289   1.00 16.06 ? 402  LEU A CD2 1 
ATOM   534 N N   . ALA A 1 70 ? 8.021   5.942   -0.657  1.00 9.22  ? 403  ALA A N   1 
ATOM   535 C CA  . ALA A 1 70 ? 7.022   5.179   -1.425  1.00 8.31  ? 403  ALA A CA  1 
ATOM   536 C C   . ALA A 1 70 ? 6.633   5.919   -2.711  1.00 8.63  ? 403  ALA A C   1 
ATOM   537 O O   . ALA A 1 70 ? 6.550   5.309   -3.770  1.00 9.95  ? 403  ALA A O   1 
ATOM   538 C CB  . ALA A 1 70 ? 5.809   4.925   -0.585  1.00 9.24  ? 403  ALA A CB  1 
ATOM   539 N N   . ALA A 1 71 ? 6.411   7.229   -2.605  1.00 9.56  ? 404  ALA A N   1 
ATOM   540 C CA  . ALA A 1 71 ? 6.055   8.056   -3.747  1.00 10.82 ? 404  ALA A CA  1 
ATOM   541 C C   . ALA A 1 71 ? 7.132   8.010   -4.821  1.00 10.30 ? 404  ALA A C   1 
ATOM   542 O O   . ALA A 1 71 ? 6.825   7.901   -5.992  1.00 11.75 ? 404  ALA A O   1 
ATOM   543 C CB  . ALA A 1 71 ? 5.814   9.487   -3.312  1.00 12.69 ? 404  ALA A CB  1 
ATOM   544 N N   . GLN A 1 72 ? 8.395   8.093   -4.409  1.00 11.39 ? 405  GLN A N   1 
ATOM   545 C CA  . GLN A 1 72 ? 9.527   8.063   -5.339  1.00 12.45 ? 405  GLN A CA  1 
ATOM   546 C C   . GLN A 1 72 ? 9.544   6.731   -6.085  1.00 12.12 ? 405  GLN A C   1 
ATOM   547 O O   . GLN A 1 72 ? 9.701   6.691   -7.314  1.00 12.87 ? 405  GLN A O   1 
ATOM   548 C CB  . GLN A 1 72 ? 10.841  8.273   -4.591  1.00 15.12 ? 405  GLN A CB  1 
ATOM   549 C CG  . GLN A 1 72 ? 11.075  9.703   -4.147  1.00 26.64 ? 405  GLN A CG  1 
ATOM   550 C CD  . GLN A 1 72 ? 12.389  9.883   -3.400  1.00 41.76 ? 405  GLN A CD  1 
ATOM   551 O OE1 . GLN A 1 72 ? 12.930  8.940   -2.815  1.00 44.64 ? 405  GLN A OE1 1 
ATOM   552 N NE2 . GLN A 1 72 ? 12.905  11.107  -3.414  1.00 48.57 ? 405  GLN A NE2 1 
ATOM   553 N N   . ILE A 1 73 ? 9.364   5.635   -5.356  1.00 10.78 ? 406  ILE A N   1 
ATOM   554 C CA  . ILE A 1 73 ? 9.354   4.303   -5.970  1.00 11.01 ? 406  ILE A CA  1 
ATOM   555 C C   . ILE A 1 73 ? 8.195   4.145   -6.953  1.00 9.44  ? 406  ILE A C   1 
ATOM   556 O O   . ILE A 1 73 ? 8.387   3.705   -8.089  1.00 11.21 ? 406  ILE A O   1 
ATOM   557 C CB  . ILE A 1 73 ? 9.290   3.188   -4.905  1.00 10.04 ? 406  ILE A CB  1 
ATOM   558 C CG1 . ILE A 1 73 ? 10.555  3.209   -4.042  1.00 12.22 ? 406  ILE A CG1 1 
ATOM   559 C CG2 . ILE A 1 73 ? 9.096   1.812   -5.543  1.00 11.05 ? 406  ILE A CG2 1 
ATOM   560 C CD1 . ILE A 1 73 ? 10.366  2.538   -2.689  1.00 13.45 ? 406  ILE A CD1 1 
ATOM   561 N N   . ILE A 1 74 ? 6.996   4.554   -6.542  1.00 9.74  ? 407  ILE A N   1 
ATOM   562 C CA  . ILE A 1 74 ? 5.810   4.389   -7.376  1.00 9.95  ? 407  ILE A CA  1 
ATOM   563 C C   . ILE A 1 74 ? 5.894   5.253   -8.634  1.00 11.91 ? 407  ILE A C   1 
ATOM   564 O O   . ILE A 1 74 ? 5.569   4.791   -9.745  1.00 13.89 ? 407  ILE A O   1 
ATOM   565 C CB  . ILE A 1 74 ? 4.539   4.691   -6.593  1.00 10.93 ? 407  ILE A CB  1 
ATOM   566 C CG1 . ILE A 1 74 ? 4.317   3.603   -5.561  1.00 10.18 ? 407  ILE A CG1 1 
ATOM   567 C CG2 . ILE A 1 74 ? 3.332   4.755   -7.515  1.00 12.72 ? 407  ILE A CG2 1 
ATOM   568 C CD1 . ILE A 1 74 ? 3.367   4.035   -4.412  1.00 13.36 ? 407  ILE A CD1 1 
ATOM   569 N N   . GLN A 1 75 ? 6.357   6.493   -8.482  1.00 12.93 ? 408  GLN A N   1 
ATOM   570 C CA  . GLN A 1 75 ? 6.443   7.389   -9.637  1.00 13.68 ? 408  GLN A CA  1 
ATOM   571 C C   . GLN A 1 75 ? 7.463   6.906   -10.668 1.00 13.60 ? 408  GLN A C   1 
ATOM   572 O O   . GLN A 1 75 ? 7.246   7.092   -11.852 1.00 17.87 ? 408  GLN A O   1 
ATOM   573 C CB  . GLN A 1 75 ? 6.757   8.801   -9.190  1.00 16.16 ? 408  GLN A CB  1 
ATOM   574 C CG  . GLN A 1 75 ? 5.556   9.466   -8.522  1.00 18.38 ? 408  GLN A CG  1 
ATOM   575 C CD  . GLN A 1 75 ? 5.911   10.800  -7.910  1.00 26.27 ? 408  GLN A CD  1 
ATOM   576 O OE1 . GLN A 1 75 ? 7.056   11.244  -7.985  1.00 34.21 ? 408  GLN A OE1 1 
ATOM   577 N NE2 . GLN A 1 75 ? 4.933   11.448  -7.304  1.00 29.94 ? 408  GLN A NE2 1 
ATOM   578 N N   . ALA A 1 76 ? 8.550   6.278   -10.222 1.00 10.43 ? 409  ALA A N   1 
ATOM   579 C CA  . ALA A 1 76 ? 9.565   5.742   -11.121 1.00 11.32 ? 409  ALA A CA  1 
ATOM   580 C C   . ALA A 1 76 ? 9.271   4.332   -11.620 1.00 11.10 ? 409  ALA A C   1 
ATOM   581 O O   . ALA A 1 76 ? 10.019  3.832   -12.441 1.00 13.90 ? 409  ALA A O   1 
ATOM   582 C CB  . ALA A 1 76 ? 10.935  5.793   -10.456 1.00 13.58 ? 409  ALA A CB  1 
ATOM   583 N N   . SER A 1 77 ? 8.203   3.690   -11.134 1.00 9.06  ? 410  SER A N   1 
ATOM   584 C CA  . SER A 1 77 ? 7.935   2.278   -11.412 1.00 9.49  ? 410  SER A CA  1 
ATOM   585 C C   . SER A 1 77 ? 7.631   2.049   -12.864 1.00 10.15 ? 410  SER A C   1 
ATOM   586 O O   . SER A 1 77 ? 7.170   2.952   -13.561 1.00 14.75 ? 410  SER A O   1 
ATOM   587 C CB  A SER A 1 77 ? 6.742   1.813   -10.614 0.50 9.76  ? 410  SER A CB  1 
ATOM   588 C CB  B SER A 1 77 ? 6.736   1.769   -10.575 0.50 10.54 ? 410  SER A CB  1 
ATOM   589 O OG  A SER A 1 77 ? 5.604   2.437   -11.145 0.50 13.23 ? 410  SER A OG  1 
ATOM   590 O OG  B SER A 1 77 ? 6.399   0.391   -10.820 0.50 9.51  ? 410  SER A OG  1 
ATOM   591 N N   . GLY A 1 78 ? 7.884   0.827   -13.320 1.00 7.78  ? 411  GLY A N   1 
ATOM   592 C CA  . GLY A 1 78 ? 7.340   0.377   -14.566 1.00 9.54  ? 411  GLY A CA  1 
ATOM   593 C C   . GLY A 1 78 ? 5.866   0.068   -14.405 1.00 8.94  ? 411  GLY A C   1 
ATOM   594 O O   . GLY A 1 78 ? 5.249   0.379   -13.395 1.00 10.77 ? 411  GLY A O   1 
ATOM   595 N N   . GLU A 1 79 ? 5.284   -0.599  -15.382 1.00 9.79  ? 412  GLU A N   1 
ATOM   596 C CA  . GLU A 1 79 ? 3.841   -0.808  -15.365 1.00 9.89  ? 412  GLU A CA  1 
ATOM   597 C C   . GLU A 1 79 ? 3.353   -1.655  -14.190 1.00 9.48  ? 412  GLU A C   1 
ATOM   598 O O   . GLU A 1 79 ? 2.285   -1.398  -13.674 1.00 11.29 ? 412  GLU A O   1 
ATOM   599 C CB  . GLU A 1 79 ? 3.325   -1.340  -16.703 1.00 16.21 ? 412  GLU A CB  1 
ATOM   600 C CG  . GLU A 1 79 ? 3.870   -2.670  -17.096 1.00 16.42 ? 412  GLU A CG  1 
ATOM   601 C CD  . GLU A 1 79 ? 3.137   -3.860  -16.495 1.00 22.12 ? 412  GLU A CD  1 
ATOM   602 O OE1 . GLU A 1 79 ? 1.968   -3.707  -16.108 1.00 22.98 ? 412  GLU A OE1 1 
ATOM   603 O OE2 . GLU A 1 79 ? 3.741   -4.955  -16.419 1.00 30.49 ? 412  GLU A OE2 1 
ATOM   604 N N   . ARG A 1 80 ? 4.128   -2.635  -13.753 1.00 8.87  ? 413  ARG A N   1 
ATOM   605 C CA  . ARG A 1 80 ? 3.729   -3.488  -12.644 1.00 8.68  ? 413  ARG A CA  1 
ATOM   606 C C   . ARG A 1 80 ? 4.228   -2.909  -11.338 1.00 8.11  ? 413  ARG A C   1 
ATOM   607 O O   . ARG A 1 80 ? 5.422   -2.634  -11.162 1.00 9.37  ? 413  ARG A O   1 
ATOM   608 C CB  . ARG A 1 80 ? 4.243   -4.915  -12.832 1.00 11.07 ? 413  ARG A CB  1 
ATOM   609 C CG  . ARG A 1 80 ? 3.773   -5.876  -11.737 1.00 13.32 ? 413  ARG A CG  1 
ATOM   610 C CD  . ARG A 1 80 ? 4.239   -7.296  -12.033 1.00 24.79 ? 413  ARG A CD  1 
ATOM   611 N NE  . ARG A 1 80 ? 3.823   -8.259  -11.008 1.00 27.84 ? 413  ARG A NE  1 
ATOM   612 C CZ  . ARG A 1 80 ? 4.578   -8.678  -9.989  1.00 36.19 ? 413  ARG A CZ  1 
ATOM   613 N NH1 . ARG A 1 80 ? 5.814   -8.222  -9.807  1.00 33.72 ? 413  ARG A NH1 1 
ATOM   614 N NH2 . ARG A 1 80 ? 4.082   -9.562  -9.127  1.00 41.41 ? 413  ARG A NH2 1 
ATOM   615 N N   . VAL A 1 81 ? 3.292   -2.743  -10.415 1.00 6.86  ? 414  VAL A N   1 
ATOM   616 C CA  . VAL A 1 81 ? 3.592   -2.275  -9.065  1.00 6.31  ? 414  VAL A CA  1 
ATOM   617 C C   . VAL A 1 81 ? 3.119   -3.357  -8.100  1.00 6.33  ? 414  VAL A C   1 
ATOM   618 O O   . VAL A 1 81 ? 1.915   -3.540  -7.886  1.00 8.05  ? 414  VAL A O   1 
ATOM   619 C CB  . VAL A 1 81 ? 2.943   -0.927  -8.744  1.00 7.85  ? 414  VAL A CB  1 
ATOM   620 C CG1 . VAL A 1 81 ? 3.398   -0.448  -7.385  1.00 9.26  ? 414  VAL A CG1 1 
ATOM   621 C CG2 . VAL A 1 81 ? 3.282   0.106   -9.822  1.00 10.85 ? 414  VAL A CG2 1 
ATOM   622 N N   . ASN A 1 82 ? 4.078   -4.063  -7.522  1.00 5.57  ? 415  ASN A N   1 
ATOM   623 C CA  . ASN A 1 82 ? 3.782   -5.107  -6.546  1.00 5.84  ? 415  ASN A CA  1 
ATOM   624 C C   . ASN A 1 82 ? 3.983   -4.556  -5.144  1.00 5.43  ? 415  ASN A C   1 
ATOM   625 O O   . ASN A 1 82 ? 5.057   -4.071  -4.837  1.00 9.69  ? 415  ASN A O   1 
ATOM   626 C CB  . ASN A 1 82 ? 4.699   -6.323  -6.748  1.00 8.13  ? 415  ASN A CB  1 
ATOM   627 C CG  . ASN A 1 82 ? 4.272   -7.457  -5.886  1.00 12.01 ? 415  ASN A CG  1 
ATOM   628 O OD1 . ASN A 1 82 ? 3.166   -7.987  -6.066  1.00 16.43 ? 415  ASN A OD1 1 
ATOM   629 N ND2 . ASN A 1 82 ? 5.063   -7.771  -4.861  1.00 16.19 ? 415  ASN A ND2 1 
ATOM   630 N N   . LEU A 1 83 ? 2.957   -4.619  -4.307  1.00 5.52  ? 416  LEU A N   1 
ATOM   631 C CA  . LEU A 1 83 ? 3.039   -4.178  -2.923  1.00 5.39  ? 416  LEU A CA  1 
ATOM   632 C C   . LEU A 1 83 ? 2.982   -5.389  -2.028  1.00 5.82  ? 416  LEU A C   1 
ATOM   633 O O   . LEU A 1 83 ? 2.089   -6.207  -2.158  1.00 8.00  ? 416  LEU A O   1 
ATOM   634 C CB  . LEU A 1 83 ? 1.873   -3.243  -2.583  1.00 6.63  ? 416  LEU A CB  1 
ATOM   635 C CG  . LEU A 1 83 ? 1.771   -1.973  -3.435  1.00 7.62  ? 416  LEU A CG  1 
ATOM   636 C CD1 . LEU A 1 83 ? 0.834   -2.146  -4.636  1.00 10.23 ? 416  LEU A CD1 1 
ATOM   637 C CD2 . LEU A 1 83 ? 1.301   -0.821  -2.538  1.00 11.84 ? 416  LEU A CD2 1 
ATOM   638 N N   . THR A 1 84 ? 3.940   -5.493  -1.113  1.00 5.80  ? 417  THR A N   1 
ATOM   639 C CA  . THR A 1 84 ? 3.890   -6.480  -0.050  1.00 5.83  ? 417  THR A CA  1 
ATOM   640 C C   . THR A 1 84 ? 3.334   -5.789  1.173   1.00 5.81  ? 417  THR A C   1 
ATOM   641 O O   . THR A 1 84 ? 3.868   -4.775  1.635   1.00 6.34  ? 417  THR A O   1 
ATOM   642 C CB  . THR A 1 84 ? 5.273   -7.071  0.261   1.00 7.22  ? 417  THR A CB  1 
ATOM   643 O OG1 . THR A 1 84 ? 5.837   -7.613  -0.947  1.00 11.03 ? 417  THR A OG1 1 
ATOM   644 C CG2 . THR A 1 84 ? 5.210   -8.161  1.315   1.00 9.42  ? 417  THR A CG2 1 
ATOM   645 N N   . ILE A 1 85 ? 2.237   -6.343  1.681   1.00 4.76  ? 418  ILE A N   1 
ATOM   646 C CA  . ILE A 1 85 ? 1.440   -5.760  2.732   1.00 6.86  ? 418  ILE A CA  1 
ATOM   647 C C   . ILE A 1 85 ? 1.371   -6.624  3.978   1.00 6.23  ? 418  ILE A C   1 
ATOM   648 O O   . ILE A 1 85 ? 1.300   -7.842  3.854   1.00 6.95  ? 418  ILE A O   1 
ATOM   649 C CB  . ILE A 1 85 ? -0.028  -5.689  2.153   1.00 14.19 ? 418  ILE A CB  1 
ATOM   650 C CG1 . ILE A 1 85 ? -0.067  -4.852  0.885   1.00 13.77 ? 418  ILE A CG1 1 
ATOM   651 C CG2 . ILE A 1 85 ? -1.006  -5.267  3.177   1.00 17.42 ? 418  ILE A CG2 1 
ATOM   652 C CD1 . ILE A 1 85 ? 0.361   -3.542  1.125   1.00 10.45 ? 418  ILE A CD1 1 
ATOM   653 N N   . ALA A 1 86 ? 1.363   -5.973  5.142   1.00 6.25  ? 419  ALA A N   1 
ATOM   654 C CA  . ALA A 1 86 ? 0.980   -6.613  6.400   1.00 6.59  ? 419  ALA A CA  1 
ATOM   655 C C   . ALA A 1 86 ? -0.365  -6.041  6.842   1.00 6.81  ? 419  ALA A C   1 
ATOM   656 O O   . ALA A 1 86 ? -0.515  -4.829  6.975   1.00 8.22  ? 419  ALA A O   1 
ATOM   657 C CB  . ALA A 1 86 ? 2.042   -6.399  7.472   1.00 8.55  ? 419  ALA A CB  1 
ATOM   658 N N   . ARG A 1 87 ? -1.325  -6.932  7.079   1.00 7.51  ? 420  ARG A N   1 
ATOM   659 C CA  . ARG A 1 87 ? -2.672  -6.566  7.478   1.00 8.14  ? 420  ARG A CA  1 
ATOM   660 C C   . ARG A 1 87 ? -2.851  -7.066  8.909   1.00 7.99  ? 420  ARG A C   1 
ATOM   661 O O   . ARG A 1 87 ? -3.090  -8.246  9.135   1.00 8.23  ? 420  ARG A O   1 
ATOM   662 C CB  . ARG A 1 87 ? -3.682  -7.207  6.540   1.00 8.42  ? 420  ARG A CB  1 
ATOM   663 C CG  . ARG A 1 87 ? -5.124  -6.922  6.893   1.00 9.40  ? 420  ARG A CG  1 
ATOM   664 C CD  . ARG A 1 87 ? -6.029  -7.316  5.754   1.00 10.06 ? 420  ARG A CD  1 
ATOM   665 N NE  . ARG A 1 87 ? -5.719  -6.500  4.589   1.00 8.90  ? 420  ARG A NE  1 
ATOM   666 C CZ  . ARG A 1 87 ? -6.047  -6.819  3.343   1.00 11.27 ? 420  ARG A CZ  1 
ATOM   667 N NH1 . ARG A 1 87 ? -6.749  -7.911  3.068   1.00 12.83 ? 420  ARG A NH1 1 
ATOM   668 N NH2 . ARG A 1 87 ? -5.662  -6.050  2.362   1.00 11.16 ? 420  ARG A NH2 1 
ATOM   669 N N   . PRO A 1 88 ? -2.682  -6.182  9.899   1.00 10.73 ? 421  PRO A N   1 
ATOM   670 C CA  . PRO A 1 88 ? -2.759  -6.685  11.267  1.00 10.69 ? 421  PRO A CA  1 
ATOM   671 C C   . PRO A 1 88 ? -4.177  -6.910  11.751  1.00 10.66 ? 421  PRO A C   1 
ATOM   672 O O   . PRO A 1 88 ? -5.147  -6.340  11.225  1.00 14.66 ? 421  PRO A O   1 
ATOM   673 C CB  . PRO A 1 88 ? -2.083  -5.588  12.092  1.00 14.27 ? 421  PRO A CB  1 
ATOM   674 C CG  . PRO A 1 88 ? -1.271  -4.805  11.122  1.00 18.94 ? 421  PRO A CG  1 
ATOM   675 C CD  . PRO A 1 88 ? -2.070  -4.845  9.862   1.00 14.24 ? 421  PRO A CD  1 
ATOM   676 N N   . GLY A 1 89 ? -4.285  -7.758  12.755  1.00 10.65 ? 422  GLY A N   1 
ATOM   677 C CA  . GLY A 1 89 ? -5.460  -7.810  13.574  1.00 14.39 ? 422  GLY A CA  1 
ATOM   678 C C   . GLY A 1 89 ? -6.605  -8.637  13.046  1.00 12.94 ? 422  GLY A C   1 
ATOM   679 O O   . GLY A 1 89 ? -6.566  -9.218  11.967  1.00 16.65 ? 422  GLY A O   1 
ATOM   680 N N   . LYS A 1 90 ? -7.637  -8.725  13.864  1.00 13.32 ? 423  LYS A N   1 
ATOM   681 C CA  . LYS A 1 90 ? -8.809  -9.507  13.544  1.00 11.77 ? 423  LYS A CA  1 
ATOM   682 C C   . LYS A 1 90 ? -9.789  -8.681  12.710  1.00 10.89 ? 423  LYS A C   1 
ATOM   683 O O   . LYS A 1 90 ? -9.959  -7.490  12.948  1.00 14.13 ? 423  LYS A O   1 
ATOM   684 C CB  . LYS A 1 90 ? -9.500  -9.931  14.845  1.00 13.46 ? 423  LYS A CB  1 
ATOM   685 C CG  . LYS A 1 90 ? -8.627  -10.769 15.773  1.00 15.32 ? 423  LYS A CG  1 
ATOM   686 C CD  . LYS A 1 90 ? -9.387  -11.140 17.034  1.00 14.96 ? 423  LYS A CD  1 
ATOM   687 C CE  . LYS A 1 90 ? -8.515  -11.955 18.002  1.00 15.66 ? 423  LYS A CE  1 
ATOM   688 N NZ  . LYS A 1 90 ? -9.285  -12.377 19.201  1.00 22.41 ? 423  LYS A NZ  1 
ATOM   689 N N   . PRO A 1 91 ? -10.465 -9.322  11.762  1.00 9.91  ? 424  PRO A N   1 
ATOM   690 C CA  . PRO A 1 91 ? -11.448 -8.606  10.952  1.00 12.24 ? 424  PRO A CA  1 
ATOM   691 C C   . PRO A 1 91 ? -12.754 -8.348  11.680  1.00 9.07  ? 424  PRO A C   1 
ATOM   692 O O   . PRO A 1 91 ? -13.512 -7.487  11.271  1.00 9.13  ? 424  PRO A O   1 
ATOM   693 C CB  . PRO A 1 91 ? -11.683 -9.541  9.759   1.00 15.51 ? 424  PRO A CB  1 
ATOM   694 C CG  . PRO A 1 91 ? -11.229 -10.855 10.195  1.00 15.26 ? 424  PRO A CG  1 
ATOM   695 C CD  . PRO A 1 91 ? -10.150 -10.641 11.195  1.00 12.95 ? 424  PRO A CD  1 
ATOM   696 N N   . GLU A 1 92 ? -13.006 -9.115  12.736  1.00 7.37  ? 425  GLU A N   1 
ATOM   697 C CA  . GLU A 1 92 ? -14.245 -9.037  13.502  1.00 7.95  ? 425  GLU A CA  1 
ATOM   698 C C   . GLU A 1 92 ? -13.900 -9.232  14.958  1.00 8.05  ? 425  GLU A C   1 
ATOM   699 O O   . GLU A 1 92 ? -13.193 -10.173 15.320  1.00 9.27  ? 425  GLU A O   1 
ATOM   700 C CB  . GLU A 1 92 ? -15.251 -10.117 13.088  1.00 10.27 ? 425  GLU A CB  1 
ATOM   701 C CG  . GLU A 1 92 ? -16.463 -10.132 14.011  1.00 14.89 ? 425  GLU A CG  1 
ATOM   702 C CD  . GLU A 1 92 ? -17.580 -11.026 13.522  1.00 18.63 ? 425  GLU A CD  1 
ATOM   703 O OE1 . GLU A 1 92 ? -17.385 -11.754 12.516  1.00 29.25 ? 425  GLU A OE1 1 
ATOM   704 O OE2 . GLU A 1 92 ? -18.670 -11.002 14.154  1.00 20.57 ? 425  GLU A OE2 1 
ATOM   705 N N   . ILE A 1 93 ? -14.446 -8.371  15.809  1.00 8.17  ? 426  ILE A N   1 
ATOM   706 C CA  . ILE A 1 93 ? -14.271 -8.490  17.261  1.00 8.79  ? 426  ILE A CA  1 
ATOM   707 C C   . ILE A 1 93 ? -15.617 -8.234  17.911  1.00 8.69  ? 426  ILE A C   1 
ATOM   708 O O   . ILE A 1 93 ? -16.267 -7.230  17.663  1.00 8.14  ? 426  ILE A O   1 
ATOM   709 C CB  . ILE A 1 93 ? -13.199 -7.514  17.828  1.00 9.36  ? 426  ILE A CB  1 
ATOM   710 C CG1 . ILE A 1 93 ? -11.836 -7.751  17.169  1.00 12.22 ? 426  ILE A CG1 1 
ATOM   711 C CG2 . ILE A 1 93 ? -13.051 -7.637  19.361  1.00 13.41 ? 426  ILE A CG2 1 
ATOM   712 C CD1 . ILE A 1 93 ? -10.756 -6.809  17.655  1.00 14.74 ? 426  ILE A CD1 1 
ATOM   713 N N   . GLU A 1 94 ? -16.028 -9.167  18.762  1.00 8.99  ? 427  GLU A N   1 
ATOM   714 C CA  . GLU A 1 94 ? -17.215 -8.981  19.571  1.00 8.22  ? 427  GLU A CA  1 
ATOM   715 C C   . GLU A 1 94 ? -16.755 -8.442  20.905  1.00 8.96  ? 427  GLU A C   1 
ATOM   716 O O   . GLU A 1 94 ? -15.855 -9.007  21.558  1.00 11.67 ? 427  GLU A O   1 
ATOM   717 C CB  . GLU A 1 94 ? -17.979 -10.297 19.680  1.00 11.04 ? 427  GLU A CB  1 
ATOM   718 C CG  . GLU A 1 94 ? -18.159 -10.906 18.288  1.00 16.67 ? 427  GLU A CG  1 
ATOM   719 C CD  . GLU A 1 94 ? -18.943 -12.182 18.270  1.00 16.35 ? 427  GLU A CD  1 
ATOM   720 O OE1 . GLU A 1 94 ? -19.717 -12.437 19.215  1.00 19.51 ? 427  GLU A OE1 1 
ATOM   721 O OE2 . GLU A 1 94 ? -18.758 -12.949 17.280  1.00 22.62 ? 427  GLU A OE2 1 
ATOM   722 N N   . LEU A 1 95 ? -17.350 -7.316  21.285  1.00 11.21 ? 428  LEU A N   1 
ATOM   723 C CA  . LEU A 1 95 ? -16.903 -6.591  22.461  1.00 14.71 ? 428  LEU A CA  1 
ATOM   724 C C   . LEU A 1 95 ? -18.054 -5.923  23.183  1.00 17.18 ? 428  LEU A C   1 
ATOM   725 O O   . LEU A 1 95 ? -19.230 -6.245  22.921  1.00 14.01 ? 428  LEU A O   1 
ATOM   726 C CB  . LEU A 1 95 ? -15.832 -5.567  22.058  1.00 20.18 ? 428  LEU A CB  1 
ATOM   727 C CG  . LEU A 1 95 ? -16.040 -4.779  20.762  1.00 20.27 ? 428  LEU A CG  1 
ATOM   728 C CD1 . LEU A 1 95 ? -17.214 -3.834  20.927  1.00 23.09 ? 428  LEU A CD1 1 
ATOM   729 C CD2 . LEU A 1 95 ? -14.763 -4.012  20.330  1.00 23.60 ? 428  LEU A CD2 1 
ATOM   730 O OXT . LEU A 1 95 ? -17.790 -5.091  24.069  1.00 21.45 ? 428  LEU A OXT 1 
HETATM 731 O O   . HOH B 2 .  ? -0.324  -13.030 17.343  1.00 12.54 ? 2001 HOH A O   1 
HETATM 732 O O   . HOH B 2 .  ? -4.828  -10.481 16.082  1.00 34.74 ? 2002 HOH A O   1 
HETATM 733 O O   . HOH B 2 .  ? -4.113  -11.650 11.412  1.00 31.05 ? 2003 HOH A O   1 
HETATM 734 O O   . HOH B 2 .  ? 0.826   -9.539  15.093  1.00 35.33 ? 2004 HOH A O   1 
HETATM 735 O O   . HOH B 2 .  ? 2.510   -11.490 15.424  1.00 29.08 ? 2005 HOH A O   1 
HETATM 736 O O   . HOH B 2 .  ? -6.762  7.079   -8.486  1.00 22.00 ? 2006 HOH A O   1 
HETATM 737 O O   . HOH B 2 .  ? -13.728 0.644   -7.932  1.00 29.73 ? 2007 HOH A O   1 
HETATM 738 O O   . HOH B 2 .  ? -4.572  0.987   14.499  1.00 31.11 ? 2008 HOH A O   1 
HETATM 739 O O   . HOH B 2 .  ? 16.999  -2.622  1.632   1.00 27.48 ? 2009 HOH A O   1 
HETATM 740 O O   . HOH B 2 .  ? 14.285  3.763   4.431   1.00 23.40 ? 2010 HOH A O   1 
HETATM 741 O O   . HOH B 2 .  ? 9.092   6.470   -15.901 1.00 36.99 ? 2011 HOH A O   1 
HETATM 742 O O   . HOH B 2 .  ? 9.740   2.508   -16.810 1.00 22.74 ? 2012 HOH A O   1 
HETATM 743 O O   . HOH B 2 .  ? 6.766   2.366   -17.756 1.00 30.04 ? 2013 HOH A O   1 
HETATM 744 O O   . HOH B 2 .  ? -7.883  -10.047 4.758   1.00 28.58 ? 2014 HOH A O   1 
HETATM 745 O O   . HOH B 2 .  ? -3.009  -11.248 -2.863  1.00 30.61 ? 2015 HOH A O   1 
HETATM 746 O O   . HOH B 2 .  ? 1.065   -9.316  -11.917 1.00 31.72 ? 2016 HOH A O   1 
HETATM 747 O O   . HOH B 2 .  ? -4.628  -2.178  -14.666 1.00 18.39 ? 2017 HOH A O   1 
HETATM 748 O O   . HOH B 2 .  ? -4.276  -3.310  -11.981 1.00 10.68 ? 2018 HOH A O   1 
HETATM 749 O O   . HOH B 2 .  ? -0.160  -2.245  -17.754 1.00 30.71 ? 2019 HOH A O   1 
HETATM 750 O O   . HOH B 2 .  ? 2.452   1.846   -17.656 1.00 23.13 ? 2020 HOH A O   1 
HETATM 751 O O   . HOH B 2 .  ? 3.220   5.055   -20.541 1.00 29.47 ? 2021 HOH A O   1 
HETATM 752 O O   . HOH B 2 .  ? 2.844   8.719   -19.141 1.00 13.03 ? 2022 HOH A O   1 
HETATM 753 O O   . HOH B 2 .  ? 6.902   7.443   -19.896 1.00 22.39 ? 2023 HOH A O   1 
HETATM 754 O O   . HOH B 2 .  ? 2.355   9.788   -11.370 1.00 21.68 ? 2024 HOH A O   1 
HETATM 755 O O   . HOH B 2 .  ? -6.331  6.214   -12.869 1.00 25.53 ? 2025 HOH A O   1 
HETATM 756 O O   . HOH B 2 .  ? 2.450   7.044   -10.265 1.00 21.20 ? 2026 HOH A O   1 
HETATM 757 O O   . HOH B 2 .  ? -5.712  5.020   -10.142 1.00 14.14 ? 2027 HOH A O   1 
HETATM 758 O O   . HOH B 2 .  ? -10.658 11.993  -1.854  1.00 30.66 ? 2028 HOH A O   1 
HETATM 759 O O   . HOH B 2 .  ? 3.422   12.728  11.547  1.00 22.53 ? 2029 HOH A O   1 
HETATM 760 O O   . HOH B 2 .  ? 8.280   10.646  7.320   1.00 19.63 ? 2030 HOH A O   1 
HETATM 761 O O   . HOH B 2 .  ? 1.053   11.252  11.017  1.00 26.38 ? 2031 HOH A O   1 
HETATM 762 O O   . HOH B 2 .  ? -1.616  8.433   10.481  1.00 25.45 ? 2032 HOH A O   1 
HETATM 763 O O   . HOH B 2 .  ? 5.610   8.942   11.730  1.00 26.64 ? 2033 HOH A O   1 
HETATM 764 O O   . HOH B 2 .  ? -3.707  4.021   8.367   1.00 24.95 ? 2034 HOH A O   1 
HETATM 765 O O   . HOH B 2 .  ? 5.914   7.562   14.985  1.00 19.14 ? 2035 HOH A O   1 
HETATM 766 O O   . HOH B 2 .  ? -3.007  6.092   10.228  1.00 22.95 ? 2036 HOH A O   1 
HETATM 767 O O   . HOH B 2 .  ? -0.957  8.425   13.657  1.00 24.31 ? 2037 HOH A O   1 
HETATM 768 O O   . HOH B 2 .  ? 2.654   8.870   20.012  1.00 19.11 ? 2038 HOH A O   1 
HETATM 769 O O   . HOH B 2 .  ? 4.402   -0.619  13.151  1.00 19.72 ? 2039 HOH A O   1 
HETATM 770 O O   . HOH B 2 .  ? -0.036  -1.627  12.573  1.00 26.16 ? 2040 HOH A O   1 
HETATM 771 O O   . HOH B 2 .  ? 4.817   5.564   10.836  1.00 8.76  ? 2041 HOH A O   1 
HETATM 772 O O   . HOH B 2 .  ? -11.104 8.414   -0.604  1.00 30.88 ? 2042 HOH A O   1 
HETATM 773 O O   . HOH B 2 .  ? -10.531 2.285   1.528   1.00 17.00 ? 2043 HOH A O   1 
HETATM 774 O O   . HOH B 2 .  ? -8.005  3.373   -5.670  1.00 6.38  ? 2044 HOH A O   1 
HETATM 775 O O   . HOH B 2 .  ? -11.788 9.390   -3.457  1.00 22.01 ? 2045 HOH A O   1 
HETATM 776 O O   . HOH B 2 .  ? -9.392  7.903   -8.471  1.00 27.86 ? 2046 HOH A O   1 
HETATM 777 O O   . HOH B 2 .  ? -14.249 2.849   -6.118  1.00 21.95 ? 2047 HOH A O   1 
HETATM 778 O O   . HOH B 2 .  ? -13.188 -3.376  -10.282 1.00 16.32 ? 2048 HOH A O   1 
HETATM 779 O O   . HOH B 2 .  ? -12.656 -2.160  -12.735 1.00 18.08 ? 2049 HOH A O   1 
HETATM 780 O O   . HOH B 2 .  ? -6.044  -3.301  -4.157  1.00 6.94  ? 2050 HOH A O   1 
HETATM 781 O O   . HOH B 2 .  ? -10.523 -8.195  -4.899  1.00 8.46  ? 2051 HOH A O   1 
HETATM 782 O O   . HOH B 2 .  ? -3.123  -10.247 -9.482  1.00 15.01 ? 2052 HOH A O   1 
HETATM 783 O O   . HOH B 2 .  ? -1.299  -10.142 -7.313  1.00 24.85 ? 2053 HOH A O   1 
HETATM 784 O O   . HOH B 2 .  ? -9.657  -5.661  1.382   1.00 15.06 ? 2054 HOH A O   1 
HETATM 785 O O   . HOH B 2 .  ? -9.561  -5.923  4.381   1.00 20.98 ? 2055 HOH A O   1 
HETATM 786 O O   . HOH B 2 .  ? -8.176  -4.451  6.711   1.00 18.94 ? 2056 HOH A O   1 
HETATM 787 O O   . HOH B 2 .  ? -6.331  3.775   8.148   1.00 24.51 ? 2057 HOH A O   1 
HETATM 788 O O   . HOH B 2 .  ? -10.443 0.375   3.131   1.00 16.84 ? 2058 HOH A O   1 
HETATM 789 O O   . HOH B 2 .  ? -10.561 1.899   8.455   1.00 10.06 ? 2059 HOH A O   1 
HETATM 790 O O   . HOH B 2 .  ? -9.107  -1.756  8.851   1.00 12.37 ? 2060 HOH A O   1 
HETATM 791 O O   . HOH B 2 .  ? -2.135  -1.000  10.945  1.00 18.57 ? 2061 HOH A O   1 
HETATM 792 O O   . HOH B 2 .  ? -6.154  2.532   12.897  1.00 17.03 ? 2062 HOH A O   1 
HETATM 793 O O   . HOH B 2 .  ? -5.717  -3.477  7.055   1.00 11.90 ? 2063 HOH A O   1 
HETATM 794 O O   . HOH B 2 .  ? 8.019   -2.666  12.985  1.00 19.71 ? 2064 HOH A O   1 
HETATM 795 O O   . HOH B 2 .  ? 2.394   -2.925  11.918  1.00 30.61 ? 2065 HOH A O   1 
HETATM 796 O O   . HOH B 2 .  ? 6.032   0.047   6.455   1.00 7.15  ? 2066 HOH A O   1 
HETATM 797 O O   . HOH B 2 .  ? 10.170  -5.571  3.591   1.00 30.00 ? 2067 HOH A O   1 
HETATM 798 O O   . HOH B 2 .  ? 7.212   -5.330  -10.299 1.00 16.87 ? 2068 HOH A O   1 
HETATM 799 O O   . HOH B 2 .  ? 9.960   -0.147  -9.421  1.00 14.72 ? 2069 HOH A O   1 
HETATM 800 O O   . HOH B 2 .  ? 13.837  -4.831  -6.365  1.00 7.72  ? 2070 HOH A O   1 
HETATM 801 O O   . HOH B 2 .  ? 13.783  -7.472  -2.361  1.00 27.81 ? 2071 HOH A O   1 
HETATM 802 O O   . HOH B 2 .  ? 14.258  1.973   -2.547  1.00 20.90 ? 2072 HOH A O   1 
HETATM 803 O O   . HOH B 2 .  ? 12.526  1.958   3.723   1.00 15.63 ? 2073 HOH A O   1 
HETATM 804 O O   . HOH B 2 .  ? 15.235  -2.496  -0.345  1.00 17.32 ? 2074 HOH A O   1 
HETATM 805 O O   . HOH B 2 .  ? 13.930  -3.633  7.130   1.00 33.11 ? 2075 HOH A O   1 
HETATM 806 O O   . HOH B 2 .  ? 14.059  0.796   -0.162  1.00 26.66 ? 2076 HOH A O   1 
HETATM 807 O O   . HOH B 2 .  ? 12.881  0.099   5.688   1.00 16.73 ? 2077 HOH A O   1 
HETATM 808 O O   . HOH B 2 .  ? 6.519   6.455   7.498   1.00 9.54  ? 2078 HOH A O   1 
HETATM 809 O O   . HOH B 2 .  ? 11.195  11.980  3.539   1.00 27.09 ? 2079 HOH A O   1 
HETATM 810 O O   . HOH B 2 .  ? 7.296   15.009  0.886   1.00 30.41 ? 2080 HOH A O   1 
HETATM 811 O O   . HOH B 2 .  ? 8.811   11.762  -3.119  1.00 29.00 ? 2081 HOH A O   1 
HETATM 812 O O   . HOH B 2 .  ? 10.660  8.947   -8.661  1.00 23.25 ? 2082 HOH A O   1 
HETATM 813 O O   . HOH B 2 .  ? 10.637  2.374   -8.919  1.00 11.99 ? 2083 HOH A O   1 
HETATM 814 O O   . HOH B 2 .  ? 7.408   5.646   -14.221 1.00 24.81 ? 2084 HOH A O   1 
HETATM 815 O O   . HOH B 2 .  ? 2.179   10.443  -7.393  1.00 32.21 ? 2085 HOH A O   1 
HETATM 816 O O   . HOH B 2 .  ? 10.880  4.006   -14.941 1.00 21.31 ? 2086 HOH A O   1 
HETATM 817 O O   . HOH B 2 .  ? 8.065   -1.926  -17.157 1.00 10.16 ? 2087 HOH A O   1 
HETATM 818 O O   . HOH B 2 .  ? 4.667   2.586   -15.988 1.00 21.45 ? 2088 HOH A O   1 
HETATM 819 O O   . HOH B 2 .  ? 6.427   -0.364  -18.249 1.00 22.94 ? 2089 HOH A O   1 
HETATM 820 O O   . HOH B 2 .  ? 6.998   -3.305  -14.667 1.00 12.28 ? 2090 HOH A O   1 
HETATM 821 O O   . HOH B 2 .  ? 1.871   -10.299 -6.641  1.00 25.37 ? 2091 HOH A O   1 
HETATM 822 O O   . HOH B 2 .  ? 7.313   -6.116  -3.042  1.00 8.17  ? 2092 HOH A O   1 
HETATM 823 O O   . HOH B 2 .  ? -7.534  -8.716  0.352   1.00 15.02 ? 2093 HOH A O   1 
HETATM 824 O O   . HOH B 2 .  ? -5.380  -3.987  9.847   1.00 18.13 ? 2094 HOH A O   1 
HETATM 825 O O   . HOH B 2 .  ? -5.482  -9.557  9.603   1.00 15.32 ? 2095 HOH A O   1 
HETATM 826 O O   . HOH B 2 .  ? -10.394 -10.277 20.282  1.00 23.16 ? 2096 HOH A O   1 
HETATM 827 O O   . HOH B 2 .  ? -20.236 -12.831 13.697  1.00 26.54 ? 2097 HOH A O   1 
HETATM 828 O O   . HOH B 2 .  ? -13.424 -8.863  23.003  1.00 20.00 ? 2098 HOH A O   1 
HETATM 829 O O   . HOH B 2 .  ? -15.360 -4.687  25.301  1.00 25.74 ? 2099 HOH A O   1 
# 
loop_
_atom_site_anisotrop.id 
_atom_site_anisotrop.type_symbol 
_atom_site_anisotrop.pdbx_label_atom_id 
_atom_site_anisotrop.pdbx_label_alt_id 
_atom_site_anisotrop.pdbx_label_comp_id 
_atom_site_anisotrop.pdbx_label_asym_id 
_atom_site_anisotrop.pdbx_label_seq_id 
_atom_site_anisotrop.pdbx_PDB_ins_code 
_atom_site_anisotrop.U[1][1] 
_atom_site_anisotrop.U[2][2] 
_atom_site_anisotrop.U[3][3] 
_atom_site_anisotrop.U[1][2] 
_atom_site_anisotrop.U[1][3] 
_atom_site_anisotrop.U[2][3] 
_atom_site_anisotrop.pdbx_auth_seq_id 
_atom_site_anisotrop.pdbx_auth_comp_id 
_atom_site_anisotrop.pdbx_auth_asym_id 
_atom_site_anisotrop.pdbx_auth_atom_id 
1   N N   . SER A 1  ? 0.3236 0.2580 0.1552 0.1230  -0.0081 -0.0093 -1   SER A N   
2   C CA  . SER A 1  ? 0.1989 0.2242 0.1321 0.0762  -0.0136 0.0270  -1   SER A CA  
3   C C   . SER A 1  ? 0.2102 0.1527 0.1489 0.0795  0.0084  0.0125  -1   SER A C   
4   O O   . SER A 1  ? 0.2649 0.1831 0.1481 0.1092  0.0145  0.0108  -1   SER A O   
5   C CB  . SER A 1  ? 0.2092 0.2478 0.2074 0.0533  0.0039  0.0444  -1   SER A CB  
6   O OG  . SER A 1  ? 0.2396 0.3910 0.3406 0.0343  0.0069  0.0891  -1   SER A OG  
7   N N   . MET A 2  ? 0.1664 0.1173 0.1312 0.0566  -0.0104 0.0071  0    MET A N   
8   C CA  . MET A 2  ? 0.1480 0.0914 0.1289 0.0416  -0.0385 0.0154  0    MET A CA  
9   C C   . MET A 2  ? 0.1274 0.0952 0.1217 0.0366  -0.0101 0.0084  0    MET A C   
10  O O   . MET A 2  ? 0.2428 0.0904 0.1681 0.0789  -0.0604 0.0012  0    MET A O   
11  C CB  . MET A 2  ? 0.1980 0.1316 0.1607 0.0299  -0.0312 -0.0075 0    MET A CB  
12  C CG  . MET A 2  ? 0.1528 0.2192 0.2247 0.0113  -0.0214 -0.0014 0    MET A CG  
13  S SD  . MET A 2  ? 0.2042 0.2907 0.2467 -0.0317 -0.0473 0.0673  0    MET A SD  
14  C CE  . MET A 2  ? 0.3936 0.4517 0.3357 -0.0157 -0.0250 -0.0497 0    MET A CE  
15  N N   . GLU A 3  ? 0.0933 0.0842 0.1064 0.0372  0.0021  0.0316  336  GLU A N   
16  C CA  . GLU A 3  ? 0.1189 0.0602 0.1100 0.0015  0.0014  0.0046  336  GLU A CA  
17  C C   . GLU A 3  ? 0.1429 0.0948 0.0962 0.0001  0.0476  0.0118  336  GLU A C   
18  O O   . GLU A 3  ? 0.1649 0.0618 0.1769 0.0059  0.0687  0.0133  336  GLU A O   
19  C CB  . GLU A 3  ? 0.1194 0.0985 0.1529 -0.0077 0.0053  0.0454  336  GLU A CB  
20  C CG  . GLU A 3  ? 0.2009 0.1767 0.1842 -0.0176 0.0024  0.0173  336  GLU A CG  
21  C CD  . GLU A 3  ? 0.2892 0.3837 0.3350 -0.0066 -0.0404 0.0167  336  GLU A CD  
22  O OE1 . GLU A 3  ? 0.3557 0.4022 0.4563 -0.0190 0.0106  -0.0138 336  GLU A OE1 
23  O OE2 . GLU A 3  ? 0.3691 0.5169 0.3572 -0.0360 -0.0116 -0.0216 336  GLU A OE2 
24  N N   . ILE A 4  ? 0.1268 0.0646 0.0814 0.0042  0.0143  0.0295  337  ILE A N   
25  C CA  . ILE A 4  ? 0.1148 0.0732 0.0922 0.0159  0.0098  0.0083  337  ILE A CA  
26  C C   . ILE A 4  ? 0.1141 0.0707 0.0942 -0.0148 0.0201  0.0231  337  ILE A C   
27  O O   . ILE A 4  ? 0.1651 0.0638 0.1455 -0.0356 0.0116  -0.0002 337  ILE A O   
28  C CB  . ILE A 4  ? 0.1396 0.0919 0.1258 0.0136  0.0156  0.0304  337  ILE A CB  
29  C CG1 . ILE A 4  ? 0.1078 0.2368 0.1448 0.0157  0.0219  0.0483  337  ILE A CG1 
30  C CG2 . ILE A 4  ? 0.1471 0.1158 0.1740 0.0098  0.0465  0.0480  337  ILE A CG2 
31  C CD1 . ILE A 4  ? 0.1943 0.1856 0.1826 0.0270  -0.0158 0.0141  337  ILE A CD1 
32  N N   . LEU A 5  ? 0.1354 0.0816 0.0707 -0.0302 0.0017  0.0156  338  LEU A N   
33  C CA  . LEU A 5  ? 0.1222 0.1194 0.0870 -0.0346 0.0010  0.0269  338  LEU A CA  
34  C C   . LEU A 5  ? 0.1197 0.0642 0.0893 0.0072  0.0074  0.0019  338  LEU A C   
35  O O   . LEU A 5  ? 0.1508 0.0678 0.1028 -0.0377 0.0044  -0.0089 338  LEU A O   
36  C CB  . LEU A 5  ? 0.1732 0.2335 0.1213 -0.0465 -0.0169 0.0399  338  LEU A CB  
37  C CG  . LEU A 5  ? 0.1357 0.1489 0.2130 -0.0240 -0.0051 0.0056  338  LEU A CG  
38  C CD1 . LEU A 5  ? 0.2580 0.2968 0.2178 -0.0095 -0.0688 0.0154  338  LEU A CD1 
39  C CD2 . LEU A 5  ? 0.2430 0.2556 0.2341 0.0250  -0.0142 -0.0027 338  LEU A CD2 
40  N N   . GLN A 6  ? 0.1217 0.0736 0.0782 -0.0184 -0.0100 -0.0135 339  GLN A N   
41  C CA  . GLN A 6  ? 0.1311 0.1111 0.0606 -0.0040 -0.0105 0.0121  339  GLN A CA  
42  C C   . GLN A 6  ? 0.1107 0.1112 0.1116 -0.0096 -0.0213 -0.0118 339  GLN A C   
43  O O   . GLN A 6  ? 0.1938 0.0811 0.2042 -0.0289 -0.0957 0.0197  339  GLN A O   
44  C CB  . GLN A 6  ? 0.1692 0.1807 0.0762 0.0077  0.0239  0.0264  339  GLN A CB  
45  C CG  . GLN A 6  ? 0.2391 0.2706 0.1491 0.0355  -0.0462 0.0418  339  GLN A CG  
46  C CD  . GLN A 6  ? 0.3084 0.3708 0.2924 0.0411  0.0038  0.0243  339  GLN A CD  
47  O OE1 . GLN A 6  ? 0.2755 0.2380 0.3429 0.0489  0.0331  0.0146  339  GLN A OE1 
48  N NE2 . GLN A 6  ? 0.4795 0.4836 0.3969 0.0618  -0.0148 0.1015  339  GLN A NE2 
49  N N   . VAL A 7  ? 0.0920 0.0825 0.0795 -0.0044 -0.0215 0.0041  340  VAL A N   
50  C CA  . VAL A 7  ? 0.0790 0.0864 0.0813 -0.0263 -0.0311 -0.0199 340  VAL A CA  
51  C C   . VAL A 7  ? 0.0668 0.1139 0.0822 -0.0153 -0.0353 -0.0015 340  VAL A C   
52  O O   . VAL A 7  ? 0.1035 0.1644 0.0945 -0.0462 -0.0142 0.0069  340  VAL A O   
53  C CB  . VAL A 7  ? 0.0854 0.0960 0.0934 -0.0031 -0.0065 -0.0220 340  VAL A CB  
54  C CG1 . VAL A 7  ? 0.1224 0.1276 0.1155 -0.0010 -0.0372 -0.0093 340  VAL A CG1 
55  C CG2 . VAL A 7  ? 0.1152 0.1369 0.1014 -0.0216 0.0410  0.0144  340  VAL A CG2 
56  N N   . ALA A 8  ? 0.0857 0.0891 0.0985 -0.0336 -0.0105 -0.0076 341  ALA A N   
57  C CA  . ALA A 8  ? 0.1170 0.0986 0.1005 0.0064  0.0000  0.0007  341  ALA A CA  
58  C C   . ALA A 8  ? 0.0889 0.1163 0.0963 -0.0122 0.0009  0.0013  341  ALA A C   
59  O O   . ALA A 8  ? 0.1753 0.1265 0.1581 -0.0632 -0.0892 0.0270  341  ALA A O   
60  C CB  . ALA A 8  ? 0.2078 0.1566 0.1104 0.0732  0.0407  -0.0104 341  ALA A CB  
61  N N   . LEU A 9  ? 0.0800 0.0925 0.0951 -0.0063 -0.0144 -0.0061 342  LEU A N   
62  C CA  . LEU A 9  ? 0.0780 0.1241 0.0837 -0.0056 -0.0169 0.0091  342  LEU A CA  
63  C C   . LEU A 9  ? 0.0535 0.1156 0.0849 -0.0135 -0.0130 -0.0099 342  LEU A C   
64  O O   . LEU A 9  ? 0.0726 0.2078 0.0979 -0.0030 -0.0194 0.0161  342  LEU A O   
65  C CB  . LEU A 9  ? 0.0429 0.1231 0.1018 -0.0022 -0.0037 0.0256  342  LEU A CB  
66  C CG  . LEU A 9  ? 0.0817 0.0882 0.0937 0.0099  0.0059  0.0168  342  LEU A CG  
67  C CD1 . LEU A 9  ? 0.1567 0.1111 0.1227 0.0119  -0.0132 -0.0011 342  LEU A CD1 
68  C CD2 . LEU A 9  ? 0.0526 0.1454 0.1441 0.0038  -0.0023 0.0216  342  LEU A CD2 
69  N N   . HIS A 10 ? 0.0739 0.1298 0.0791 0.0156  0.0037  0.0083  343  HIS A N   
70  C CA  . HIS A 10 ? 0.1113 0.1416 0.0729 -0.0020 0.0050  0.0060  343  HIS A CA  
71  C C   . HIS A 10 ? 0.1147 0.1016 0.0813 -0.0065 0.0004  0.0066  343  HIS A C   
72  O O   . HIS A 10 ? 0.1021 0.2019 0.1148 0.0152  0.0010  0.0206  343  HIS A O   
73  C CB  . HIS A 10 ? 0.1271 0.1584 0.1117 -0.0139 -0.0129 -0.0041 343  HIS A CB  
74  C CG  . HIS A 10 ? 0.1903 0.1202 0.1606 -0.0106 -0.0165 -0.0252 343  HIS A CG  
75  N ND1 . HIS A 10 ? 0.2464 0.1740 0.2139 0.0338  0.0167  -0.0237 343  HIS A ND1 
76  C CD2 . HIS A 10 ? 0.2567 0.2431 0.2462 -0.0252 0.0128  0.0312  343  HIS A CD2 
77  C CE1 . HIS A 10 ? 0.2073 0.1770 0.3303 0.0339  -0.0446 0.0051  343  HIS A CE1 
78  N NE2 . HIS A 10 ? 0.2847 0.1867 0.2561 -0.0147 -0.0521 0.0098  343  HIS A NE2 
79  N N   . LYS A 11 ? 0.0973 0.1271 0.1483 0.0206  -0.0014 0.0164  344  LYS A N   
80  C CA  . LYS A 11 ? 0.1504 0.1210 0.1100 0.0287  0.0211  0.0263  344  LYS A CA  
81  C C   . LYS A 11 ? 0.1712 0.1316 0.1792 0.0172  0.0151  -0.0027 344  LYS A C   
82  O O   . LYS A 11 ? 0.2113 0.1704 0.1764 0.0558  0.0497  0.0012  344  LYS A O   
83  C CB  . LYS A 11 ? 0.1687 0.1084 0.1916 0.0003  0.0673  -0.0175 344  LYS A CB  
84  C CG  . LYS A 11 ? 0.2127 0.1127 0.1538 0.0272  0.0296  0.0122  344  LYS A CG  
85  C CD  . LYS A 11 ? 0.4144 0.3418 0.4234 -0.0596 0.0016  -0.0218 344  LYS A CD  
86  C CE  . LYS A 11 ? 0.3787 0.3143 0.2357 -0.0509 -0.0621 -0.0073 344  LYS A CE  
87  N NZ  . LYS A 11 ? 0.2331 0.2224 0.3787 -0.0359 -0.1077 0.0411  344  LYS A NZ  
88  N N   . ARG A 12 ? 0.1997 0.1779 0.1408 0.0425  0.0252  0.0133  345  ARG A N   
89  C CA  . ARG A 12 ? 0.2324 0.2117 0.2025 0.0231  0.0175  0.0195  345  ARG A CA  
90  C C   . ARG A 12 ? 0.2821 0.2482 0.1530 0.0000  -0.0029 0.0234  345  ARG A C   
91  O O   . ARG A 12 ? 0.3799 0.3427 0.1427 0.0058  -0.0072 0.0524  345  ARG A O   
92  C CB  . ARG A 12 ? 0.2764 0.2540 0.1846 0.0140  -0.0170 0.0470  345  ARG A CB  
93  C CG  . ARG A 12 ? 0.2917 0.3182 0.2954 0.0106  0.0026  0.0302  345  ARG A CG  
94  C CD  . ARG A 12 ? 0.4312 0.4597 0.4752 -0.0168 -0.0281 -0.0054 345  ARG A CD  
95  N NE  . ARG A 12 ? 0.5265 0.5283 0.5331 -0.0281 0.0063  0.0183  345  ARG A NE  
96  C CZ  . ARG A 12 ? 0.5026 0.4777 0.4913 -0.0161 0.0151  0.0005  345  ARG A CZ  
97  N NH1 . ARG A 12 ? 0.5570 0.5143 0.5200 0.0142  -0.0104 0.0003  345  ARG A NH1 
98  N NH2 . ARG A 12 ? 0.4766 0.3873 0.4252 0.0126  -0.0125 -0.0123 345  ARG A NH2 
99  N N   . ASP A 13 ? 0.2645 0.1859 0.1803 -0.0069 0.0366  0.0300  346  ASP A N   
100 C CA  . ASP A 13 ? 0.2622 0.2134 0.1845 0.0048  0.0364  0.0522  346  ASP A CA  
101 C C   . ASP A 13 ? 0.1948 0.1424 0.2015 -0.0283 0.0505  0.0492  346  ASP A C   
102 O O   . ASP A 13 ? 0.2408 0.1507 0.1402 0.0431  0.0682  0.0584  346  ASP A O   
103 C CB  . ASP A 13 ? 0.3036 0.2176 0.2039 -0.0046 0.0257  0.0632  346  ASP A CB  
104 C CG  . ASP A 13 ? 0.2678 0.2731 0.2118 0.0092  -0.0291 0.0562  346  ASP A CG  
105 O OD1 . ASP A 13 ? 0.2787 0.2434 0.3160 0.0507  -0.0199 0.0668  346  ASP A OD1 
106 O OD2 . ASP A 13 ? 0.2495 0.2648 0.3756 -0.0107 0.0019  0.0865  346  ASP A OD2 
107 N N   . SER A 14 ? 0.2071 0.1160 0.1778 0.0220  0.0912  0.0335  347  SER A N   
108 C CA  . SER A 14 ? 0.1876 0.1366 0.1993 0.0217  0.0509  0.0338  347  SER A CA  
109 C C   . SER A 14 ? 0.1565 0.1308 0.1595 0.0353  0.0325  0.0497  347  SER A C   
110 O O   . SER A 14 ? 0.2037 0.1442 0.2044 0.0467  0.0538  0.0421  347  SER A O   
111 C CB  . SER A 14 ? 0.1947 0.1689 0.1766 0.0297  0.0532  0.0228  347  SER A CB  
112 O OG  . SER A 14 ? 0.2461 0.1374 0.2317 0.0679  0.0857  0.0610  347  SER A OG  
113 N N   . GLY A 15 ? 0.1555 0.1234 0.1533 0.0396  0.0765  0.0753  348  GLY A N   
114 C CA  . GLY A 15 ? 0.1484 0.1238 0.1315 0.0382  0.0847  0.0388  348  GLY A CA  
115 C C   . GLY A 15 ? 0.1551 0.1027 0.1424 0.0364  0.0873  0.0494  348  GLY A C   
116 O O   . GLY A 15 ? 0.1709 0.0845 0.1843 0.0573  0.0972  0.0514  348  GLY A O   
117 N N   . GLU A 16 ? 0.1509 0.0934 0.1410 0.0424  0.0809  0.0552  349  GLU A N   
118 C CA  . GLU A 16 ? 0.1303 0.1029 0.1807 0.0374  0.0649  0.0523  349  GLU A CA  
119 C C   . GLU A 16 ? 0.1970 0.0866 0.1609 0.0270  0.0780  0.0171  349  GLU A C   
120 O O   . GLU A 16 ? 0.2432 0.1045 0.1275 0.0341  0.0756  0.0274  349  GLU A O   
121 C CB  . GLU A 16 ? 0.1442 0.1321 0.1555 0.0172  0.0531  0.0517  349  GLU A CB  
122 C CG  . GLU A 16 ? 0.1491 0.1548 0.2055 0.0304  0.0428  0.0688  349  GLU A CG  
123 C CD  . GLU A 16 ? 0.1635 0.1815 0.2019 0.0546  -0.0133 0.0479  349  GLU A CD  
124 O OE1 . GLU A 16 ? 0.2063 0.1920 0.2568 0.0426  0.0202  0.0042  349  GLU A OE1 
125 O OE2 . GLU A 16 ? 0.1686 0.2356 0.3510 0.0316  0.0015  0.0523  349  GLU A OE2 
126 N N   . GLN A 17 ? 0.2286 0.0759 0.1941 -0.0136 0.1217  0.0160  350  GLN A N   
127 C CA  . GLN A 17 ? 0.2057 0.1057 0.1989 -0.0323 0.0941  -0.0111 350  GLN A CA  
128 C C   . GLN A 17 ? 0.1233 0.0903 0.1649 -0.0311 0.0623  -0.0026 350  GLN A C   
129 O O   . GLN A 17 ? 0.1671 0.1166 0.1420 -0.0332 0.0537  0.0183  350  GLN A O   
130 C CB  . GLN A 17 ? 0.2532 0.1453 0.2472 0.0057  0.0857  0.0064  350  GLN A CB  
131 C CG  A GLN A 17 ? 0.2696 0.1064 0.1249 0.0051  0.0112  0.0502  350  GLN A CG  
132 C CD  A GLN A 17 ? 0.2085 0.1476 0.1211 -0.0436 0.0269  -0.0230 350  GLN A CD  
133 O OE1 A GLN A 17 ? 0.3202 0.2634 0.1372 -0.0080 0.0199  -0.0098 350  GLN A OE1 
134 N NE2 A GLN A 17 ? 0.2433 0.1704 0.1641 -0.0125 -0.0243 -0.0069 350  GLN A NE2 
135 N N   . LEU A 18 ? 0.0732 0.1122 0.1598 -0.0204 -0.0014 -0.0348 351  LEU A N   
136 C CA  . LEU A 18 ? 0.1032 0.0844 0.1082 -0.0324 0.0253  -0.0045 351  LEU A CA  
137 C C   . LEU A 18 ? 0.0994 0.0821 0.0825 -0.0039 0.0003  0.0106  351  LEU A C   
138 O O   . LEU A 18 ? 0.1130 0.0677 0.1169 -0.0382 -0.0039 0.0036  351  LEU A O   
139 C CB  . LEU A 18 ? 0.1197 0.1268 0.1342 -0.0021 -0.0036 -0.0448 351  LEU A CB  
140 C CG  . LEU A 18 ? 0.1046 0.1687 0.2453 0.0267  0.0260  -0.0498 351  LEU A CG  
141 C CD1 . LEU A 18 ? 0.1676 0.1939 0.2722 0.0207  -0.0646 -0.0509 351  LEU A CD1 
142 C CD2 . LEU A 18 ? 0.1458 0.1913 0.2245 0.0295  0.0628  -0.0333 351  LEU A CD2 
143 N N   . GLY A 19 ? 0.0765 0.0698 0.0986 -0.0167 0.0062  0.0005  352  GLY A N   
144 C CA  . GLY A 19 ? 0.0860 0.0642 0.0702 -0.0228 0.0000  0.0057  352  GLY A CA  
145 C C   . GLY A 19 ? 0.0708 0.0580 0.0811 -0.0138 -0.0103 0.0181  352  GLY A C   
146 O O   . GLY A 19 ? 0.0700 0.0814 0.0980 -0.0188 0.0064  0.0131  352  GLY A O   
147 N N   . ILE A 20 ? 0.0496 0.0985 0.0879 -0.0206 -0.0032 0.0004  353  ILE A N   
148 C CA  . ILE A 20 ? 0.0815 0.0841 0.0933 -0.0215 -0.0164 -0.0055 353  ILE A CA  
149 C C   . ILE A 20 ? 0.0756 0.1112 0.0784 -0.0195 -0.0169 -0.0093 353  ILE A C   
150 O O   . ILE A 20 ? 0.0914 0.1274 0.1336 -0.0451 0.0072  -0.0036 353  ILE A O   
151 C CB  . ILE A 20 ? 0.1006 0.1037 0.1078 -0.0131 -0.0234 0.0109  353  ILE A CB  
152 C CG1 . ILE A 20 ? 0.1611 0.0865 0.1317 -0.0101 -0.0399 -0.0267 353  ILE A CG1 
153 C CG2 . ILE A 20 ? 0.1394 0.2029 0.1139 0.0087  -0.0366 0.0008  353  ILE A CG2 
154 C CD1 . ILE A 20 ? 0.1618 0.1102 0.2267 0.0311  -0.0277 -0.0178 353  ILE A CD1 
155 N N   . LYS A 21 ? 0.1088 0.0696 0.0902 -0.0261 -0.0011 0.0076  354  LYS A N   
156 C CA  . LYS A 21 ? 0.0981 0.0682 0.0686 -0.0147 -0.0115 0.0212  354  LYS A CA  
157 C C   . LYS A 21 ? 0.1534 0.0561 0.1030 -0.0087 -0.0060 -0.0052 354  LYS A C   
158 O O   . LYS A 21 ? 0.1042 0.0910 0.1181 -0.0187 -0.0132 0.0053  354  LYS A O   
159 C CB  . LYS A 21 ? 0.1505 0.0720 0.0896 -0.0314 -0.0149 -0.0094 354  LYS A CB  
160 C CG  . LYS A 21 ? 0.2623 0.1545 0.1584 0.0271  0.0037  0.0054  354  LYS A CG  
161 C CD  . LYS A 21 ? 0.2502 0.2646 0.2512 0.0545  0.0094  -0.0512 354  LYS A CD  
162 C CE  . LYS A 21 ? 0.2007 0.1944 0.2559 0.0149  -0.0146 0.0233  354  LYS A CE  
163 N NZ  . LYS A 21 ? 0.2837 0.3488 0.2722 -0.0086 0.0308  -0.0200 354  LYS A NZ  
164 N N   . LEU A 22 ? 0.1155 0.0860 0.0466 -0.0173 -0.0209 -0.0035 355  LEU A N   
165 C CA  . LEU A 22 ? 0.1141 0.0802 0.0734 -0.0042 -0.0097 -0.0108 355  LEU A CA  
166 C C   . LEU A 22 ? 0.1032 0.0950 0.0657 -0.0152 -0.0214 0.0122  355  LEU A C   
167 O O   . LEU A 22 ? 0.1625 0.0879 0.0782 -0.0379 -0.0203 0.0087  355  LEU A O   
168 C CB  . LEU A 22 ? 0.1240 0.1089 0.1102 0.0120  -0.0323 0.0106  355  LEU A CB  
169 C CG  . LEU A 22 ? 0.1275 0.1977 0.1298 0.0164  -0.0087 -0.0335 355  LEU A CG  
170 C CD1 . LEU A 22 ? 0.1399 0.2866 0.1959 0.0283  0.0446  -0.0640 355  LEU A CD1 
171 C CD2 . LEU A 22 ? 0.1897 0.0922 0.1768 -0.0148 -0.0380 -0.0289 355  LEU A CD2 
172 N N   . VAL A 23 ? 0.1107 0.0540 0.0765 0.0044  -0.0299 -0.0008 356  VAL A N   
173 C CA  . VAL A 23 ? 0.1133 0.0555 0.0723 0.0069  -0.0302 -0.0188 356  VAL A CA  
174 C C   . VAL A 23 ? 0.1206 0.0445 0.0748 -0.0301 -0.0005 -0.0016 356  VAL A C   
175 O O   . VAL A 23 ? 0.1246 0.0489 0.0932 -0.0063 -0.0312 -0.0146 356  VAL A O   
176 C CB  . VAL A 23 ? 0.1232 0.0604 0.0875 -0.0222 -0.0144 -0.0043 356  VAL A CB  
177 C CG1 . VAL A 23 ? 0.1218 0.1099 0.1634 0.0011  -0.0329 0.0311  356  VAL A CG1 
178 C CG2 . VAL A 23 ? 0.1197 0.0719 0.1412 -0.0160 -0.0138 0.0071  356  VAL A CG2 
179 N N   . ARG A 24 ? 0.0976 0.0364 0.0963 -0.0091 -0.0181 -0.0018 357  ARG A N   
180 C CA  . ARG A 24 ? 0.0840 0.0766 0.0830 0.0102  -0.0216 -0.0105 357  ARG A CA  
181 C C   . ARG A 24 ? 0.1059 0.0964 0.0988 0.0026  -0.0196 -0.0147 357  ARG A C   
182 O O   . ARG A 24 ? 0.1429 0.1274 0.1142 0.0442  -0.0236 -0.0160 357  ARG A O   
183 C CB  . ARG A 24 ? 0.1073 0.1018 0.0913 0.0139  -0.0527 -0.0150 357  ARG A CB  
184 C CG  . ARG A 24 ? 0.1081 0.1018 0.0980 0.0091  -0.0215 -0.0082 357  ARG A CG  
185 C CD  . ARG A 24 ? 0.1554 0.1288 0.1633 -0.0036 -0.0331 -0.0559 357  ARG A CD  
186 N NE  . ARG A 24 ? 0.1675 0.1214 0.1608 -0.0212 -0.0414 -0.0331 357  ARG A NE  
187 C CZ  . ARG A 24 ? 0.1643 0.1858 0.1559 -0.0223 -0.0472 -0.0171 357  ARG A CZ  
188 N NH1 . ARG A 24 ? 0.1718 0.1443 0.1997 -0.0611 -0.0351 0.0302  357  ARG A NH1 
189 N NH2 . ARG A 24 ? 0.1848 0.1339 0.2638 -0.0287 -0.0641 -0.0143 357  ARG A NH2 
190 N N   . ARG A 25 ? 0.1316 0.0818 0.0854 0.0187  -0.0053 0.0146  358  ARG A N   
191 C CA  . ARG A 25 ? 0.1644 0.1353 0.1010 0.0154  0.0126  -0.0092 358  ARG A CA  
192 C C   . ARG A 25 ? 0.2204 0.1619 0.0877 0.0104  0.0033  0.0123  358  ARG A C   
193 O O   . ARG A 25 ? 0.1960 0.1580 0.1175 -0.0020 -0.0158 -0.0227 358  ARG A O   
194 C CB  . ARG A 25 ? 0.1852 0.1180 0.1198 0.0085  0.0231  0.0001  358  ARG A CB  
195 C CG  . ARG A 25 ? 0.1945 0.1716 0.1777 -0.0178 0.0277  -0.0365 358  ARG A CG  
196 C CD  . ARG A 25 ? 0.2283 0.1974 0.1303 0.0013  0.0495  -0.0327 358  ARG A CD  
197 N NE  . ARG A 25 ? 0.2876 0.3264 0.1781 -0.0303 0.0149  -0.0182 358  ARG A NE  
198 C CZ  . ARG A 25 ? 0.3140 0.2595 0.2527 -0.0798 0.0018  -0.0131 358  ARG A CZ  
199 N NH1 . ARG A 25 ? 0.3633 0.3359 0.2926 -0.0186 -0.0304 0.0041  358  ARG A NH1 
200 N NH2 . ARG A 25 ? 0.1307 0.3495 0.2712 -0.0216 -0.0021 -0.0543 358  ARG A NH2 
201 N N   . THR A 26 ? 0.1996 0.1801 0.1316 0.0077  0.0261  -0.0134 359  THR A N   
202 C CA  . THR A 26 ? 0.2885 0.1709 0.1510 0.0109  0.0216  -0.0190 359  THR A CA  
203 C C   . THR A 26 ? 0.2375 0.1767 0.1488 0.0170  0.0052  -0.0425 359  THR A C   
204 O O   . THR A 26 ? 0.3377 0.2897 0.1305 0.0028  -0.0467 -0.0346 359  THR A O   
205 C CB  . THR A 26 ? 0.2437 0.2068 0.1565 0.0119  0.0377  -0.0548 359  THR A CB  
206 O OG1 . THR A 26 ? 0.2576 0.3013 0.2264 -0.0385 0.0440  -0.0516 359  THR A OG1 
207 C CG2 . THR A 26 ? 0.3209 0.2129 0.1861 0.0200  -0.0077 0.0118  359  THR A CG2 
208 N N   . ASP A 27 ? 0.3130 0.2113 0.0977 -0.0037 0.0105  0.0045  360  ASP A N   
209 C CA  . ASP A 27 ? 0.3124 0.2370 0.1592 0.0011  0.0122  0.0278  360  ASP A CA  
210 C C   . ASP A 27 ? 0.3234 0.2280 0.1206 0.0198  -0.0141 0.0156  360  ASP A C   
211 O O   . ASP A 27 ? 0.4077 0.1997 0.1724 -0.0079 -0.0250 0.0395  360  ASP A O   
212 C CB  . ASP A 27 ? 0.3215 0.3101 0.2590 0.0159  0.0313  0.0354  360  ASP A CB  
213 C CG  . ASP A 27 ? 0.4518 0.3964 0.3655 -0.0083 -0.0094 -0.0158 360  ASP A CG  
214 O OD1 . ASP A 27 ? 0.4644 0.3000 0.3442 -0.0142 0.0263  0.0235  360  ASP A OD1 
215 O OD2 . ASP A 27 ? 0.5384 0.5845 0.6166 -0.0394 0.0422  0.0327  360  ASP A OD2 
216 N N   . GLU A 28 ? 0.2995 0.1730 0.1043 0.0324  -0.0060 0.0331  361  GLU A N   
217 C CA  . GLU A 28 ? 0.2670 0.1976 0.1337 0.0069  -0.0186 0.0228  361  GLU A CA  
218 C C   . GLU A 28 ? 0.2266 0.1700 0.1163 -0.0181 -0.0354 0.0076  361  GLU A C   
219 O O   . GLU A 28 ? 0.2271 0.1205 0.1053 0.0049  -0.0202 0.0155  361  GLU A O   
220 C CB  . GLU A 28 ? 0.2650 0.2311 0.1826 0.0156  0.0185  -0.0002 361  GLU A CB  
221 C CG  . GLU A 28 ? 0.2276 0.1868 0.1927 -0.0490 0.0158  0.0193  361  GLU A CG  
222 C CD  . GLU A 28 ? 0.2718 0.1686 0.2360 -0.0034 0.0595  0.0691  361  GLU A CD  
223 O OE1 . GLU A 28 ? 0.3670 0.1922 0.4283 -0.1008 -0.0164 0.0204  361  GLU A OE1 
224 O OE2 . GLU A 28 ? 0.3237 0.4289 0.4632 -0.0516 -0.0303 0.0339  361  GLU A OE2 
225 N N   . PRO A 29 ? 0.1958 0.1092 0.1245 -0.0209 -0.0706 0.0173  362  PRO A N   
226 C CA  . PRO A 29 ? 0.1261 0.1130 0.1209 -0.0196 -0.0265 -0.0105 362  PRO A CA  
227 C C   . PRO A 29 ? 0.1400 0.1005 0.1472 -0.0157 -0.0448 0.0168  362  PRO A C   
228 O O   . PRO A 29 ? 0.1585 0.1183 0.1213 -0.0001 -0.0562 0.0107  362  PRO A O   
229 C CB  . PRO A 29 ? 0.1681 0.1429 0.2020 -0.0214 -0.0435 0.0106  362  PRO A CB  
230 C CG  . PRO A 29 ? 0.1830 0.1861 0.1368 -0.0279 -0.0594 0.0144  362  PRO A CG  
231 C CD  . PRO A 29 ? 0.2221 0.1588 0.1491 -0.0184 -0.0743 0.0265  362  PRO A CD  
232 N N   . GLY A 30 ? 0.1211 0.0788 0.1147 -0.0255 -0.0352 -0.0116 363  GLY A N   
233 C CA  . GLY A 30 ? 0.1104 0.0888 0.1242 0.0020  -0.0365 -0.0233 363  GLY A CA  
234 C C   . GLY A 30 ? 0.0992 0.0834 0.0882 0.0063  0.0042  -0.0093 363  GLY A C   
235 O O   . GLY A 30 ? 0.1161 0.0841 0.0879 0.0062  -0.0410 -0.0287 363  GLY A O   
236 N N   . VAL A 31 ? 0.0990 0.0786 0.0660 0.0016  -0.0220 -0.0143 364  VAL A N   
237 C CA  . VAL A 31 ? 0.0980 0.0539 0.0969 0.0009  -0.0094 -0.0135 364  VAL A CA  
238 C C   . VAL A 31 ? 0.0916 0.0571 0.0549 0.0009  -0.0159 -0.0060 364  VAL A C   
239 O O   . VAL A 31 ? 0.0991 0.0420 0.0925 0.0148  -0.0003 -0.0065 364  VAL A O   
240 C CB  . VAL A 31 ? 0.1114 0.1316 0.1022 -0.0679 -0.0328 0.0342  364  VAL A CB  
241 C CG1 . VAL A 31 ? 0.0974 0.1928 0.1396 0.0073  -0.0328 0.0370  364  VAL A CG1 
242 C CG2 . VAL A 31 ? 0.1639 0.1496 0.1428 -0.0588 -0.0157 -0.0046 364  VAL A CG2 
243 N N   . PHE A 32 ? 0.0765 0.0355 0.0828 0.0057  0.0018  -0.0096 365  PHE A N   
244 C CA  . PHE A 32 ? 0.1181 0.0546 0.0698 0.0158  -0.0086 -0.0121 365  PHE A CA  
245 C C   . PHE A 32 ? 0.0854 0.0677 0.0797 0.0055  -0.0186 -0.0155 365  PHE A C   
246 O O   . PHE A 32 ? 0.1412 0.0566 0.1173 -0.0090 -0.0469 -0.0039 365  PHE A O   
247 C CB  . PHE A 32 ? 0.1016 0.0632 0.0875 0.0149  -0.0132 0.0080  365  PHE A CB  
248 C CG  . PHE A 32 ? 0.0987 0.0902 0.0603 0.0128  -0.0017 -0.0007 365  PHE A CG  
249 C CD1 . PHE A 32 ? 0.1054 0.0859 0.0696 0.0053  0.0059  -0.0028 365  PHE A CD1 
250 C CD2 . PHE A 32 ? 0.0837 0.0890 0.0772 -0.0211 -0.0068 -0.0075 365  PHE A CD2 
251 C CE1 . PHE A 32 ? 0.1493 0.0689 0.0981 0.0133  -0.0045 0.0030  365  PHE A CE1 
252 C CE2 . PHE A 32 ? 0.1187 0.1119 0.0867 -0.0239 -0.0461 -0.0202 365  PHE A CE2 
253 C CZ  . PHE A 32 ? 0.1271 0.1218 0.0736 0.0230  -0.0139 -0.0126 365  PHE A CZ  
254 N N   . ILE A 33 ? 0.0955 0.0429 0.0785 0.0056  -0.0200 -0.0017 366  ILE A N   
255 C CA  . ILE A 33 ? 0.1054 0.0575 0.0642 0.0055  -0.0046 0.0158  366  ILE A CA  
256 C C   . ILE A 33 ? 0.0988 0.0992 0.0880 0.0171  0.0055  0.0110  366  ILE A C   
257 O O   . ILE A 33 ? 0.1178 0.0719 0.1147 -0.0058 0.0077  0.0037  366  ILE A O   
258 C CB  . ILE A 33 ? 0.1266 0.0502 0.0722 -0.0136 -0.0193 -0.0109 366  ILE A CB  
259 C CG1 . ILE A 33 ? 0.1442 0.0817 0.0705 0.0189  -0.0197 -0.0125 366  ILE A CG1 
260 C CG2 . ILE A 33 ? 0.1139 0.1144 0.0897 -0.0038 -0.0478 -0.0054 366  ILE A CG2 
261 C CD1 . ILE A 33 ? 0.1761 0.0904 0.1116 0.0116  -0.0386 -0.0424 366  ILE A CD1 
262 N N   . LEU A 34 ? 0.1043 0.0794 0.0703 0.0204  0.0033  0.0018  367  LEU A N   
263 C CA  . LEU A 34 ? 0.1404 0.1089 0.1014 0.0064  0.0093  0.0074  367  LEU A CA  
264 C C   . LEU A 34 ? 0.1280 0.1042 0.0822 0.0230  0.0310  -0.0156 367  LEU A C   
265 O O   . LEU A 34 ? 0.1103 0.1149 0.1240 0.0171  0.0305  0.0014  367  LEU A O   
266 C CB  . LEU A 34 ? 0.1274 0.0823 0.1558 0.0357  0.0053  -0.0131 367  LEU A CB  
267 C CG  . LEU A 34 ? 0.1177 0.1173 0.1769 0.0164  -0.0138 -0.0352 367  LEU A CG  
268 C CD1 . LEU A 34 ? 0.1753 0.2008 0.1497 0.0182  0.0048  -0.0332 367  LEU A CD1 
269 C CD2 . LEU A 34 ? 0.2638 0.1225 0.2677 0.0771  -0.0113 -0.0426 367  LEU A CD2 
270 N N   . ASP A 35 ? 0.1028 0.1169 0.0842 -0.0105 0.0090  -0.0148 368  ASP A N   
271 C CA  . ASP A 35 ? 0.1287 0.1284 0.0837 -0.0117 0.0178  -0.0102 368  ASP A CA  
272 C C   . ASP A 35 ? 0.1015 0.0966 0.0820 0.0034  0.0082  0.0223  368  ASP A C   
273 O O   . ASP A 35 ? 0.0838 0.1032 0.1111 -0.0154 0.0118  0.0172  368  ASP A O   
274 C CB  . ASP A 35 ? 0.1911 0.2562 0.1574 0.0216  -0.0094 -0.0263 368  ASP A CB  
275 C CG  . ASP A 35 ? 0.2331 0.2375 0.2198 0.0876  -0.0304 -0.0058 368  ASP A CG  
276 O OD1 . ASP A 35 ? 0.3861 0.3335 0.3204 0.0100  0.0466  -0.0004 368  ASP A OD1 
277 O OD2 . ASP A 35 ? 0.5857 0.4145 0.4224 -0.0019 0.0150  -0.0687 368  ASP A OD2 
278 N N   . LEU A 36 ? 0.0973 0.1642 0.1167 -0.0292 0.0007  -0.0091 369  LEU A N   
279 C CA  . LEU A 36 ? 0.0819 0.1664 0.0941 0.0084  0.0067  -0.0159 369  LEU A CA  
280 C C   . LEU A 36 ? 0.0939 0.1692 0.1489 0.0352  0.0039  -0.0049 369  LEU A C   
281 O O   . LEU A 36 ? 0.1310 0.3187 0.1853 0.0839  0.0288  0.0411  369  LEU A O   
282 C CB  . LEU A 36 ? 0.1118 0.1657 0.0850 -0.0260 0.0047  -0.0006 369  LEU A CB  
283 C CG  . LEU A 36 ? 0.1573 0.1444 0.1521 -0.0268 -0.0086 0.0002  369  LEU A CG  
284 C CD1 . LEU A 36 ? 0.1887 0.1572 0.1309 -0.0331 -0.0219 -0.0152 369  LEU A CD1 
285 C CD2 . LEU A 36 ? 0.1409 0.1578 0.1093 0.0163  -0.0240 -0.0273 369  LEU A CD2 
286 N N   . LEU A 37 ? 0.0958 0.1376 0.1530 0.0115  -0.0109 -0.0039 370  LEU A N   
287 C CA  . LEU A 37 ? 0.1323 0.0999 0.1440 0.0494  -0.0174 -0.0146 370  LEU A CA  
288 C C   . LEU A 37 ? 0.0992 0.1218 0.1498 0.0166  -0.0097 -0.0133 370  LEU A C   
289 O O   . LEU A 37 ? 0.1058 0.0965 0.1468 0.0030  -0.0193 -0.0051 370  LEU A O   
290 C CB  . LEU A 37 ? 0.1587 0.1211 0.1429 -0.0080 -0.0422 0.0041  370  LEU A CB  
291 C CG  A LEU A 37 ? 0.2037 0.1468 0.2359 -0.0408 -0.0200 0.0054  370  LEU A CG  
292 C CG  B LEU A 37 ? 0.2150 0.2077 0.2606 -0.0352 -0.0482 0.0036  370  LEU A CG  
293 C CD1 A LEU A 37 ? 0.2584 0.1669 0.2534 -0.0136 -0.0074 0.0260  370  LEU A CD1 
294 C CD1 B LEU A 37 ? 0.2098 0.1874 0.1873 -0.0062 -0.0373 -0.0205 370  LEU A CD1 
295 C CD2 A LEU A 37 ? 0.2361 0.2054 0.2150 -0.0217 -0.0260 -0.0374 370  LEU A CD2 
296 C CD2 B LEU A 37 ? 0.3144 0.2666 0.2766 -0.0112 0.0031  -0.0100 370  LEU A CD2 
297 N N   . GLU A 38 ? 0.1198 0.1430 0.2022 0.0533  -0.0240 -0.0322 371  GLU A N   
298 C CA  . GLU A 38 ? 0.1012 0.2081 0.2353 0.0313  -0.0359 -0.0337 371  GLU A CA  
299 C C   . GLU A 38 ? 0.1208 0.1842 0.2197 0.0137  -0.0495 0.0028  371  GLU A C   
300 O O   . GLU A 38 ? 0.2051 0.1451 0.2063 0.0621  -0.0444 0.0073  371  GLU A O   
301 C CB  . GLU A 38 ? 0.1762 0.2664 0.2711 0.0328  -0.0203 -0.0170 371  GLU A CB  
302 C CG  . GLU A 38 ? 0.1971 0.3087 0.3359 0.0193  -0.0043 -0.0037 371  GLU A CG  
303 C CD  . GLU A 38 ? 0.3488 0.3372 0.5011 0.0659  0.0015  -0.0290 371  GLU A CD  
304 O OE1 . GLU A 38 ? 0.1609 0.3058 0.4219 0.0184  0.0420  0.0143  371  GLU A OE1 
305 O OE2 . GLU A 38 ? 0.4759 0.5760 0.6305 -0.0404 -0.0223 -0.0354 371  GLU A OE2 
306 N N   . GLY A 39 ? 0.0872 0.1631 0.1839 0.0178  -0.0270 -0.0075 372  GLY A N   
307 C CA  . GLY A 39 ? 0.1848 0.1756 0.2085 0.0104  -0.0361 -0.0313 372  GLY A CA  
308 C C   . GLY A 39 ? 0.1667 0.1186 0.1736 0.0257  -0.0172 -0.0233 372  GLY A C   
309 O O   . GLY A 39 ? 0.2291 0.1329 0.1446 0.0614  -0.0467 -0.0046 372  GLY A O   
310 N N   . GLY A 40 ? 0.1672 0.0870 0.1203 0.0235  -0.0184 0.0192  373  GLY A N   
311 C CA  . GLY A 40 ? 0.1448 0.0973 0.1207 0.0089  0.0057  -0.0012 373  GLY A CA  
312 C C   . GLY A 40 ? 0.0951 0.0910 0.0972 -0.0101 -0.0133 0.0047  373  GLY A C   
313 O O   . GLY A 40 ? 0.0836 0.0941 0.1033 -0.0186 0.0019  0.0043  373  GLY A O   
314 N N   . LEU A 41 ? 0.0995 0.1048 0.0852 -0.0293 0.0020  0.0195  374  LEU A N   
315 C CA  . LEU A 41 ? 0.1153 0.1033 0.0854 -0.0254 0.0080  -0.0303 374  LEU A CA  
316 C C   . LEU A 41 ? 0.0383 0.1150 0.0859 -0.0298 0.0177  -0.0125 374  LEU A C   
317 O O   . LEU A 41 ? 0.0451 0.0808 0.1037 -0.0304 -0.0026 -0.0214 374  LEU A O   
318 C CB  . LEU A 41 ? 0.1265 0.1804 0.1004 -0.0224 0.0006  0.0006  374  LEU A CB  
319 C CG  . LEU A 41 ? 0.1608 0.2067 0.1915 0.0061  -0.0082 -0.0119 374  LEU A CG  
320 C CD1 . LEU A 41 ? 0.0792 0.2568 0.1783 -0.0262 0.0665  -0.0754 374  LEU A CD1 
321 C CD2 . LEU A 41 ? 0.1337 0.2769 0.1091 -0.0506 0.0057  -0.0344 374  LEU A CD2 
322 N N   . ALA A 42 ? 0.0879 0.0518 0.0919 -0.0140 -0.0035 -0.0283 375  ALA A N   
323 C CA  . ALA A 42 ? 0.0685 0.0552 0.0851 -0.0104 0.0039  -0.0134 375  ALA A CA  
324 C C   . ALA A 42 ? 0.0801 0.0727 0.0750 0.0001  -0.0001 -0.0158 375  ALA A C   
325 O O   . ALA A 42 ? 0.0891 0.0547 0.0783 -0.0097 -0.0043 -0.0128 375  ALA A O   
326 C CB  . ALA A 42 ? 0.0724 0.0852 0.0936 -0.0114 -0.0160 -0.0355 375  ALA A CB  
327 N N   . ALA A 43 ? 0.0753 0.0464 0.0747 -0.0040 0.0142  -0.0042 376  ALA A N   
328 C CA  . ALA A 43 ? 0.0512 0.1035 0.0714 -0.0115 0.0132  -0.0299 376  ALA A CA  
329 C C   . ALA A 43 ? 0.0818 0.1029 0.0687 0.0162  0.0128  -0.0271 376  ALA A C   
330 O O   . ALA A 43 ? 0.0764 0.0984 0.1163 -0.0233 0.0170  -0.0093 376  ALA A O   
331 C CB  . ALA A 43 ? 0.0850 0.0961 0.1419 0.0206  0.0151  -0.0436 376  ALA A CB  
332 N N   . GLN A 44 ? 0.0662 0.1092 0.0810 -0.0103 0.0087  -0.0110 377  GLN A N   
333 C CA  . GLN A 44 ? 0.0516 0.0718 0.1029 -0.0090 -0.0120 -0.0204 377  GLN A CA  
334 C C   . GLN A 44 ? 0.0769 0.0683 0.0763 0.0012  0.0005  -0.0018 377  GLN A C   
335 O O   . GLN A 44 ? 0.0798 0.0672 0.1068 -0.0145 0.0040  -0.0170 377  GLN A O   
336 C CB  . GLN A 44 ? 0.0630 0.1055 0.0660 -0.0075 -0.0042 -0.0146 377  GLN A CB  
337 C CG  . GLN A 44 ? 0.1007 0.1209 0.1172 0.0003  -0.0368 -0.0106 377  GLN A CG  
338 C CD  . GLN A 44 ? 0.2305 0.0848 0.1260 0.0207  -0.0187 -0.0106 377  GLN A CD  
339 O OE1 . GLN A 44 ? 0.2954 0.1180 0.1442 0.0187  -0.0290 -0.0175 377  GLN A OE1 
340 N NE2 . GLN A 44 ? 0.2899 0.1190 0.1592 -0.0300 -0.0344 0.0078  377  GLN A NE2 
341 N N   . ASP A 45 ? 0.0607 0.0753 0.0610 -0.0102 -0.0121 0.0046  378  ASP A N   
342 C CA  . ASP A 45 ? 0.0841 0.0646 0.0563 -0.0156 -0.0219 0.0153  378  ASP A CA  
343 C C   . ASP A 45 ? 0.0892 0.0571 0.0896 0.0004  -0.0156 0.0148  378  ASP A C   
344 O O   . ASP A 45 ? 0.1279 0.0801 0.0929 -0.0306 0.0002  0.0181  378  ASP A O   
345 C CB  . ASP A 45 ? 0.0632 0.0590 0.0820 0.0059  -0.0203 -0.0100 378  ASP A CB  
346 C CG  . ASP A 45 ? 0.1046 0.0869 0.0837 -0.0204 -0.0220 -0.0058 378  ASP A CG  
347 O OD1 . ASP A 45 ? 0.1298 0.0819 0.0889 0.0124  -0.0305 -0.0187 378  ASP A OD1 
348 O OD2 . ASP A 45 ? 0.1148 0.0847 0.0833 0.0012  -0.0110 -0.0043 378  ASP A OD2 
349 N N   . GLY A 46 ? 0.0747 0.0790 0.0763 -0.0130 0.0070  -0.0007 379  GLY A N   
350 C CA  . GLY A 46 ? 0.1089 0.1206 0.0832 -0.0095 -0.0120 0.0166  379  GLY A CA  
351 C C   . GLY A 46 ? 0.0759 0.1531 0.0907 -0.0206 0.0049  0.0077  379  GLY A C   
352 O O   . GLY A 46 ? 0.1220 0.2519 0.0911 0.0075  0.0274  0.0457  379  GLY A O   
353 N N   . ARG A 47 ? 0.0893 0.1056 0.0537 -0.0058 -0.0014 0.0126  380  ARG A N   
354 C CA  . ARG A 47 ? 0.1021 0.1104 0.0929 -0.0313 -0.0036 0.0179  380  ARG A CA  
355 C C   . ARG A 47 ? 0.0905 0.1253 0.1119 -0.0293 -0.0075 0.0067  380  ARG A C   
356 O O   . ARG A 47 ? 0.1644 0.2716 0.0834 -0.0881 -0.0176 0.0451  380  ARG A O   
357 C CB  . ARG A 47 ? 0.0939 0.1071 0.0809 -0.0222 -0.0154 0.0361  380  ARG A CB  
358 C CG  . ARG A 47 ? 0.1481 0.1104 0.0905 -0.0209 0.0046  0.0303  380  ARG A CG  
359 C CD  . ARG A 47 ? 0.1401 0.1102 0.1250 -0.0170 -0.0263 -0.0067 380  ARG A CD  
360 N NE  . ARG A 47 ? 0.1219 0.0836 0.1111 -0.0107 -0.0207 -0.0113 380  ARG A NE  
361 C CZ  . ARG A 47 ? 0.0804 0.0655 0.1341 -0.0292 -0.0322 -0.0155 380  ARG A CZ  
362 N NH1 . ARG A 47 ? 0.1224 0.0535 0.2304 0.0086  -0.0391 -0.0047 380  ARG A NH1 
363 N NH2 . ARG A 47 ? 0.1039 0.0923 0.1287 -0.0082 -0.0226 -0.0135 380  ARG A NH2 
364 N N   . LEU A 48 ? 0.0947 0.1334 0.0616 -0.0146 -0.0082 -0.0247 381  LEU A N   
365 C CA  . LEU A 48 ? 0.0878 0.1132 0.0759 0.0084  -0.0283 -0.0198 381  LEU A CA  
366 C C   . LEU A 48 ? 0.0989 0.1473 0.1037 -0.0055 -0.0071 -0.0393 381  LEU A C   
367 O O   . LEU A 48 ? 0.1037 0.2064 0.1171 0.0185  -0.0032 -0.0617 381  LEU A O   
368 C CB  . LEU A 48 ? 0.0842 0.1062 0.0868 -0.0085 -0.0397 -0.0468 381  LEU A CB  
369 C CG  . LEU A 48 ? 0.1113 0.1069 0.0859 0.0187  0.0021  -0.0567 381  LEU A CG  
370 C CD1 . LEU A 48 ? 0.1230 0.1608 0.1287 0.0265  0.0250  0.0195  381  LEU A CD1 
371 C CD2 . LEU A 48 ? 0.1219 0.1636 0.0817 0.0201  -0.0137 -0.0069 381  LEU A CD2 
372 N N   . SER A 49 ? 0.0824 0.1270 0.0921 0.0151  0.0068  -0.0462 382  SER A N   
373 C CA  . SER A 49 ? 0.0979 0.1318 0.1078 0.0106  0.0213  -0.0310 382  SER A CA  
374 C C   . SER A 49 ? 0.1073 0.1009 0.0836 0.0093  0.0328  -0.0174 382  SER A C   
375 O O   . SER A 49 ? 0.0940 0.1108 0.0890 0.0175  0.0141  -0.0085 382  SER A O   
376 C CB  . SER A 49 ? 0.1242 0.1535 0.1374 -0.0146 0.0377  -0.0502 382  SER A CB  
377 O OG  . SER A 49 ? 0.1795 0.2123 0.1700 -0.0060 0.0610  -0.0297 382  SER A OG  
378 N N   . SER A 50 ? 0.0846 0.1117 0.0701 0.0291  0.0110  -0.0302 383  SER A N   
379 C CA  . SER A 50 ? 0.1210 0.1022 0.0778 0.0105  0.0328  0.0060  383  SER A CA  
380 C C   . SER A 50 ? 0.0975 0.0722 0.0676 0.0111  0.0319  -0.0230 383  SER A C   
381 O O   . SER A 50 ? 0.1110 0.0940 0.1044 -0.0024 0.0129  -0.0069 383  SER A O   
382 C CB  A SER A 50 ? 0.1032 0.0936 0.0885 0.0240  0.0251  -0.0137 383  SER A CB  
383 C CB  B SER A 50 ? 0.1098 0.1045 0.0880 0.0223  0.0203  -0.0172 383  SER A CB  
384 O OG  A SER A 50 ? 0.0692 0.0865 0.0866 0.0296  -0.0020 -0.0145 383  SER A OG  
385 O OG  B SER A 50 ? 0.1347 0.1793 0.2062 0.0093  0.0461  0.0027  383  SER A OG  
386 N N   . ASN A 51 ? 0.0795 0.0662 0.0762 0.0002  0.0179  -0.0087 384  ASN A N   
387 C CA  . ASN A 51 ? 0.0890 0.0996 0.0749 0.0078  0.0274  -0.0101 384  ASN A CA  
388 C C   . ASN A 51 ? 0.0996 0.0771 0.0695 0.0033  0.0266  -0.0152 384  ASN A C   
389 O O   . ASN A 51 ? 0.1000 0.1224 0.0886 0.0293  0.0070  -0.0002 384  ASN A O   
390 C CB  . ASN A 51 ? 0.0946 0.1396 0.0759 0.0038  -0.0002 -0.0126 384  ASN A CB  
391 C CG  . ASN A 51 ? 0.1545 0.1316 0.0880 0.0265  0.0243  -0.0253 384  ASN A CG  
392 O OD1 . ASN A 51 ? 0.1341 0.1901 0.1431 0.0159  0.0350  -0.0381 384  ASN A OD1 
393 N ND2 . ASN A 51 ? 0.0817 0.1669 0.1251 0.0016  0.0179  -0.0075 384  ASN A ND2 
394 N N   . ASP A 52 ? 0.0902 0.0733 0.0701 0.0216  0.0176  -0.0041 385  ASP A N   
395 C CA  . ASP A 52 ? 0.0721 0.0682 0.0870 0.0219  -0.0061 -0.0028 385  ASP A CA  
396 C C   . ASP A 52 ? 0.1031 0.0662 0.0696 0.0172  0.0065  -0.0053 385  ASP A C   
397 O O   . ASP A 52 ? 0.0863 0.0677 0.1100 0.0132  0.0053  0.0149  385  ASP A O   
398 C CB  . ASP A 52 ? 0.1035 0.0696 0.0864 0.0209  0.0105  -0.0068 385  ASP A CB  
399 C CG  . ASP A 52 ? 0.1268 0.1018 0.0790 0.0334  -0.0102 0.0017  385  ASP A CG  
400 O OD1 . ASP A 52 ? 0.1158 0.0978 0.0958 0.0066  -0.0016 0.0055  385  ASP A OD1 
401 O OD2 . ASP A 52 ? 0.1139 0.1058 0.1178 0.0276  -0.0114 -0.0140 385  ASP A OD2 
402 N N   . ARG A 53 ? 0.0637 0.0531 0.0824 0.0068  0.0035  0.0062  386  ARG A N   
403 C CA  . ARG A 53 ? 0.0758 0.0607 0.0529 0.0110  0.0124  0.0155  386  ARG A CA  
404 C C   . ARG A 53 ? 0.0637 0.0680 0.0565 -0.0033 0.0119  -0.0017 386  ARG A C   
405 O O   . ARG A 53 ? 0.1131 0.0361 0.1112 -0.0133 0.0295  -0.0061 386  ARG A O   
406 C CB  . ARG A 53 ? 0.0756 0.0884 0.0693 0.0034  0.0113  -0.0073 386  ARG A CB  
407 C CG  . ARG A 53 ? 0.0854 0.1093 0.0902 0.0101  -0.0084 0.0268  386  ARG A CG  
408 C CD  . ARG A 53 ? 0.0770 0.1059 0.1310 -0.0105 -0.0017 0.0258  386  ARG A CD  
409 N NE  . ARG A 53 ? 0.1017 0.0986 0.1368 0.0020  -0.0247 0.0214  386  ARG A NE  
410 C CZ  . ARG A 53 ? 0.1125 0.2075 0.1067 -0.0389 -0.0133 0.0532  386  ARG A CZ  
411 N NH1 . ARG A 53 ? 0.1415 0.2939 0.1926 -0.0864 -0.0728 0.1305  386  ARG A NH1 
412 N NH2 . ARG A 53 ? 0.1436 0.1878 0.1765 -0.0451 -0.0516 0.0517  386  ARG A NH2 
413 N N   . VAL A 54 ? 0.0939 0.0426 0.0810 -0.0071 0.0424  -0.0026 387  VAL A N   
414 C CA  . VAL A 54 ? 0.0790 0.0616 0.0881 -0.0167 0.0078  -0.0210 387  VAL A CA  
415 C C   . VAL A 54 ? 0.0594 0.0660 0.0720 -0.0090 -0.0002 -0.0125 387  VAL A C   
416 O O   . VAL A 54 ? 0.0879 0.0871 0.0866 -0.0147 0.0101  -0.0311 387  VAL A O   
417 C CB  . VAL A 54 ? 0.1248 0.0531 0.0791 -0.0010 0.0215  0.0168  387  VAL A CB  
418 C CG1 . VAL A 54 ? 0.0969 0.1281 0.0696 0.0099  0.0326  -0.0027 387  VAL A CG1 
419 C CG2 . VAL A 54 ? 0.1274 0.0979 0.1260 0.0622  0.0361  0.0175  387  VAL A CG2 
420 N N   . LEU A 55 ? 0.0645 0.0485 0.0728 -0.0115 0.0016  0.0005  388  LEU A N   
421 C CA  . LEU A 55 ? 0.0733 0.0779 0.0755 0.0045  -0.0082 -0.0070 388  LEU A CA  
422 C C   . LEU A 55 ? 0.0803 0.0759 0.0615 0.0075  -0.0008 -0.0120 388  LEU A C   
423 O O   . LEU A 55 ? 0.0677 0.0743 0.0866 -0.0078 -0.0125 -0.0057 388  LEU A O   
424 C CB  . LEU A 55 ? 0.0947 0.0711 0.0810 0.0073  -0.0007 0.0166  388  LEU A CB  
425 C CG  . LEU A 55 ? 0.0763 0.1105 0.1132 0.0031  0.0221  0.0395  388  LEU A CG  
426 C CD1 . LEU A 55 ? 0.1589 0.1062 0.1354 -0.0342 0.0464  0.0370  388  LEU A CD1 
427 C CD2 . LEU A 55 ? 0.2142 0.1696 0.0967 0.0045  0.0177  0.0098  388  LEU A CD2 
428 N N   . ALA A 56 ? 0.0556 0.0778 0.0551 -0.0081 0.0121  -0.0021 389  ALA A N   
429 C CA  . ALA A 56 ? 0.0676 0.0860 0.0691 0.0047  -0.0050 0.0068  389  ALA A CA  
430 C C   . ALA A 56 ? 0.0629 0.0512 0.0736 0.0053  0.0053  -0.0065 389  ALA A C   
431 O O   . ALA A 56 ? 0.0486 0.0818 0.0707 -0.0068 0.0149  0.0033  389  ALA A O   
432 C CB  . ALA A 56 ? 0.0788 0.0887 0.1130 0.0283  0.0214  -0.0152 389  ALA A CB  
433 N N   . ILE A 57 ? 0.0632 0.0674 0.0511 -0.0274 0.0142  0.0018  390  ILE A N   
434 C CA  . ILE A 57 ? 0.0615 0.1016 0.0548 -0.0012 0.0079  -0.0031 390  ILE A CA  
435 C C   . ILE A 57 ? 0.0501 0.0927 0.0653 -0.0058 0.0066  0.0088  390  ILE A C   
436 O O   . ILE A 57 ? 0.0579 0.0935 0.0744 -0.0208 0.0065  -0.0015 390  ILE A O   
437 C CB  . ILE A 57 ? 0.1304 0.0847 0.0679 -0.0076 0.0120  0.0061  390  ILE A CB  
438 C CG1 . ILE A 57 ? 0.1439 0.1095 0.0623 0.0535  0.0520  0.0109  390  ILE A CG1 
439 C CG2 . ILE A 57 ? 0.0895 0.1387 0.0753 0.0116  0.0195  0.0242  390  ILE A CG2 
440 C CD1 . ILE A 57 ? 0.2130 0.1072 0.1256 0.0498  0.0252  0.0261  390  ILE A CD1 
441 N N   . ASN A 58 ? 0.0443 0.0953 0.0641 -0.0155 0.0081  -0.0156 391  ASN A N   
442 C CA  . ASN A 58 ? 0.0472 0.1032 0.0607 -0.0023 0.0074  0.0098  391  ASN A CA  
443 C C   . ASN A 58 ? 0.0717 0.0840 0.0572 0.0156  -0.0148 0.0035  391  ASN A C   
444 O O   . ASN A 58 ? 0.0507 0.0992 0.0862 0.0126  0.0199  -0.0016 391  ASN A O   
445 C CB  . ASN A 58 ? 0.0425 0.1097 0.0965 0.0284  0.0143  -0.0232 391  ASN A CB  
446 C CG  . ASN A 58 ? 0.0451 0.0879 0.0731 0.0006  0.0072  -0.0030 391  ASN A CG  
447 O OD1 . ASN A 58 ? 0.0372 0.1726 0.0819 0.0002  -0.0009 0.0184  391  ASN A OD1 
448 N ND2 . ASN A 58 ? 0.1064 0.1427 0.0959 0.0403  0.0237  0.0238  391  ASN A ND2 
449 N N   . GLY A 59 ? 0.0832 0.1108 0.0766 -0.0255 -0.0201 0.0032  392  GLY A N   
450 C CA  . GLY A 59 ? 0.0846 0.0844 0.0805 -0.0074 -0.0366 -0.0006 392  GLY A CA  
451 C C   . GLY A 59 ? 0.0908 0.0640 0.1061 -0.0104 -0.0117 -0.0101 392  GLY A C   
452 O O   . GLY A 59 ? 0.1340 0.1125 0.1378 0.0104  -0.0664 -0.0161 392  GLY A O   
453 N N   . HIS A 60 ? 0.0634 0.0852 0.0731 -0.0230 -0.0026 -0.0056 393  HIS A N   
454 C CA  . HIS A 60 ? 0.0628 0.1011 0.0784 -0.0083 0.0032  -0.0134 393  HIS A CA  
455 C C   . HIS A 60 ? 0.0680 0.0971 0.0659 -0.0209 -0.0084 -0.0057 393  HIS A C   
456 O O   . HIS A 60 ? 0.0512 0.1440 0.0937 -0.0097 0.0018  -0.0242 393  HIS A O   
457 C CB  . HIS A 60 ? 0.0942 0.0970 0.0903 -0.0109 0.0060  -0.0273 393  HIS A CB  
458 C CG  . HIS A 60 ? 0.1088 0.1258 0.1183 0.0055  0.0128  -0.0282 393  HIS A CG  
459 N ND1 . HIS A 60 ? 0.1453 0.2848 0.1496 -0.0669 0.0039  -0.0155 393  HIS A ND1 
460 C CD2 . HIS A 60 ? 0.1053 0.1908 0.1247 -0.0748 -0.0081 -0.0080 393  HIS A CD2 
461 C CE1 . HIS A 60 ? 0.2234 0.2842 0.0919 -0.0864 0.0455  -0.0204 393  HIS A CE1 
462 N NE2 . HIS A 60 ? 0.1674 0.1633 0.0831 0.0114  0.0308  0.0176  393  HIS A NE2 
463 N N   . ASP A 61 ? 0.0619 0.1373 0.0714 -0.0042 0.0007  -0.0123 394  ASP A N   
464 C CA  . ASP A 61 ? 0.0744 0.1201 0.0812 -0.0125 0.0079  -0.0150 394  ASP A CA  
465 C C   . ASP A 61 ? 0.0778 0.1061 0.0917 -0.0093 -0.0205 -0.0162 394  ASP A C   
466 O O   . ASP A 61 ? 0.1081 0.1295 0.1209 -0.0501 0.0163  -0.0396 394  ASP A O   
467 C CB  . ASP A 61 ? 0.1026 0.1596 0.0990 0.0184  0.0008  0.0014  394  ASP A CB  
468 C CG  . ASP A 61 ? 0.1338 0.1888 0.1214 0.0055  -0.0441 0.0103  394  ASP A CG  
469 O OD1 . ASP A 61 ? 0.1197 0.1907 0.1403 0.0248  0.0151  0.0019  394  ASP A OD1 
470 O OD2 . ASP A 61 ? 0.1958 0.4006 0.1540 -0.0108 -0.0486 0.0108  394  ASP A OD2 
471 N N   . LEU A 62 ? 0.0834 0.0999 0.0753 -0.0074 0.0138  -0.0202 395  LEU A N   
472 C CA  . LEU A 62 ? 0.0924 0.0996 0.0750 -0.0342 -0.0028 0.0048  395  LEU A CA  
473 C C   . LEU A 62 ? 0.0798 0.0794 0.0899 -0.0188 0.0011  -0.0035 395  LEU A C   
474 O O   . LEU A 62 ? 0.0880 0.0878 0.0909 -0.0099 0.0075  -0.0204 395  LEU A O   
475 C CB  . LEU A 62 ? 0.1058 0.1130 0.0865 -0.0115 -0.0051 -0.0136 395  LEU A CB  
476 C CG  . LEU A 62 ? 0.1448 0.1369 0.0822 -0.0132 -0.0089 -0.0002 395  LEU A CG  
477 C CD1 . LEU A 62 ? 0.1649 0.1861 0.1893 -0.0331 -0.0377 0.0004  395  LEU A CD1 
478 C CD2 . LEU A 62 ? 0.2127 0.1049 0.1196 -0.0737 -0.0442 -0.0018 395  LEU A CD2 
479 N N   . LYS A 63 ? 0.1099 0.0739 0.0659 -0.0023 0.0119  -0.0132 396  LYS A N   
480 C CA  . LYS A 63 ? 0.1150 0.0979 0.0735 -0.0004 0.0073  -0.0158 396  LYS A CA  
481 C C   . LYS A 63 ? 0.0809 0.1010 0.0786 0.0062  -0.0036 -0.0029 396  LYS A C   
482 O O   . LYS A 63 ? 0.1214 0.1024 0.0753 0.0086  0.0172  -0.0080 396  LYS A O   
483 C CB  . LYS A 63 ? 0.1543 0.1266 0.0799 0.0332  0.0109  0.0123  396  LYS A CB  
484 C CG  . LYS A 63 ? 0.2329 0.1601 0.1388 0.0182  0.0029  0.0018  396  LYS A CG  
485 C CD  . LYS A 63 ? 0.2901 0.1815 0.2212 0.0085  -0.0014 0.0395  396  LYS A CD  
486 C CE  . LYS A 63 ? 0.4022 0.2463 0.2433 0.0215  0.0276  0.0651  396  LYS A CE  
487 N N   . TYR A 64 ? 0.0981 0.0966 0.0892 0.0021  -0.0173 -0.0290 397  TYR A N   
488 C CA  . TYR A 64 ? 0.1061 0.1140 0.0901 0.0008  -0.0086 -0.0256 397  TYR A CA  
489 C C   . TYR A 64 ? 0.1078 0.1158 0.0969 -0.0201 0.0193  -0.0157 397  TYR A C   
490 O O   . TYR A 64 ? 0.1511 0.1074 0.1717 -0.0249 -0.0526 -0.0322 397  TYR A O   
491 C CB  . TYR A 64 ? 0.1396 0.1535 0.1281 -0.0066 -0.0570 -0.0381 397  TYR A CB  
492 C CG  . TYR A 64 ? 0.1392 0.1485 0.1670 -0.0016 -0.0543 -0.0201 397  TYR A CG  
493 C CD1 . TYR A 64 ? 0.2366 0.1730 0.1300 0.0265  -0.0529 -0.0318 397  TYR A CD1 
494 C CD2 . TYR A 64 ? 0.2416 0.1773 0.1516 0.0025  -0.0201 -0.0104 397  TYR A CD2 
495 C CE1 . TYR A 64 ? 0.2524 0.2701 0.1440 0.0274  -0.0272 0.0167  397  TYR A CE1 
496 C CE2 . TYR A 64 ? 0.3239 0.2054 0.2669 0.0354  -0.0144 0.0207  397  TYR A CE2 
497 C CZ  . TYR A 64 ? 0.3319 0.2414 0.1958 0.0271  -0.0472 0.0673  397  TYR A CZ  
498 O OH  . TYR A 64 ? 0.4884 0.2222 0.2979 0.0330  -0.0578 0.1023  397  TYR A OH  
499 N N   . GLY A 65 ? 0.1049 0.0913 0.0998 -0.0066 -0.0162 -0.0109 398  GLY A N   
500 C CA  . GLY A 65 ? 0.1169 0.0981 0.0989 -0.0026 0.0087  -0.0156 398  GLY A CA  
501 C C   . GLY A 65 ? 0.1226 0.0928 0.0849 -0.0123 0.0021  -0.0197 398  GLY A C   
502 O O   . GLY A 65 ? 0.1026 0.1057 0.0798 0.0035  -0.0082 -0.0198 398  GLY A O   
503 N N   . THR A 66 ? 0.1583 0.0973 0.1050 0.0270  0.0269  0.0027  399  THR A N   
504 C CA  . THR A 66 ? 0.1617 0.0891 0.1062 0.0022  0.0177  -0.0052 399  THR A CA  
505 C C   . THR A 66 ? 0.1531 0.0811 0.1090 0.0121  0.0094  0.0025  399  THR A C   
506 O O   . THR A 66 ? 0.1429 0.1051 0.0872 0.0045  0.0336  0.0080  399  THR A O   
507 C CB  . THR A 66 ? 0.1547 0.0913 0.1306 0.0045  -0.0179 -0.0098 399  THR A CB  
508 O OG1 . THR A 66 ? 0.2201 0.1101 0.1422 -0.0137 0.0124  0.0053  399  THR A OG1 
509 C CG2 . THR A 66 ? 0.2238 0.1336 0.1667 -0.0085 -0.0585 -0.0244 399  THR A CG2 
510 N N   . PRO A 67 ? 0.1577 0.0890 0.1151 0.0169  0.0101  -0.0141 400  PRO A N   
511 C CA  . PRO A 67 ? 0.1202 0.1047 0.1069 0.0254  0.0267  -0.0045 400  PRO A CA  
512 C C   . PRO A 67 ? 0.1651 0.0705 0.1318 0.0004  0.0296  -0.0025 400  PRO A C   
513 O O   . PRO A 67 ? 0.1779 0.1020 0.1013 0.0033  0.0285  -0.0121 400  PRO A O   
514 C CB  . PRO A 67 ? 0.1521 0.1124 0.1179 0.0118  0.0284  -0.0084 400  PRO A CB  
515 C CG  . PRO A 67 ? 0.1709 0.1635 0.1008 0.0644  0.0148  -0.0163 400  PRO A CG  
516 C CD  . PRO A 67 ? 0.1792 0.1350 0.1176 0.0478  0.0168  -0.0178 400  PRO A CD  
517 N N   . GLU A 68 ? 0.1847 0.0867 0.1000 -0.0013 -0.0054 0.0077  401  GLU A N   
518 C CA  . GLU A 68 ? 0.2076 0.0782 0.1556 -0.0182 0.0046  0.0029  401  GLU A CA  
519 C C   . GLU A 68 ? 0.1701 0.0959 0.1441 0.0088  0.0214  0.0255  401  GLU A C   
520 O O   . GLU A 68 ? 0.2194 0.1336 0.1634 -0.0332 0.0315  0.0397  401  GLU A O   
521 C CB  . GLU A 68 ? 0.2182 0.1534 0.2277 -0.0552 0.0216  0.0124  401  GLU A CB  
522 C CG  . GLU A 68 ? 0.3111 0.1848 0.3661 -0.0590 -0.0567 -0.0190 401  GLU A CG  
523 C CD  . GLU A 68 ? 0.5179 0.4981 0.4347 0.0057  0.0231  -0.0029 401  GLU A CD  
524 O OE1 . GLU A 68 ? 0.4463 0.2437 0.4535 0.0924  -0.1376 -0.1207 401  GLU A OE1 
525 O OE2 . GLU A 68 ? 0.6001 0.5905 0.5890 0.0554  -0.0204 -0.0043 401  GLU A OE2 
526 N N   . LEU A 69 ? 0.1481 0.1050 0.1306 -0.0240 0.0089  0.0058  402  LEU A N   
527 C CA  . LEU A 69 ? 0.1088 0.1176 0.1593 -0.0247 0.0311  0.0163  402  LEU A CA  
528 C C   . LEU A 69 ? 0.1417 0.1184 0.0960 -0.0125 0.0347  0.0121  402  LEU A C   
529 O O   . LEU A 69 ? 0.1460 0.1221 0.1236 -0.0213 0.0350  -0.0028 402  LEU A O   
530 C CB  . LEU A 69 ? 0.1630 0.1791 0.1666 -0.0218 0.0300  0.0025  402  LEU A CB  
531 C CG  . LEU A 69 ? 0.1832 0.1626 0.1827 0.0154  0.0308  -0.0014 402  LEU A CG  
532 C CD1 . LEU A 69 ? 0.1818 0.2077 0.2495 0.0202  0.0711  0.0056  402  LEU A CD1 
533 C CD2 . LEU A 69 ? 0.1921 0.2194 0.1986 0.0092  -0.0124 0.0265  402  LEU A CD2 
534 N N   . ALA A 70 ? 0.1349 0.0889 0.1265 -0.0193 0.0242  0.0035  403  ALA A N   
535 C CA  . ALA A 70 ? 0.1253 0.0834 0.1068 0.0149  0.0373  0.0006  403  ALA A CA  
536 C C   . ALA A 70 ? 0.1154 0.0768 0.1357 0.0170  0.0426  0.0030  403  ALA A C   
537 O O   . ALA A 70 ? 0.1375 0.1171 0.1234 -0.0023 0.0434  -0.0279 403  ALA A O   
538 C CB  . ALA A 70 ? 0.0932 0.1096 0.1482 -0.0213 0.0445  -0.0101 403  ALA A CB  
539 N N   . ALA A 71 ? 0.1550 0.0751 0.1330 0.0003  0.0368  0.0142  404  ALA A N   
540 C CA  . ALA A 71 ? 0.1496 0.1299 0.1312 0.0171  0.0273  0.0188  404  ALA A CA  
541 C C   . ALA A 71 ? 0.1635 0.0889 0.1386 0.0211  0.0213  0.0066  404  ALA A C   
542 O O   . ALA A 71 ? 0.2006 0.1326 0.1129 0.0457  0.0454  0.0283  404  ALA A O   
543 C CB  . ALA A 71 ? 0.2027 0.0927 0.1864 0.0427  0.0290  0.0092  404  ALA A CB  
544 N N   . GLN A 72 ? 0.1556 0.1396 0.1373 0.0018  0.0442  0.0249  405  GLN A N   
545 C CA  . GLN A 72 ? 0.1732 0.1520 0.1477 -0.0014 0.0509  0.0320  405  GLN A CA  
546 C C   . GLN A 72 ? 0.1973 0.1216 0.1415 0.0113  0.0564  0.0145  405  GLN A C   
547 O O   . GLN A 72 ? 0.2182 0.1336 0.1368 0.0309  0.0666  0.0173  405  GLN A O   
548 C CB  . GLN A 72 ? 0.1934 0.1895 0.1913 -0.0026 0.0771  0.0156  405  GLN A CB  
549 C CG  . GLN A 72 ? 0.3846 0.2937 0.3338 0.0051  0.0274  -0.0242 405  GLN A CG  
550 C CD  . GLN A 72 ? 0.4969 0.5463 0.5434 -0.0242 -0.0439 -0.0056 405  GLN A CD  
551 O OE1 . GLN A 72 ? 0.5630 0.5352 0.5978 -0.0020 -0.0340 0.0036  405  GLN A OE1 
552 N NE2 . GLN A 72 ? 0.6102 0.5782 0.6569 -0.0464 -0.0084 0.0070  405  GLN A NE2 
553 N N   . ILE A 73 ? 0.1625 0.1274 0.1196 0.0057  0.0439  0.0233  406  ILE A N   
554 C CA  . ILE A 73 ? 0.1527 0.1432 0.1221 0.0210  0.0555  0.0009  406  ILE A CA  
555 C C   . ILE A 73 ? 0.1588 0.0993 0.1003 0.0383  0.0426  0.0194  406  ILE A C   
556 O O   . ILE A 73 ? 0.1804 0.1444 0.1010 0.0598  0.0423  0.0049  406  ILE A O   
557 C CB  . ILE A 73 ? 0.1313 0.1196 0.1306 0.0220  0.0357  0.0202  406  ILE A CB  
558 C CG1 . ILE A 73 ? 0.1572 0.1394 0.1675 0.0050  0.0392  -0.0083 406  ILE A CG1 
559 C CG2 . ILE A 73 ? 0.1530 0.1339 0.1328 0.0192  0.0502  0.0156  406  ILE A CG2 
560 C CD1 . ILE A 73 ? 0.2165 0.1588 0.1355 0.0485  0.0232  0.0431  406  ILE A CD1 
561 N N   . ILE A 74 ? 0.1499 0.1061 0.1138 0.0331  0.0379  0.0041  407  ILE A N   
562 C CA  . ILE A 74 ? 0.1641 0.0891 0.1248 0.0582  0.0268  -0.0021 407  ILE A CA  
563 C C   . ILE A 74 ? 0.1772 0.1122 0.1628 0.0582  0.0327  -0.0031 407  ILE A C   
564 O O   . ILE A 74 ? 0.2228 0.1711 0.1337 0.1086  0.0335  0.0158  407  ILE A O   
565 C CB  . ILE A 74 ? 0.1725 0.1120 0.1307 0.0484  0.0286  -0.0013 407  ILE A CB  
566 C CG1 . ILE A 74 ? 0.1266 0.1342 0.1260 0.0282  0.0221  0.0177  407  ILE A CG1 
567 C CG2 . ILE A 74 ? 0.1335 0.2117 0.1381 0.0489  -0.0020 0.0485  407  ILE A CG2 
568 C CD1 . ILE A 74 ? 0.1820 0.1432 0.1819 -0.0293 0.0290  -0.0316 407  ILE A CD1 
569 N N   . GLN A 75 ? 0.2395 0.1156 0.1360 0.0863  0.0534  0.0213  408  GLN A N   
570 C CA  . GLN A 75 ? 0.2384 0.1525 0.1289 0.0942  0.0328  0.0465  408  GLN A CA  
571 C C   . GLN A 75 ? 0.2130 0.1485 0.1550 0.0881  0.0422  0.0171  408  GLN A C   
572 O O   . GLN A 75 ? 0.3026 0.2584 0.1179 0.1447  0.0347  0.0494  408  GLN A O   
573 C CB  . GLN A 75 ? 0.2532 0.1594 0.2013 0.0379  0.0558  0.0671  408  GLN A CB  
574 C CG  . GLN A 75 ? 0.2634 0.2563 0.1786 0.0478  0.0235  0.0306  408  GLN A CG  
575 C CD  . GLN A 75 ? 0.3606 0.2924 0.3448 -0.0092 -0.0220 -0.0020 408  GLN A CD  
576 O OE1 . GLN A 75 ? 0.3486 0.4493 0.5018 -0.0210 0.0192  0.0206  408  GLN A OE1 
577 N NE2 . GLN A 75 ? 0.3247 0.3792 0.4332 0.0255  0.0017  -0.0103 408  GLN A NE2 
578 N N   . ALA A 76 ? 0.1860 0.0974 0.1127 0.0420  0.0339  0.0071  409  ALA A N   
579 C CA  . ALA A 76 ? 0.1883 0.1122 0.1295 0.0147  0.0483  0.0190  409  ALA A CA  
580 C C   . ALA A 76 ? 0.1920 0.1038 0.1258 0.0275  0.0502  0.0385  409  ALA A C   
581 O O   . ALA A 76 ? 0.2104 0.1328 0.1849 0.0429  0.0935  0.0244  409  ALA A O   
582 C CB  . ALA A 76 ? 0.1472 0.1678 0.2008 0.0154  0.0498  0.0188  409  ALA A CB  
583 N N   . SER A 77 ? 0.1284 0.0934 0.1222 0.0526  0.0247  -0.0007 410  SER A N   
584 C CA  . SER A 77 ? 0.1293 0.1238 0.1074 0.0385  0.0128  -0.0061 410  SER A CA  
585 C C   . SER A 77 ? 0.1551 0.1241 0.1061 0.0396  0.0257  0.0194  410  SER A C   
586 O O   . SER A 77 ? 0.3138 0.1329 0.1134 0.0851  -0.0116 0.0277  410  SER A O   
587 C CB  A SER A 77 ? 0.1552 0.1036 0.1120 -0.0101 0.0092  0.0039  410  SER A CB  
588 C CB  B SER A 77 ? 0.1549 0.1250 0.1203 0.0011  0.0064  -0.0060 410  SER A CB  
589 O OG  A SER A 77 ? 0.1222 0.1844 0.1960 -0.0046 0.0316  0.0324  410  SER A OG  
590 O OG  B SER A 77 ? 0.1073 0.1518 0.1019 0.0288  -0.0242 0.0082  410  SER A OG  
591 N N   . GLY A 78 ? 0.0840 0.0989 0.1127 0.0281  0.0196  -0.0109 411  GLY A N   
592 C CA  . GLY A 78 ? 0.0989 0.1580 0.1056 0.0210  0.0189  -0.0059 411  GLY A CA  
593 C C   . GLY A 78 ? 0.0895 0.1381 0.1120 0.0321  0.0133  0.0161  411  GLY A C   
594 O O   . GLY A 78 ? 0.0882 0.1933 0.1274 0.0282  0.0031  -0.0250 411  GLY A O   
595 N N   . GLU A 79 ? 0.1135 0.1667 0.0916 0.0083  0.0155  0.0051  412  GLU A N   
596 C CA  . GLU A 79 ? 0.1179 0.1559 0.1016 -0.0101 -0.0060 0.0233  412  GLU A CA  
597 C C   . GLU A 79 ? 0.1186 0.1384 0.1031 0.0171  -0.0022 0.0013  412  GLU A C   
598 O O   . GLU A 79 ? 0.0877 0.1629 0.1781 0.0211  0.0367  0.0254  412  GLU A O   
599 C CB  . GLU A 79 ? 0.1904 0.2793 0.1460 -0.0633 0.0152  0.0019  412  GLU A CB  
600 C CG  . GLU A 79 ? 0.1778 0.2624 0.1836 0.0227  -0.0020 0.0068  412  GLU A CG  
601 C CD  . GLU A 79 ? 0.2394 0.3220 0.2791 -0.0423 -0.0018 -0.0380 412  GLU A CD  
602 O OE1 . GLU A 79 ? 0.2108 0.3609 0.3011 -0.0219 0.0406  -0.0760 412  GLU A OE1 
603 O OE2 . GLU A 79 ? 0.4576 0.3576 0.3431 0.0047  -0.0120 -0.0325 412  GLU A OE2 
604 N N   . ARG A 80 ? 0.0876 0.1583 0.0909 0.0172  0.0182  -0.0103 413  ARG A N   
605 C CA  . ARG A 80 ? 0.0927 0.1416 0.0955 0.0197  0.0201  -0.0032 413  ARG A CA  
606 C C   . ARG A 80 ? 0.0920 0.1250 0.0912 -0.0157 0.0099  0.0167  413  ARG A C   
607 O O   . ARG A 80 ? 0.0584 0.2027 0.0946 -0.0110 -0.0014 0.0216  413  ARG A O   
608 C CB  . ARG A 80 ? 0.1337 0.1794 0.1071 -0.0111 0.0379  -0.0074 413  ARG A CB  
609 C CG  . ARG A 80 ? 0.2030 0.1371 0.1659 0.0109  0.0667  -0.0209 413  ARG A CG  
610 C CD  . ARG A 80 ? 0.3785 0.2516 0.3117 0.0066  0.0141  -0.0346 413  ARG A CD  
611 N NE  . ARG A 80 ? 0.4319 0.2766 0.3493 0.0199  0.0196  0.0199  413  ARG A NE  
612 C CZ  . ARG A 80 ? 0.4567 0.4571 0.4612 0.0195  -0.0145 0.0018  413  ARG A CZ  
613 N NH1 . ARG A 80 ? 0.4220 0.4095 0.4494 0.0182  0.0107  -0.0060 413  ARG A NH1 
614 N NH2 . ARG A 80 ? 0.5745 0.4903 0.5086 0.0185  0.0330  0.0126  413  ARG A NH2 
615 N N   . VAL A 81 ? 0.0516 0.1350 0.0740 0.0050  0.0088  0.0078  414  VAL A N   
616 C CA  . VAL A 81 ? 0.0443 0.1066 0.0887 0.0185  0.0043  0.0266  414  VAL A CA  
617 C C   . VAL A 81 ? 0.0675 0.1085 0.0645 0.0115  0.0076  0.0191  414  VAL A C   
618 O O   . VAL A 81 ? 0.0628 0.1459 0.0970 -0.0062 0.0051  0.0358  414  VAL A O   
619 C CB  . VAL A 81 ? 0.0828 0.1115 0.1039 0.0271  0.0181  0.0063  414  VAL A CB  
620 C CG1 . VAL A 81 ? 0.1107 0.1155 0.1255 0.0042  0.0216  -0.0069 414  VAL A CG1 
621 C CG2 . VAL A 81 ? 0.1693 0.1151 0.1277 0.0250  0.0491  0.0320  414  VAL A CG2 
622 N N   . ASN A 82 ? 0.0604 0.0931 0.0579 0.0078  0.0033  0.0160  415  ASN A N   
623 C CA  . ASN A 82 ? 0.0485 0.1149 0.0583 0.0087  -0.0022 -0.0003 415  ASN A CA  
624 C C   . ASN A 82 ? 0.0500 0.0885 0.0678 0.0031  0.0029  0.0065  415  ASN A C   
625 O O   . ASN A 82 ? 0.0451 0.2294 0.0933 -0.0480 0.0210  -0.0515 415  ASN A O   
626 C CB  . ASN A 82 ? 0.0929 0.1354 0.0805 0.0220  -0.0034 0.0020  415  ASN A CB  
627 C CG  . ASN A 82 ? 0.1749 0.1417 0.1396 0.0013  -0.0189 0.0136  415  ASN A CG  
628 O OD1 . ASN A 82 ? 0.2140 0.1738 0.2364 -0.0322 -0.0411 0.0053  415  ASN A OD1 
629 N ND2 . ASN A 82 ? 0.1587 0.1971 0.2593 0.0135  -0.0107 0.0783  415  ASN A ND2 
630 N N   . LEU A 83 ? 0.0433 0.1087 0.0576 -0.0256 -0.0010 0.0043  416  LEU A N   
631 C CA  . LEU A 83 ? 0.0726 0.0887 0.0433 -0.0123 -0.0234 0.0106  416  LEU A CA  
632 C C   . LEU A 83 ? 0.0615 0.0858 0.0738 -0.0012 0.0082  0.0040  416  LEU A C   
633 O O   . LEU A 83 ? 0.0954 0.1083 0.1002 -0.0452 -0.0232 0.0424  416  LEU A O   
634 C CB  . LEU A 83 ? 0.0996 0.0855 0.0664 -0.0107 0.0004  -0.0071 416  LEU A CB  
635 C CG  . LEU A 83 ? 0.0532 0.1552 0.0811 0.0203  -0.0050 0.0284  416  LEU A CG  
636 C CD1 . LEU A 83 ? 0.0998 0.1557 0.1332 -0.0048 0.0003  0.0101  416  LEU A CD1 
637 C CD2 . LEU A 83 ? 0.1558 0.1331 0.1610 0.0432  0.0175  0.0107  416  LEU A CD2 
638 N N   . THR A 84 ? 0.0908 0.0660 0.0635 0.0101  -0.0013 0.0109  417  THR A N   
639 C CA  . THR A 84 ? 0.0887 0.0476 0.0849 0.0036  0.0044  -0.0066 417  THR A CA  
640 C C   . THR A 84 ? 0.0893 0.0696 0.0615 0.0193  0.0126  0.0186  417  THR A C   
641 O O   . THR A 84 ? 0.0886 0.0652 0.0868 -0.0302 -0.0116 -0.0098 417  THR A O   
642 C CB  . THR A 84 ? 0.1067 0.0905 0.0769 0.0163  0.0006  -0.0065 417  THR A CB  
643 O OG1 . THR A 84 ? 0.1485 0.1613 0.1091 0.0896  0.0102  -0.0127 417  THR A OG1 
644 C CG2 . THR A 84 ? 0.1529 0.0982 0.1066 0.0398  0.0079  0.0132  417  THR A CG2 
645 N N   . ILE A 85 ? 0.0741 0.0604 0.0462 -0.0095 0.0098  0.0008  418  ILE A N   
646 C CA  . ILE A 85 ? 0.0898 0.0889 0.0816 0.0210  0.0066  0.0279  418  ILE A CA  
647 C C   . ILE A 85 ? 0.0918 0.0832 0.0614 -0.0082 0.0079  0.0064  418  ILE A C   
648 O O   . ILE A 85 ? 0.1274 0.0531 0.0835 -0.0070 0.0114  0.0011  418  ILE A O   
649 C CB  . ILE A 85 ? 0.1996 0.2336 0.1057 0.0672  0.0144  0.0887  418  ILE A CB  
650 C CG1 . ILE A 85 ? 0.1635 0.1923 0.1671 0.0587  0.0412  0.0434  418  ILE A CG1 
651 C CG2 . ILE A 85 ? 0.1510 0.2361 0.2744 0.0731  0.0327  0.0217  418  ILE A CG2 
652 C CD1 . ILE A 85 ? 0.1745 0.0913 0.1310 -0.0132 0.0313  0.0335  418  ILE A CD1 
653 N N   . ALA A 86 ? 0.1128 0.0463 0.0783 -0.0158 -0.0072 0.0090  419  ALA A N   
654 C CA  . ALA A 86 ? 0.1173 0.0554 0.0777 -0.0080 0.0230  0.0139  419  ALA A CA  
655 C C   . ALA A 86 ? 0.1298 0.0407 0.0880 -0.0037 0.0025  0.0017  419  ALA A C   
656 O O   . ALA A 86 ? 0.1287 0.0499 0.1334 -0.0085 0.0325  0.0103  419  ALA A O   
657 C CB  . ALA A 86 ? 0.1313 0.0940 0.0996 0.0054  -0.0214 0.0009  419  ALA A CB  
658 N N   . ARG A 87 ? 0.1123 0.0616 0.1114 -0.0102 0.0158  0.0152  420  ARG A N   
659 C CA  . ARG A 87 ? 0.1451 0.0549 0.1093 -0.0032 0.0164  0.0253  420  ARG A CA  
660 C C   . ARG A 87 ? 0.0823 0.1138 0.1072 -0.0010 0.0339  0.0231  420  ARG A C   
661 O O   . ARG A 87 ? 0.1106 0.0959 0.1063 0.0257  0.0232  0.0466  420  ARG A O   
662 C CB  . ARG A 87 ? 0.1443 0.0795 0.0961 0.0092  0.0085  0.0149  420  ARG A CB  
663 C CG  . ARG A 87 ? 0.1598 0.1002 0.0968 -0.0081 0.0017  0.0365  420  ARG A CG  
664 C CD  . ARG A 87 ? 0.1298 0.1207 0.1316 0.0027  -0.0271 0.0197  420  ARG A CD  
665 N NE  . ARG A 87 ? 0.1483 0.0949 0.0948 0.0049  -0.0166 0.0101  420  ARG A NE  
666 C CZ  . ARG A 87 ? 0.1633 0.1138 0.1509 0.0178  -0.0475 0.0089  420  ARG A CZ  
667 N NH1 . ARG A 87 ? 0.2172 0.1175 0.1526 -0.0461 -0.0210 0.0142  420  ARG A NH1 
668 N NH2 . ARG A 87 ? 0.1941 0.1110 0.1187 0.0037  -0.0426 0.0215  420  ARG A NH2 
669 N N   . PRO A 88 ? 0.1878 0.1137 0.1061 -0.0099 0.0328  0.0137  421  PRO A N   
670 C CA  . PRO A 88 ? 0.1531 0.1424 0.1102 0.0034  -0.0040 0.0012  421  PRO A CA  
671 C C   . PRO A 88 ? 0.1149 0.1311 0.1588 0.0164  0.0081  0.0314  421  PRO A C   
672 O O   . PRO A 88 ? 0.1474 0.1771 0.2323 0.0306  -0.0246 0.0625  421  PRO A O   
673 C CB  . PRO A 88 ? 0.2108 0.2255 0.1058 -0.0115 0.0053  -0.0289 421  PRO A CB  
674 C CG  . PRO A 88 ? 0.2547 0.2319 0.2330 -0.0372 -0.0074 -0.0093 421  PRO A CG  
675 C CD  . PRO A 88 ? 0.2355 0.1605 0.1448 -0.0397 0.0312  -0.0085 421  PRO A CD  
676 N N   . GLY A 89 ? 0.1274 0.1604 0.1165 0.0310  0.0283  0.0294  422  GLY A N   
677 C CA  . GLY A 89 ? 0.1827 0.2137 0.1504 0.0154  0.0549  0.0215  422  GLY A CA  
678 C C   . GLY A 89 ? 0.1659 0.1688 0.1567 0.0336  0.0233  0.0329  422  GLY A C   
679 O O   . GLY A 89 ? 0.1771 0.2774 0.1778 -0.0509 0.0396  0.0276  422  GLY A O   
680 N N   . LYS A 90 ? 0.1458 0.1461 0.2141 0.0245  0.0407  0.0426  423  LYS A N   
681 C CA  . LYS A 90 ? 0.1301 0.1460 0.1711 0.0365  0.0101  0.0316  423  LYS A CA  
682 C C   . LYS A 90 ? 0.1112 0.1386 0.1639 0.0393  0.0372  0.0450  423  LYS A C   
683 O O   . LYS A 90 ? 0.1710 0.1260 0.2397 0.0513  0.0636  0.0494  423  LYS A O   
684 C CB  . LYS A 90 ? 0.1497 0.1601 0.2014 0.0208  0.0300  0.0630  423  LYS A CB  
685 C CG  . LYS A 90 ? 0.1863 0.1309 0.2647 0.0482  0.0141  0.0521  423  LYS A CG  
686 C CD  . LYS A 90 ? 0.1999 0.1680 0.2005 0.0457  0.0103  0.0476  423  LYS A CD  
687 C CE  . LYS A 90 ? 0.1553 0.1596 0.2800 0.0647  -0.0224 0.0094  423  LYS A CE  
688 N NZ  . LYS A 90 ? 0.2787 0.3334 0.2392 0.0464  -0.0210 0.0482  423  LYS A NZ  
689 N N   . PRO A 91 ? 0.1395 0.1276 0.1093 0.0610  0.0563  0.0496  424  PRO A N   
690 C CA  . PRO A 91 ? 0.1868 0.1521 0.1260 0.0673  0.0410  0.0548  424  PRO A CA  
691 C C   . PRO A 91 ? 0.1429 0.0982 0.1033 0.0273  0.0253  0.0326  424  PRO A C   
692 O O   . PRO A 91 ? 0.1516 0.1035 0.0917 0.0485  0.0448  0.0273  424  PRO A O   
693 C CB  . PRO A 91 ? 0.2049 0.2006 0.1838 0.0849  0.0282  0.0214  424  PRO A CB  
694 C CG  . PRO A 91 ? 0.2237 0.1489 0.2069 0.0482  0.0324  -0.0019 424  PRO A CG  
695 C CD  . PRO A 91 ? 0.1703 0.1827 0.1389 0.0665  0.0857  0.0230  424  PRO A CD  
696 N N   . GLU A 92 ? 0.1132 0.0840 0.0828 0.0417  0.0265  0.0202  425  GLU A N   
697 C CA  . GLU A 92 ? 0.1165 0.0711 0.1144 0.0375  0.0436  0.0128  425  GLU A CA  
698 C C   . GLU A 92 ? 0.1552 0.0755 0.0751 0.0328  0.0469  0.0315  425  GLU A C   
699 O O   . GLU A 92 ? 0.1546 0.0842 0.1134 0.0453  0.0444  0.0322  425  GLU A O   
700 C CB  . GLU A 92 ? 0.1462 0.1170 0.1268 0.0241  0.0329  0.0030  425  GLU A CB  
701 C CG  . GLU A 92 ? 0.1529 0.1862 0.2265 0.0458  0.0051  -0.0101 425  GLU A CG  
702 C CD  . GLU A 92 ? 0.2028 0.2302 0.2747 -0.0389 0.0052  0.0290  425  GLU A CD  
703 O OE1 . GLU A 92 ? 0.3860 0.3575 0.3677 -0.0235 0.0045  -0.0491 425  GLU A OE1 
704 O OE2 . GLU A 92 ? 0.2487 0.2442 0.2885 0.0095  0.0895  0.0073  425  GLU A OE2 
705 N N   . ILE A 93 ? 0.1457 0.0755 0.0892 0.0515  0.0535  0.0372  426  ILE A N   
706 C CA  . ILE A 93 ? 0.1672 0.0790 0.0877 0.0652  0.0525  0.0356  426  ILE A CA  
707 C C   . ILE A 93 ? 0.1411 0.1006 0.0882 0.0417  0.0379  0.0406  426  ILE A C   
708 O O   . ILE A 93 ? 0.1294 0.0764 0.1034 0.0386  0.0258  0.0420  426  ILE A O   
709 C CB  . ILE A 93 ? 0.1631 0.1150 0.0774 0.0497  0.0415  0.0380  426  ILE A CB  
710 C CG1 . ILE A 93 ? 0.1882 0.1279 0.1481 0.0666  0.0433  0.0285  426  ILE A CG1 
711 C CG2 . ILE A 93 ? 0.1590 0.2167 0.1335 0.0168  0.0208  0.0521  426  ILE A CG2 
712 C CD1 . ILE A 93 ? 0.2078 0.1753 0.1768 0.0096  0.0242  0.0147  426  ILE A CD1 
713 N N   . GLU A 94 ? 0.1513 0.0857 0.1043 0.0431  0.0474  0.0272  427  GLU A N   
714 C CA  . GLU A 94 ? 0.1386 0.0647 0.1091 -0.0029 0.0304  0.0295  427  GLU A CA  
715 C C   . GLU A 94 ? 0.1066 0.1025 0.1312 0.0114  0.0188  0.0118  427  GLU A C   
716 O O   . GLU A 94 ? 0.1900 0.1338 0.1194 0.0337  0.0089  0.0260  427  GLU A O   
717 C CB  . GLU A 94 ? 0.1541 0.1317 0.1335 0.0233  0.0220  0.0191  427  GLU A CB  
718 C CG  . GLU A 94 ? 0.3428 0.1314 0.1592 -0.0163 -0.0388 0.0115  427  GLU A CG  
719 C CD  . GLU A 94 ? 0.2380 0.2103 0.1726 -0.0420 -0.0871 0.0120  427  GLU A CD  
720 O OE1 . GLU A 94 ? 0.1397 0.1790 0.4225 -0.0269 0.1350  -0.0944 427  GLU A OE1 
721 O OE2 . GLU A 94 ? 0.3415 0.2950 0.2227 -0.0023 -0.0452 -0.0600 427  GLU A OE2 
722 N N   . LEU A 95 ? 0.1123 0.1296 0.1837 -0.0019 0.0048  -0.0359 428  LEU A N   
723 C CA  . LEU A 95 ? 0.1221 0.2055 0.2311 0.0130  0.0024  -0.0751 428  LEU A CA  
724 C C   . LEU A 95 ? 0.1279 0.2620 0.2626 0.0330  -0.0157 -0.1014 428  LEU A C   
725 O O   . LEU A 95 ? 0.0924 0.2435 0.1962 0.0312  -0.0230 -0.0762 428  LEU A O   
726 C CB  . LEU A 95 ? 0.1551 0.2777 0.3336 -0.0259 0.0068  -0.1033 428  LEU A CB  
727 C CG  . LEU A 95 ? 0.1805 0.1800 0.4093 -0.0646 0.0017  -0.0369 428  LEU A CG  
728 C CD1 . LEU A 95 ? 0.1895 0.2486 0.4390 0.0118  -0.0047 -0.0275 428  LEU A CD1 
729 C CD2 . LEU A 95 ? 0.2202 0.2204 0.4557 -0.0487 -0.0050 0.0199  428  LEU A CD2 
730 O OXT . LEU A 95 ? 0.1510 0.3475 0.3165 0.0756  -0.0469 -0.1526 428  LEU A OXT 
731 O O   . HOH B .  ? 0.1816 0.2002 0.0944 0.1366  0.0114  0.0248  2001 HOH A O   
732 O O   . HOH B .  ? 0.3822 0.4545 0.4831 0.0302  0.0440  0.0287  2002 HOH A O   
733 O O   . HOH B .  ? 0.3366 0.4282 0.4150 0.0412  -0.0124 0.0600  2003 HOH A O   
734 O O   . HOH B .  ? 0.4722 0.4745 0.3954 -0.0156 0.0004  0.0339  2004 HOH A O   
735 O O   . HOH B .  ? 0.3383 0.3613 0.4053 0.0480  0.0349  0.0018  2005 HOH A O   
736 O O   . HOH B .  ? 0.3183 0.2142 0.3032 0.0215  -0.0581 -0.0135 2006 HOH A O   
737 O O   . HOH B .  ? 0.3035 0.3699 0.4559 0.0586  0.0021  -0.0623 2007 HOH A O   
738 O O   . HOH B .  ? 0.4269 0.3798 0.3752 -0.0466 0.0424  -0.0060 2008 HOH A O   
739 O O   . HOH B .  ? 0.2320 0.4969 0.3152 -0.0245 -0.0931 -0.0436 2009 HOH A O   
740 O O   . HOH B .  ? 0.2318 0.2844 0.3727 -0.0306 -0.0279 -0.0534 2010 HOH A O   
741 O O   . HOH B .  ? 0.4777 0.4392 0.4886 0.0269  0.0079  0.0096  2011 HOH A O   
742 O O   . HOH B .  ? 0.2617 0.2471 0.3552 0.0421  0.0475  0.0037  2012 HOH A O   
743 O O   . HOH B .  ? 0.3957 0.3302 0.4155 0.0773  0.0164  0.0305  2013 HOH A O   
744 O O   . HOH B .  ? 0.4400 0.3195 0.3262 -0.1116 -0.0135 -0.0037 2014 HOH A O   
745 O O   . HOH B .  ? 0.4034 0.2719 0.4875 -0.0432 -0.0214 0.0361  2015 HOH A O   
746 O O   . HOH B .  ? 0.4791 0.3504 0.3755 0.0171  -0.0012 -0.0342 2016 HOH A O   
747 O O   . HOH B .  ? 0.1111 0.4116 0.1760 -0.0806 0.0228  -0.0477 2017 HOH A O   
748 O O   . HOH B .  ? 0.0890 0.1709 0.1456 -0.0119 0.0196  -0.0159 2018 HOH A O   
749 O O   . HOH B .  ? 0.3770 0.3482 0.4414 -0.0839 0.0356  -0.0665 2019 HOH A O   
750 O O   . HOH B .  ? 0.2773 0.3078 0.2937 -0.0018 0.0937  0.0271  2020 HOH A O   
751 O O   . HOH B .  ? 0.4775 0.3978 0.2442 0.0100  0.0661  0.0393  2021 HOH A O   
752 O O   . HOH B .  ? 0.1993 0.1373 0.1584 0.0436  0.0624  0.0207  2022 HOH A O   
753 O O   . HOH B .  ? 0.2686 0.2565 0.3254 0.0264  0.1008  0.0206  2023 HOH A O   
754 O O   . HOH B .  ? 0.3001 0.2531 0.2705 -0.0219 -0.0448 0.0456  2024 HOH A O   
755 O O   . HOH B .  ? 0.2828 0.2435 0.4437 -0.0350 -0.0130 -0.0386 2025 HOH A O   
756 O O   . HOH B .  ? 0.1581 0.3253 0.3218 0.0444  0.0196  0.1156  2026 HOH A O   
757 O O   . HOH B .  ? 0.1476 0.1892 0.2001 -0.0669 -0.0043 0.0693  2027 HOH A O   
758 O O   . HOH B .  ? 0.2835 0.4091 0.4720 -0.0516 0.0304  -0.0096 2028 HOH A O   
759 O O   . HOH B .  ? 0.2931 0.3308 0.2318 -0.0164 0.0384  -0.0272 2029 HOH A O   
760 O O   . HOH B .  ? 0.2402 0.1605 0.3452 -0.0158 0.1249  0.0160  2030 HOH A O   
761 O O   . HOH B .  ? 0.3877 0.2654 0.3489 0.0408  0.0475  -0.0515 2031 HOH A O   
762 O O   . HOH B .  ? 0.3531 0.3322 0.2816 -0.0092 -0.0050 0.0099  2032 HOH A O   
763 O O   . HOH B .  ? 0.3012 0.4742 0.2365 -0.0670 -0.0014 0.0268  2033 HOH A O   
764 O O   . HOH B .  ? 0.3123 0.3764 0.2591 -0.0041 0.0082  0.0343  2034 HOH A O   
765 O O   . HOH B .  ? 0.1863 0.2950 0.2457 -0.0161 0.0200  0.0395  2035 HOH A O   
766 O O   . HOH B .  ? 0.2676 0.3148 0.2896 -0.0493 0.0290  0.0256  2036 HOH A O   
767 O O   . HOH B .  ? 0.2384 0.4022 0.2828 0.0475  0.0569  -0.0781 2037 HOH A O   
768 O O   . HOH B .  ? 0.2241 0.2477 0.2542 -0.0443 0.0580  -0.0849 2038 HOH A O   
769 O O   . HOH B .  ? 0.3130 0.1985 0.2377 -0.0371 -0.0466 0.0123  2039 HOH A O   
770 O O   . HOH B .  ? 0.3334 0.3299 0.3303 -0.0787 -0.0388 0.0759  2040 HOH A O   
771 O O   . HOH B .  ? 0.1607 0.0813 0.0907 0.0240  -0.0113 0.0099  2041 HOH A O   
772 O O   . HOH B .  ? 0.3452 0.4473 0.3805 0.0642  0.0394  -0.0280 2042 HOH A O   
773 O O   . HOH B .  ? 0.1410 0.2279 0.2769 -0.0707 0.1080  -0.0624 2043 HOH A O   
774 O O   . HOH B .  ? 0.0742 0.0610 0.1070 0.0004  -0.0011 0.0017  2044 HOH A O   
775 O O   . HOH B .  ? 0.2400 0.2226 0.3736 0.0702  -0.0409 -0.1198 2045 HOH A O   
776 O O   . HOH B .  ? 0.2442 0.2608 0.5537 0.0190  0.0372  0.1084  2046 HOH A O   
777 O O   . HOH B .  ? 0.1261 0.3015 0.4063 -0.0140 0.0058  0.0336  2047 HOH A O   
778 O O   . HOH B .  ? 0.1160 0.1313 0.3727 -0.0123 -0.0782 -0.0266 2048 HOH A O   
779 O O   . HOH B .  ? 0.2438 0.1791 0.2638 0.0497  -0.0650 -0.0450 2049 HOH A O   
780 O O   . HOH B .  ? 0.0994 0.0940 0.0701 -0.0221 -0.0089 -0.0060 2050 HOH A O   
781 O O   . HOH B .  ? 0.1213 0.1146 0.0853 -0.0285 -0.0228 0.0100  2051 HOH A O   
782 O O   . HOH B .  ? 0.2139 0.2136 0.1424 -0.0055 0.0289  -0.0444 2052 HOH A O   
783 O O   . HOH B .  ? 0.2646 0.2512 0.4281 -0.0138 0.0472  0.0059  2053 HOH A O   
784 O O   . HOH B .  ? 0.1945 0.1819 0.1958 -0.0491 0.0462  -0.0271 2054 HOH A O   
785 O O   . HOH B .  ? 0.2708 0.2964 0.2298 -0.0093 0.0396  -0.0377 2055 HOH A O   
786 O O   . HOH B .  ? 0.2550 0.2187 0.2458 0.0319  0.0819  0.0179  2056 HOH A O   
787 O O   . HOH B .  ? 0.3426 0.3179 0.2705 0.0087  0.0576  0.0093  2057 HOH A O   
788 O O   . HOH B .  ? 0.0625 0.2052 0.3718 0.0234  0.0352  -0.0544 2058 HOH A O   
789 O O   . HOH B .  ? 0.1239 0.1472 0.1109 0.0034  -0.0196 -0.0269 2059 HOH A O   
790 O O   . HOH B .  ? 0.1254 0.1979 0.1465 0.0035  0.0267  -0.0147 2060 HOH A O   
791 O O   . HOH B .  ? 0.2290 0.3057 0.1708 -0.0583 -0.0141 -0.0074 2061 HOH A O   
792 O O   . HOH B .  ? 0.1761 0.2851 0.1857 0.0346  0.0010  -0.0597 2062 HOH A O   
793 O O   . HOH B .  ? 0.1862 0.1111 0.1546 0.0242  0.0488  0.0162  2063 HOH A O   
794 O O   . HOH B .  ? 0.2520 0.2510 0.2455 -0.0578 -0.0807 0.0632  2064 HOH A O   
795 O O   . HOH B .  ? 0.3396 0.5103 0.3130 -0.0762 -0.0134 0.0871  2065 HOH A O   
796 O O   . HOH B .  ? 0.0911 0.0921 0.0883 0.0027  -0.0058 -0.0023 2066 HOH A O   
797 O O   . HOH B .  ? 0.3675 0.3157 0.4563 0.0111  -0.0388 -0.0046 2067 HOH A O   
798 O O   . HOH B .  ? 0.1989 0.2457 0.1964 0.0147  -0.0266 -0.0320 2068 HOH A O   
799 O O   . HOH B .  ? 0.1350 0.1373 0.2867 0.0171  0.0747  0.0250  2069 HOH A O   
800 O O   . HOH B .  ? 0.0711 0.1445 0.0774 0.0078  -0.0034 -0.0184 2070 HOH A O   
801 O O   . HOH B .  ? 0.4198 0.2747 0.3619 0.0255  -0.0071 0.0314  2071 HOH A O   
802 O O   . HOH B .  ? 0.2281 0.3031 0.2627 -0.0649 0.0233  -0.0502 2072 HOH A O   
803 O O   . HOH B .  ? 0.2137 0.2098 0.1701 -0.0332 0.0048  -0.0495 2073 HOH A O   
804 O O   . HOH B .  ? 0.0795 0.4262 0.1521 0.0090  0.0204  -0.0403 2074 HOH A O   
805 O O   . HOH B .  ? 0.3705 0.4632 0.4244 0.0535  -0.0130 -0.0121 2075 HOH A O   
806 O O   . HOH B .  ? 0.3197 0.3722 0.3209 -0.0993 0.0954  -0.0246 2076 HOH A O   
807 O O   . HOH B .  ? 0.1170 0.2875 0.2309 -0.0243 0.0289  -0.0689 2077 HOH A O   
808 O O   . HOH B .  ? 0.1362 0.1124 0.1139 -0.0164 -0.0198 -0.0181 2078 HOH A O   
809 O O   . HOH B .  ? 0.3732 0.3883 0.2678 0.0147  -0.0684 -0.0244 2079 HOH A O   
810 O O   . HOH B .  ? 0.4079 0.4761 0.2714 -0.0515 0.0147  -0.0338 2080 HOH A O   
811 O O   . HOH B .  ? 0.3908 0.3563 0.3545 -0.0532 0.0168  0.0588  2081 HOH A O   
812 O O   . HOH B .  ? 0.4177 0.1905 0.2749 -0.0400 0.1135  0.0368  2082 HOH A O   
813 O O   . HOH B .  ? 0.1387 0.1780 0.1388 0.0055  0.0405  -0.0306 2083 HOH A O   
814 O O   . HOH B .  ? 0.3433 0.3048 0.2942 0.0684  -0.0072 0.0464  2084 HOH A O   
815 O O   . HOH B .  ? 0.4581 0.3527 0.4127 0.0539  0.0131  -0.0559 2085 HOH A O   
816 O O   . HOH B .  ? 0.2788 0.3130 0.2178 0.0201  0.0794  0.0267  2086 HOH A O   
817 O O   . HOH B .  ? 0.1686 0.1375 0.0799 -0.0340 0.0416  -0.0365 2087 HOH A O   
818 O O   . HOH B .  ? 0.3525 0.1509 0.3114 0.0410  -0.0119 0.0610  2088 HOH A O   
819 O O   . HOH B .  ? 0.3270 0.2689 0.2756 0.0524  0.0200  -0.0411 2089 HOH A O   
820 O O   . HOH B .  ? 0.0959 0.2199 0.1507 0.0197  0.0199  -0.0203 2090 HOH A O   
821 O O   . HOH B .  ? 0.4667 0.2177 0.2793 -0.0985 -0.0398 -0.0047 2091 HOH A O   
822 O O   . HOH B .  ? 0.1266 0.1074 0.0762 -0.0311 0.0271  -0.0145 2092 HOH A O   
823 O O   . HOH B .  ? 0.2248 0.1923 0.1534 -0.0349 -0.0411 0.0240  2093 HOH A O   
824 O O   . HOH B .  ? 0.2121 0.2154 0.2614 0.0178  0.0012  0.0192  2094 HOH A O   
825 O O   . HOH B .  ? 0.1741 0.1781 0.2298 -0.0323 0.0658  -0.0310 2095 HOH A O   
826 O O   . HOH B .  ? 0.3081 0.3208 0.2508 0.0477  0.0030  0.0888  2096 HOH A O   
827 O O   . HOH B .  ? 0.3885 0.2962 0.3235 0.0661  -0.0207 0.0122  2097 HOH A O   
828 O O   . HOH B .  ? 0.3127 0.2489 0.1979 -0.0267 -0.0702 0.0258  2098 HOH A O   
829 O O   . HOH B .  ? 0.2539 0.3522 0.3716 0.0022  -0.0824 -0.0084 2099 HOH A O   
# 
loop_
_pdbx_poly_seq_scheme.asym_id 
_pdbx_poly_seq_scheme.entity_id 
_pdbx_poly_seq_scheme.seq_id 
_pdbx_poly_seq_scheme.mon_id 
_pdbx_poly_seq_scheme.ndb_seq_num 
_pdbx_poly_seq_scheme.pdb_seq_num 
_pdbx_poly_seq_scheme.auth_seq_num 
_pdbx_poly_seq_scheme.pdb_mon_id 
_pdbx_poly_seq_scheme.auth_mon_id 
_pdbx_poly_seq_scheme.pdb_strand_id 
_pdbx_poly_seq_scheme.pdb_ins_code 
_pdbx_poly_seq_scheme.hetero 
A 1 1  SER 1  -1  -1  SER SER A . n 
A 1 2  MET 2  0   0   MET MET A . n 
A 1 3  GLU 3  336 336 GLU GLU A . n 
A 1 4  ILE 4  337 337 ILE ILE A . n 
A 1 5  LEU 5  338 338 LEU LEU A . n 
A 1 6  GLN 6  339 339 GLN GLN A . n 
A 1 7  VAL 7  340 340 VAL VAL A . n 
A 1 8  ALA 8  341 341 ALA ALA A . n 
A 1 9  LEU 9  342 342 LEU LEU A . n 
A 1 10 HIS 10 343 343 HIS HIS A . n 
A 1 11 LYS 11 344 344 LYS LYS A . n 
A 1 12 ARG 12 345 345 ARG ARG A . n 
A 1 13 ASP 13 346 346 ASP ASP A . n 
A 1 14 SER 14 347 347 SER SER A . n 
A 1 15 GLY 15 348 348 GLY GLY A . n 
A 1 16 GLU 16 349 349 GLU GLU A . n 
A 1 17 GLN 17 350 350 GLN GLN A . n 
A 1 18 LEU 18 351 351 LEU LEU A . n 
A 1 19 GLY 19 352 352 GLY GLY A . n 
A 1 20 ILE 20 353 353 ILE ILE A . n 
A 1 21 LYS 21 354 354 LYS LYS A . n 
A 1 22 LEU 22 355 355 LEU LEU A . n 
A 1 23 VAL 23 356 356 VAL VAL A . n 
A 1 24 ARG 24 357 357 ARG ARG A . n 
A 1 25 ARG 25 358 358 ARG ARG A . n 
A 1 26 THR 26 359 359 THR THR A . n 
A 1 27 ASP 27 360 360 ASP ASP A . n 
A 1 28 GLU 28 361 361 GLU GLU A . n 
A 1 29 PRO 29 362 362 PRO PRO A . n 
A 1 30 GLY 30 363 363 GLY GLY A . n 
A 1 31 VAL 31 364 364 VAL VAL A . n 
A 1 32 PHE 32 365 365 PHE PHE A . n 
A 1 33 ILE 33 366 366 ILE ILE A . n 
A 1 34 LEU 34 367 367 LEU LEU A . n 
A 1 35 ASP 35 368 368 ASP ASP A . n 
A 1 36 LEU 36 369 369 LEU LEU A . n 
A 1 37 LEU 37 370 370 LEU LEU A . n 
A 1 38 GLU 38 371 371 GLU GLU A . n 
A 1 39 GLY 39 372 372 GLY GLY A . n 
A 1 40 GLY 40 373 373 GLY GLY A . n 
A 1 41 LEU 41 374 374 LEU LEU A . n 
A 1 42 ALA 42 375 375 ALA ALA A . n 
A 1 43 ALA 43 376 376 ALA ALA A . n 
A 1 44 GLN 44 377 377 GLN GLN A . n 
A 1 45 ASP 45 378 378 ASP ASP A . n 
A 1 46 GLY 46 379 379 GLY GLY A . n 
A 1 47 ARG 47 380 380 ARG ARG A . n 
A 1 48 LEU 48 381 381 LEU LEU A . n 
A 1 49 SER 49 382 382 SER SER A . n 
A 1 50 SER 50 383 383 SER SER A . n 
A 1 51 ASN 51 384 384 ASN ASN A . n 
A 1 52 ASP 52 385 385 ASP ASP A . n 
A 1 53 ARG 53 386 386 ARG ARG A . n 
A 1 54 VAL 54 387 387 VAL VAL A . n 
A 1 55 LEU 55 388 388 LEU LEU A . n 
A 1 56 ALA 56 389 389 ALA ALA A . n 
A 1 57 ILE 57 390 390 ILE ILE A . n 
A 1 58 ASN 58 391 391 ASN ASN A . n 
A 1 59 GLY 59 392 392 GLY GLY A . n 
A 1 60 HIS 60 393 393 HIS HIS A . n 
A 1 61 ASP 61 394 394 ASP ASP A . n 
A 1 62 LEU 62 395 395 LEU LEU A . n 
A 1 63 LYS 63 396 396 LYS LYS A . n 
A 1 64 TYR 64 397 397 TYR TYR A . n 
A 1 65 GLY 65 398 398 GLY GLY A . n 
A 1 66 THR 66 399 399 THR THR A . n 
A 1 67 PRO 67 400 400 PRO PRO A . n 
A 1 68 GLU 68 401 401 GLU GLU A . n 
A 1 69 LEU 69 402 402 LEU LEU A . n 
A 1 70 ALA 70 403 403 ALA ALA A . n 
A 1 71 ALA 71 404 404 ALA ALA A . n 
A 1 72 GLN 72 405 405 GLN GLN A . n 
A 1 73 ILE 73 406 406 ILE ILE A . n 
A 1 74 ILE 74 407 407 ILE ILE A . n 
A 1 75 GLN 75 408 408 GLN GLN A . n 
A 1 76 ALA 76 409 409 ALA ALA A . n 
A 1 77 SER 77 410 410 SER SER A . n 
A 1 78 GLY 78 411 411 GLY GLY A . n 
A 1 79 GLU 79 412 412 GLU GLU A . n 
A 1 80 ARG 80 413 413 ARG ARG A . n 
A 1 81 VAL 81 414 414 VAL VAL A . n 
A 1 82 ASN 82 415 415 ASN ASN A . n 
A 1 83 LEU 83 416 416 LEU LEU A . n 
A 1 84 THR 84 417 417 THR THR A . n 
A 1 85 ILE 85 418 418 ILE ILE A . n 
A 1 86 ALA 86 419 419 ALA ALA A . n 
A 1 87 ARG 87 420 420 ARG ARG A . n 
A 1 88 PRO 88 421 421 PRO PRO A . n 
A 1 89 GLY 89 422 422 GLY GLY A . n 
A 1 90 LYS 90 423 423 LYS LYS A . n 
A 1 91 PRO 91 424 424 PRO PRO A . n 
A 1 92 GLU 92 425 425 GLU GLU A . n 
A 1 93 ILE 93 426 426 ILE ILE A . n 
A 1 94 GLU 94 427 427 GLU GLU A . n 
A 1 95 LEU 95 428 428 LEU LEU A . n 
# 
loop_
_pdbx_nonpoly_scheme.asym_id 
_pdbx_nonpoly_scheme.entity_id 
_pdbx_nonpoly_scheme.mon_id 
_pdbx_nonpoly_scheme.ndb_seq_num 
_pdbx_nonpoly_scheme.pdb_seq_num 
_pdbx_nonpoly_scheme.auth_seq_num 
_pdbx_nonpoly_scheme.pdb_mon_id 
_pdbx_nonpoly_scheme.auth_mon_id 
_pdbx_nonpoly_scheme.pdb_strand_id 
_pdbx_nonpoly_scheme.pdb_ins_code 
B 2 HOH 1  2001 2001 HOH HOH A . 
B 2 HOH 2  2002 2002 HOH HOH A . 
B 2 HOH 3  2003 2003 HOH HOH A . 
B 2 HOH 4  2004 2004 HOH HOH A . 
B 2 HOH 5  2005 2005 HOH HOH A . 
B 2 HOH 6  2006 2006 HOH HOH A . 
B 2 HOH 7  2007 2007 HOH HOH A . 
B 2 HOH 8  2008 2008 HOH HOH A . 
B 2 HOH 9  2009 2009 HOH HOH A . 
B 2 HOH 10 2010 2010 HOH HOH A . 
B 2 HOH 11 2011 2011 HOH HOH A . 
B 2 HOH 12 2012 2012 HOH HOH A . 
B 2 HOH 13 2013 2013 HOH HOH A . 
B 2 HOH 14 2014 2014 HOH HOH A . 
B 2 HOH 15 2015 2015 HOH HOH A . 
B 2 HOH 16 2016 2016 HOH HOH A . 
B 2 HOH 17 2017 2017 HOH HOH A . 
B 2 HOH 18 2018 2018 HOH HOH A . 
B 2 HOH 19 2019 2019 HOH HOH A . 
B 2 HOH 20 2020 2020 HOH HOH A . 
B 2 HOH 21 2021 2021 HOH HOH A . 
B 2 HOH 22 2022 2022 HOH HOH A . 
B 2 HOH 23 2023 2023 HOH HOH A . 
B 2 HOH 24 2024 2024 HOH HOH A . 
B 2 HOH 25 2025 2025 HOH HOH A . 
B 2 HOH 26 2026 2026 HOH HOH A . 
B 2 HOH 27 2027 2027 HOH HOH A . 
B 2 HOH 28 2028 2028 HOH HOH A . 
B 2 HOH 29 2029 2029 HOH HOH A . 
B 2 HOH 30 2030 2030 HOH HOH A . 
B 2 HOH 31 2031 2031 HOH HOH A . 
B 2 HOH 32 2032 2032 HOH HOH A . 
B 2 HOH 33 2033 2033 HOH HOH A . 
B 2 HOH 34 2034 2034 HOH HOH A . 
B 2 HOH 35 2035 2035 HOH HOH A . 
B 2 HOH 36 2036 2036 HOH HOH A . 
B 2 HOH 37 2037 2037 HOH HOH A . 
B 2 HOH 38 2038 2038 HOH HOH A . 
B 2 HOH 39 2039 2039 HOH HOH A . 
B 2 HOH 40 2040 2040 HOH HOH A . 
B 2 HOH 41 2041 2041 HOH HOH A . 
B 2 HOH 42 2042 2042 HOH HOH A . 
B 2 HOH 43 2043 2043 HOH HOH A . 
B 2 HOH 44 2044 2044 HOH HOH A . 
B 2 HOH 45 2045 2045 HOH HOH A . 
B 2 HOH 46 2046 2046 HOH HOH A . 
B 2 HOH 47 2047 2047 HOH HOH A . 
B 2 HOH 48 2048 2048 HOH HOH A . 
B 2 HOH 49 2049 2049 HOH HOH A . 
B 2 HOH 50 2050 2050 HOH HOH A . 
B 2 HOH 51 2051 2051 HOH HOH A . 
B 2 HOH 52 2052 2052 HOH HOH A . 
B 2 HOH 53 2053 2053 HOH HOH A . 
B 2 HOH 54 2054 2054 HOH HOH A . 
B 2 HOH 55 2055 2055 HOH HOH A . 
B 2 HOH 56 2056 2056 HOH HOH A . 
B 2 HOH 57 2057 2057 HOH HOH A . 
B 2 HOH 58 2058 2058 HOH HOH A . 
B 2 HOH 59 2059 2059 HOH HOH A . 
B 2 HOH 60 2060 2060 HOH HOH A . 
B 2 HOH 61 2061 2061 HOH HOH A . 
B 2 HOH 62 2062 2062 HOH HOH A . 
B 2 HOH 63 2063 2063 HOH HOH A . 
B 2 HOH 64 2064 2064 HOH HOH A . 
B 2 HOH 65 2065 2065 HOH HOH A . 
B 2 HOH 66 2066 2066 HOH HOH A . 
B 2 HOH 67 2067 2067 HOH HOH A . 
B 2 HOH 68 2068 2068 HOH HOH A . 
B 2 HOH 69 2069 2069 HOH HOH A . 
B 2 HOH 70 2070 2070 HOH HOH A . 
B 2 HOH 71 2071 2071 HOH HOH A . 
B 2 HOH 72 2072 2072 HOH HOH A . 
B 2 HOH 73 2073 2073 HOH HOH A . 
B 2 HOH 74 2074 2074 HOH HOH A . 
B 2 HOH 75 2075 2075 HOH HOH A . 
B 2 HOH 76 2076 2076 HOH HOH A . 
B 2 HOH 77 2077 2077 HOH HOH A . 
B 2 HOH 78 2078 2078 HOH HOH A . 
B 2 HOH 79 2079 2079 HOH HOH A . 
B 2 HOH 80 2080 2080 HOH HOH A . 
B 2 HOH 81 2081 2081 HOH HOH A . 
B 2 HOH 82 2082 2082 HOH HOH A . 
B 2 HOH 83 2083 2083 HOH HOH A . 
B 2 HOH 84 2084 2084 HOH HOH A . 
B 2 HOH 85 2085 2085 HOH HOH A . 
B 2 HOH 86 2086 2086 HOH HOH A . 
B 2 HOH 87 2087 2087 HOH HOH A . 
B 2 HOH 88 2088 2088 HOH HOH A . 
B 2 HOH 89 2089 2089 HOH HOH A . 
B 2 HOH 90 2090 2090 HOH HOH A . 
B 2 HOH 91 2091 2091 HOH HOH A . 
B 2 HOH 92 2092 2092 HOH HOH A . 
B 2 HOH 93 2093 2093 HOH HOH A . 
B 2 HOH 94 2094 2094 HOH HOH A . 
B 2 HOH 95 2095 2095 HOH HOH A . 
B 2 HOH 96 2096 2096 HOH HOH A . 
B 2 HOH 97 2097 2097 HOH HOH A . 
B 2 HOH 98 2098 2098 HOH HOH A . 
B 2 HOH 99 2099 2099 HOH HOH A . 
# 
_pdbx_struct_assembly.id                   1 
_pdbx_struct_assembly.details              author_and_software_defined_assembly 
_pdbx_struct_assembly.method_details       PQS 
_pdbx_struct_assembly.oligomeric_details   monomeric 
_pdbx_struct_assembly.oligomeric_count     1 
# 
_pdbx_struct_assembly_gen.assembly_id       1 
_pdbx_struct_assembly_gen.oper_expression   1 
_pdbx_struct_assembly_gen.asym_id_list      A,B 
# 
_pdbx_struct_oper_list.id                   1 
_pdbx_struct_oper_list.type                 'identity operation' 
_pdbx_struct_oper_list.name                 1_555 
_pdbx_struct_oper_list.symmetry_operation   x,y,z 
_pdbx_struct_oper_list.matrix[1][1]         1.0000000000 
_pdbx_struct_oper_list.matrix[1][2]         0.0000000000 
_pdbx_struct_oper_list.matrix[1][3]         0.0000000000 
_pdbx_struct_oper_list.vector[1]            0.0000000000 
_pdbx_struct_oper_list.matrix[2][1]         0.0000000000 
_pdbx_struct_oper_list.matrix[2][2]         1.0000000000 
_pdbx_struct_oper_list.matrix[2][3]         0.0000000000 
_pdbx_struct_oper_list.vector[2]            0.0000000000 
_pdbx_struct_oper_list.matrix[3][1]         0.0000000000 
_pdbx_struct_oper_list.matrix[3][2]         0.0000000000 
_pdbx_struct_oper_list.matrix[3][3]         1.0000000000 
_pdbx_struct_oper_list.vector[3]            0.0000000000 
# 
_pdbx_struct_special_symmetry.id              1 
_pdbx_struct_special_symmetry.PDB_model_num   1 
_pdbx_struct_special_symmetry.auth_asym_id    A 
_pdbx_struct_special_symmetry.auth_comp_id    GLN 
_pdbx_struct_special_symmetry.auth_seq_id     350 
_pdbx_struct_special_symmetry.PDB_ins_code    ? 
_pdbx_struct_special_symmetry.label_asym_id   A 
_pdbx_struct_special_symmetry.label_comp_id   GLN 
_pdbx_struct_special_symmetry.label_seq_id    17 
# 
loop_
_pdbx_audit_revision_history.ordinal 
_pdbx_audit_revision_history.data_content_type 
_pdbx_audit_revision_history.major_revision 
_pdbx_audit_revision_history.minor_revision 
_pdbx_audit_revision_history.revision_date 
1 'Structure model' 1 0 2008-09-16 
2 'Structure model' 1 1 2011-05-08 
3 'Structure model' 1 2 2011-07-13 
4 'Structure model' 1 3 2018-01-24 
5 'Structure model' 1 4 2023-12-13 
# 
_pdbx_audit_revision_details.ordinal             1 
_pdbx_audit_revision_details.revision_ordinal    1 
_pdbx_audit_revision_details.data_content_type   'Structure model' 
_pdbx_audit_revision_details.provider            repository 
_pdbx_audit_revision_details.type                'Initial release' 
_pdbx_audit_revision_details.description         ? 
_pdbx_audit_revision_details.details             ? 
# 
loop_
_pdbx_audit_revision_group.ordinal 
_pdbx_audit_revision_group.revision_ordinal 
_pdbx_audit_revision_group.data_content_type 
_pdbx_audit_revision_group.group 
1 2 'Structure model' 'Version format compliance' 
2 3 'Structure model' 'Version format compliance' 
3 4 'Structure model' 'Database references'       
4 4 'Structure model' 'Structure summary'         
5 5 'Structure model' 'Data collection'           
6 5 'Structure model' 'Database references'       
7 5 'Structure model' 'Derived calculations'      
8 5 'Structure model' Other                       
9 5 'Structure model' 'Refinement description'    
# 
loop_
_pdbx_audit_revision_category.ordinal 
_pdbx_audit_revision_category.revision_ordinal 
_pdbx_audit_revision_category.data_content_type 
_pdbx_audit_revision_category.category 
1 4 'Structure model' audit_author                  
2 4 'Structure model' citation_author               
3 5 'Structure model' chem_comp_atom                
4 5 'Structure model' chem_comp_bond                
5 5 'Structure model' database_2                    
6 5 'Structure model' pdbx_database_status          
7 5 'Structure model' pdbx_initial_refinement_model 
8 5 'Structure model' pdbx_struct_special_symmetry  
# 
loop_
_pdbx_audit_revision_item.ordinal 
_pdbx_audit_revision_item.revision_ordinal 
_pdbx_audit_revision_item.data_content_type 
_pdbx_audit_revision_item.item 
1 4 'Structure model' '_audit_author.name'                   
2 4 'Structure model' '_citation_author.name'                
3 5 'Structure model' '_database_2.pdbx_DOI'                 
4 5 'Structure model' '_database_2.pdbx_database_accession'  
5 5 'Structure model' '_pdbx_database_status.status_code_sf' 
# 
loop_
_software.name 
_software.classification 
_software.version 
_software.citation_id 
_software.pdbx_ordinal 
REFMAC refinement       5.4.0066 ? 1 
MOSFLM 'data reduction' .        ? 2 
SCALA  'data scaling'   .        ? 3 
PHASER phasing          .        ? 4 
# 
_pdbx_database_remark.id     700 
_pdbx_database_remark.text   
;
SHEET
THE SHEET STRUCTURE OF THIS MOLECULE IS BIFURCATED. IN
ORDER TO REPRESENT THIS FEATURE IN THE SHEET RECORDS BELOW,
TWO SHEETS ARE DEFINED.
;
# 
_pdbx_entry_details.entry_id                 2VWR 
_pdbx_entry_details.compound_details         'ENGINEERED RESIDUE IN CHAIN A, PHE 338 TO LEU' 
_pdbx_entry_details.source_details           ? 
_pdbx_entry_details.nonpolymer_details       ? 
_pdbx_entry_details.sequence_details         'A POINT MUTATION F338L OCCURED DURING CLONING' 
_pdbx_entry_details.has_ligand_of_interest   ? 
# 
_pdbx_validate_torsion.id              1 
_pdbx_validate_torsion.PDB_model_num   1 
_pdbx_validate_torsion.auth_comp_id    ASN 
_pdbx_validate_torsion.auth_asym_id    A 
_pdbx_validate_torsion.auth_seq_id     384 
_pdbx_validate_torsion.PDB_ins_code    ? 
_pdbx_validate_torsion.label_alt_id    ? 
_pdbx_validate_torsion.phi             83.06 
_pdbx_validate_torsion.psi             -2.34 
# 
_pdbx_unobs_or_zero_occ_atoms.id               1 
_pdbx_unobs_or_zero_occ_atoms.PDB_model_num    1 
_pdbx_unobs_or_zero_occ_atoms.polymer_flag     Y 
_pdbx_unobs_or_zero_occ_atoms.occupancy_flag   1 
_pdbx_unobs_or_zero_occ_atoms.auth_asym_id     A 
_pdbx_unobs_or_zero_occ_atoms.auth_comp_id     LYS 
_pdbx_unobs_or_zero_occ_atoms.auth_seq_id      396 
_pdbx_unobs_or_zero_occ_atoms.PDB_ins_code     ? 
_pdbx_unobs_or_zero_occ_atoms.auth_atom_id     NZ 
_pdbx_unobs_or_zero_occ_atoms.label_alt_id     ? 
_pdbx_unobs_or_zero_occ_atoms.label_asym_id    A 
_pdbx_unobs_or_zero_occ_atoms.label_comp_id    LYS 
_pdbx_unobs_or_zero_occ_atoms.label_seq_id     63 
_pdbx_unobs_or_zero_occ_atoms.label_atom_id    NZ 
# 
loop_
_chem_comp_atom.comp_id 
_chem_comp_atom.atom_id 
_chem_comp_atom.type_symbol 
_chem_comp_atom.pdbx_aromatic_flag 
_chem_comp_atom.pdbx_stereo_config 
_chem_comp_atom.pdbx_ordinal 
ALA N    N N N 1   
ALA CA   C N S 2   
ALA C    C N N 3   
ALA O    O N N 4   
ALA CB   C N N 5   
ALA OXT  O N N 6   
ALA H    H N N 7   
ALA H2   H N N 8   
ALA HA   H N N 9   
ALA HB1  H N N 10  
ALA HB2  H N N 11  
ALA HB3  H N N 12  
ALA HXT  H N N 13  
ARG N    N N N 14  
ARG CA   C N S 15  
ARG C    C N N 16  
ARG O    O N N 17  
ARG CB   C N N 18  
ARG CG   C N N 19  
ARG CD   C N N 20  
ARG NE   N N N 21  
ARG CZ   C N N 22  
ARG NH1  N N N 23  
ARG NH2  N N N 24  
ARG OXT  O N N 25  
ARG H    H N N 26  
ARG H2   H N N 27  
ARG HA   H N N 28  
ARG HB2  H N N 29  
ARG HB3  H N N 30  
ARG HG2  H N N 31  
ARG HG3  H N N 32  
ARG HD2  H N N 33  
ARG HD3  H N N 34  
ARG HE   H N N 35  
ARG HH11 H N N 36  
ARG HH12 H N N 37  
ARG HH21 H N N 38  
ARG HH22 H N N 39  
ARG HXT  H N N 40  
ASN N    N N N 41  
ASN CA   C N S 42  
ASN C    C N N 43  
ASN O    O N N 44  
ASN CB   C N N 45  
ASN CG   C N N 46  
ASN OD1  O N N 47  
ASN ND2  N N N 48  
ASN OXT  O N N 49  
ASN H    H N N 50  
ASN H2   H N N 51  
ASN HA   H N N 52  
ASN HB2  H N N 53  
ASN HB3  H N N 54  
ASN HD21 H N N 55  
ASN HD22 H N N 56  
ASN HXT  H N N 57  
ASP N    N N N 58  
ASP CA   C N S 59  
ASP C    C N N 60  
ASP O    O N N 61  
ASP CB   C N N 62  
ASP CG   C N N 63  
ASP OD1  O N N 64  
ASP OD2  O N N 65  
ASP OXT  O N N 66  
ASP H    H N N 67  
ASP H2   H N N 68  
ASP HA   H N N 69  
ASP HB2  H N N 70  
ASP HB3  H N N 71  
ASP HD2  H N N 72  
ASP HXT  H N N 73  
GLN N    N N N 74  
GLN CA   C N S 75  
GLN C    C N N 76  
GLN O    O N N 77  
GLN CB   C N N 78  
GLN CG   C N N 79  
GLN CD   C N N 80  
GLN OE1  O N N 81  
GLN NE2  N N N 82  
GLN OXT  O N N 83  
GLN H    H N N 84  
GLN H2   H N N 85  
GLN HA   H N N 86  
GLN HB2  H N N 87  
GLN HB3  H N N 88  
GLN HG2  H N N 89  
GLN HG3  H N N 90  
GLN HE21 H N N 91  
GLN HE22 H N N 92  
GLN HXT  H N N 93  
GLU N    N N N 94  
GLU CA   C N S 95  
GLU C    C N N 96  
GLU O    O N N 97  
GLU CB   C N N 98  
GLU CG   C N N 99  
GLU CD   C N N 100 
GLU OE1  O N N 101 
GLU OE2  O N N 102 
GLU OXT  O N N 103 
GLU H    H N N 104 
GLU H2   H N N 105 
GLU HA   H N N 106 
GLU HB2  H N N 107 
GLU HB3  H N N 108 
GLU HG2  H N N 109 
GLU HG3  H N N 110 
GLU HE2  H N N 111 
GLU HXT  H N N 112 
GLY N    N N N 113 
GLY CA   C N N 114 
GLY C    C N N 115 
GLY O    O N N 116 
GLY OXT  O N N 117 
GLY H    H N N 118 
GLY H2   H N N 119 
GLY HA2  H N N 120 
GLY HA3  H N N 121 
GLY HXT  H N N 122 
HIS N    N N N 123 
HIS CA   C N S 124 
HIS C    C N N 125 
HIS O    O N N 126 
HIS CB   C N N 127 
HIS CG   C Y N 128 
HIS ND1  N Y N 129 
HIS CD2  C Y N 130 
HIS CE1  C Y N 131 
HIS NE2  N Y N 132 
HIS OXT  O N N 133 
HIS H    H N N 134 
HIS H2   H N N 135 
HIS HA   H N N 136 
HIS HB2  H N N 137 
HIS HB3  H N N 138 
HIS HD1  H N N 139 
HIS HD2  H N N 140 
HIS HE1  H N N 141 
HIS HE2  H N N 142 
HIS HXT  H N N 143 
HOH O    O N N 144 
HOH H1   H N N 145 
HOH H2   H N N 146 
ILE N    N N N 147 
ILE CA   C N S 148 
ILE C    C N N 149 
ILE O    O N N 150 
ILE CB   C N S 151 
ILE CG1  C N N 152 
ILE CG2  C N N 153 
ILE CD1  C N N 154 
ILE OXT  O N N 155 
ILE H    H N N 156 
ILE H2   H N N 157 
ILE HA   H N N 158 
ILE HB   H N N 159 
ILE HG12 H N N 160 
ILE HG13 H N N 161 
ILE HG21 H N N 162 
ILE HG22 H N N 163 
ILE HG23 H N N 164 
ILE HD11 H N N 165 
ILE HD12 H N N 166 
ILE HD13 H N N 167 
ILE HXT  H N N 168 
LEU N    N N N 169 
LEU CA   C N S 170 
LEU C    C N N 171 
LEU O    O N N 172 
LEU CB   C N N 173 
LEU CG   C N N 174 
LEU CD1  C N N 175 
LEU CD2  C N N 176 
LEU OXT  O N N 177 
LEU H    H N N 178 
LEU H2   H N N 179 
LEU HA   H N N 180 
LEU HB2  H N N 181 
LEU HB3  H N N 182 
LEU HG   H N N 183 
LEU HD11 H N N 184 
LEU HD12 H N N 185 
LEU HD13 H N N 186 
LEU HD21 H N N 187 
LEU HD22 H N N 188 
LEU HD23 H N N 189 
LEU HXT  H N N 190 
LYS N    N N N 191 
LYS CA   C N S 192 
LYS C    C N N 193 
LYS O    O N N 194 
LYS CB   C N N 195 
LYS CG   C N N 196 
LYS CD   C N N 197 
LYS CE   C N N 198 
LYS NZ   N N N 199 
LYS OXT  O N N 200 
LYS H    H N N 201 
LYS H2   H N N 202 
LYS HA   H N N 203 
LYS HB2  H N N 204 
LYS HB3  H N N 205 
LYS HG2  H N N 206 
LYS HG3  H N N 207 
LYS HD2  H N N 208 
LYS HD3  H N N 209 
LYS HE2  H N N 210 
LYS HE3  H N N 211 
LYS HZ1  H N N 212 
LYS HZ2  H N N 213 
LYS HZ3  H N N 214 
LYS HXT  H N N 215 
MET N    N N N 216 
MET CA   C N S 217 
MET C    C N N 218 
MET O    O N N 219 
MET CB   C N N 220 
MET CG   C N N 221 
MET SD   S N N 222 
MET CE   C N N 223 
MET OXT  O N N 224 
MET H    H N N 225 
MET H2   H N N 226 
MET HA   H N N 227 
MET HB2  H N N 228 
MET HB3  H N N 229 
MET HG2  H N N 230 
MET HG3  H N N 231 
MET HE1  H N N 232 
MET HE2  H N N 233 
MET HE3  H N N 234 
MET HXT  H N N 235 
PHE N    N N N 236 
PHE CA   C N S 237 
PHE C    C N N 238 
PHE O    O N N 239 
PHE CB   C N N 240 
PHE CG   C Y N 241 
PHE CD1  C Y N 242 
PHE CD2  C Y N 243 
PHE CE1  C Y N 244 
PHE CE2  C Y N 245 
PHE CZ   C Y N 246 
PHE OXT  O N N 247 
PHE H    H N N 248 
PHE H2   H N N 249 
PHE HA   H N N 250 
PHE HB2  H N N 251 
PHE HB3  H N N 252 
PHE HD1  H N N 253 
PHE HD2  H N N 254 
PHE HE1  H N N 255 
PHE HE2  H N N 256 
PHE HZ   H N N 257 
PHE HXT  H N N 258 
PRO N    N N N 259 
PRO CA   C N S 260 
PRO C    C N N 261 
PRO O    O N N 262 
PRO CB   C N N 263 
PRO CG   C N N 264 
PRO CD   C N N 265 
PRO OXT  O N N 266 
PRO H    H N N 267 
PRO HA   H N N 268 
PRO HB2  H N N 269 
PRO HB3  H N N 270 
PRO HG2  H N N 271 
PRO HG3  H N N 272 
PRO HD2  H N N 273 
PRO HD3  H N N 274 
PRO HXT  H N N 275 
SER N    N N N 276 
SER CA   C N S 277 
SER C    C N N 278 
SER O    O N N 279 
SER CB   C N N 280 
SER OG   O N N 281 
SER OXT  O N N 282 
SER H    H N N 283 
SER H2   H N N 284 
SER HA   H N N 285 
SER HB2  H N N 286 
SER HB3  H N N 287 
SER HG   H N N 288 
SER HXT  H N N 289 
THR N    N N N 290 
THR CA   C N S 291 
THR C    C N N 292 
THR O    O N N 293 
THR CB   C N R 294 
THR OG1  O N N 295 
THR CG2  C N N 296 
THR OXT  O N N 297 
THR H    H N N 298 
THR H2   H N N 299 
THR HA   H N N 300 
THR HB   H N N 301 
THR HG1  H N N 302 
THR HG21 H N N 303 
THR HG22 H N N 304 
THR HG23 H N N 305 
THR HXT  H N N 306 
TYR N    N N N 307 
TYR CA   C N S 308 
TYR C    C N N 309 
TYR O    O N N 310 
TYR CB   C N N 311 
TYR CG   C Y N 312 
TYR CD1  C Y N 313 
TYR CD2  C Y N 314 
TYR CE1  C Y N 315 
TYR CE2  C Y N 316 
TYR CZ   C Y N 317 
TYR OH   O N N 318 
TYR OXT  O N N 319 
TYR H    H N N 320 
TYR H2   H N N 321 
TYR HA   H N N 322 
TYR HB2  H N N 323 
TYR HB3  H N N 324 
TYR HD1  H N N 325 
TYR HD2  H N N 326 
TYR HE1  H N N 327 
TYR HE2  H N N 328 
TYR HH   H N N 329 
TYR HXT  H N N 330 
VAL N    N N N 331 
VAL CA   C N S 332 
VAL C    C N N 333 
VAL O    O N N 334 
VAL CB   C N N 335 
VAL CG1  C N N 336 
VAL CG2  C N N 337 
VAL OXT  O N N 338 
VAL H    H N N 339 
VAL H2   H N N 340 
VAL HA   H N N 341 
VAL HB   H N N 342 
VAL HG11 H N N 343 
VAL HG12 H N N 344 
VAL HG13 H N N 345 
VAL HG21 H N N 346 
VAL HG22 H N N 347 
VAL HG23 H N N 348 
VAL HXT  H N N 349 
# 
loop_
_chem_comp_bond.comp_id 
_chem_comp_bond.atom_id_1 
_chem_comp_bond.atom_id_2 
_chem_comp_bond.value_order 
_chem_comp_bond.pdbx_aromatic_flag 
_chem_comp_bond.pdbx_stereo_config 
_chem_comp_bond.pdbx_ordinal 
ALA N   CA   sing N N 1   
ALA N   H    sing N N 2   
ALA N   H2   sing N N 3   
ALA CA  C    sing N N 4   
ALA CA  CB   sing N N 5   
ALA CA  HA   sing N N 6   
ALA C   O    doub N N 7   
ALA C   OXT  sing N N 8   
ALA CB  HB1  sing N N 9   
ALA CB  HB2  sing N N 10  
ALA CB  HB3  sing N N 11  
ALA OXT HXT  sing N N 12  
ARG N   CA   sing N N 13  
ARG N   H    sing N N 14  
ARG N   H2   sing N N 15  
ARG CA  C    sing N N 16  
ARG CA  CB   sing N N 17  
ARG CA  HA   sing N N 18  
ARG C   O    doub N N 19  
ARG C   OXT  sing N N 20  
ARG CB  CG   sing N N 21  
ARG CB  HB2  sing N N 22  
ARG CB  HB3  sing N N 23  
ARG CG  CD   sing N N 24  
ARG CG  HG2  sing N N 25  
ARG CG  HG3  sing N N 26  
ARG CD  NE   sing N N 27  
ARG CD  HD2  sing N N 28  
ARG CD  HD3  sing N N 29  
ARG NE  CZ   sing N N 30  
ARG NE  HE   sing N N 31  
ARG CZ  NH1  sing N N 32  
ARG CZ  NH2  doub N N 33  
ARG NH1 HH11 sing N N 34  
ARG NH1 HH12 sing N N 35  
ARG NH2 HH21 sing N N 36  
ARG NH2 HH22 sing N N 37  
ARG OXT HXT  sing N N 38  
ASN N   CA   sing N N 39  
ASN N   H    sing N N 40  
ASN N   H2   sing N N 41  
ASN CA  C    sing N N 42  
ASN CA  CB   sing N N 43  
ASN CA  HA   sing N N 44  
ASN C   O    doub N N 45  
ASN C   OXT  sing N N 46  
ASN CB  CG   sing N N 47  
ASN CB  HB2  sing N N 48  
ASN CB  HB3  sing N N 49  
ASN CG  OD1  doub N N 50  
ASN CG  ND2  sing N N 51  
ASN ND2 HD21 sing N N 52  
ASN ND2 HD22 sing N N 53  
ASN OXT HXT  sing N N 54  
ASP N   CA   sing N N 55  
ASP N   H    sing N N 56  
ASP N   H2   sing N N 57  
ASP CA  C    sing N N 58  
ASP CA  CB   sing N N 59  
ASP CA  HA   sing N N 60  
ASP C   O    doub N N 61  
ASP C   OXT  sing N N 62  
ASP CB  CG   sing N N 63  
ASP CB  HB2  sing N N 64  
ASP CB  HB3  sing N N 65  
ASP CG  OD1  doub N N 66  
ASP CG  OD2  sing N N 67  
ASP OD2 HD2  sing N N 68  
ASP OXT HXT  sing N N 69  
GLN N   CA   sing N N 70  
GLN N   H    sing N N 71  
GLN N   H2   sing N N 72  
GLN CA  C    sing N N 73  
GLN CA  CB   sing N N 74  
GLN CA  HA   sing N N 75  
GLN C   O    doub N N 76  
GLN C   OXT  sing N N 77  
GLN CB  CG   sing N N 78  
GLN CB  HB2  sing N N 79  
GLN CB  HB3  sing N N 80  
GLN CG  CD   sing N N 81  
GLN CG  HG2  sing N N 82  
GLN CG  HG3  sing N N 83  
GLN CD  OE1  doub N N 84  
GLN CD  NE2  sing N N 85  
GLN NE2 HE21 sing N N 86  
GLN NE2 HE22 sing N N 87  
GLN OXT HXT  sing N N 88  
GLU N   CA   sing N N 89  
GLU N   H    sing N N 90  
GLU N   H2   sing N N 91  
GLU CA  C    sing N N 92  
GLU CA  CB   sing N N 93  
GLU CA  HA   sing N N 94  
GLU C   O    doub N N 95  
GLU C   OXT  sing N N 96  
GLU CB  CG   sing N N 97  
GLU CB  HB2  sing N N 98  
GLU CB  HB3  sing N N 99  
GLU CG  CD   sing N N 100 
GLU CG  HG2  sing N N 101 
GLU CG  HG3  sing N N 102 
GLU CD  OE1  doub N N 103 
GLU CD  OE2  sing N N 104 
GLU OE2 HE2  sing N N 105 
GLU OXT HXT  sing N N 106 
GLY N   CA   sing N N 107 
GLY N   H    sing N N 108 
GLY N   H2   sing N N 109 
GLY CA  C    sing N N 110 
GLY CA  HA2  sing N N 111 
GLY CA  HA3  sing N N 112 
GLY C   O    doub N N 113 
GLY C   OXT  sing N N 114 
GLY OXT HXT  sing N N 115 
HIS N   CA   sing N N 116 
HIS N   H    sing N N 117 
HIS N   H2   sing N N 118 
HIS CA  C    sing N N 119 
HIS CA  CB   sing N N 120 
HIS CA  HA   sing N N 121 
HIS C   O    doub N N 122 
HIS C   OXT  sing N N 123 
HIS CB  CG   sing N N 124 
HIS CB  HB2  sing N N 125 
HIS CB  HB3  sing N N 126 
HIS CG  ND1  sing Y N 127 
HIS CG  CD2  doub Y N 128 
HIS ND1 CE1  doub Y N 129 
HIS ND1 HD1  sing N N 130 
HIS CD2 NE2  sing Y N 131 
HIS CD2 HD2  sing N N 132 
HIS CE1 NE2  sing Y N 133 
HIS CE1 HE1  sing N N 134 
HIS NE2 HE2  sing N N 135 
HIS OXT HXT  sing N N 136 
HOH O   H1   sing N N 137 
HOH O   H2   sing N N 138 
ILE N   CA   sing N N 139 
ILE N   H    sing N N 140 
ILE N   H2   sing N N 141 
ILE CA  C    sing N N 142 
ILE CA  CB   sing N N 143 
ILE CA  HA   sing N N 144 
ILE C   O    doub N N 145 
ILE C   OXT  sing N N 146 
ILE CB  CG1  sing N N 147 
ILE CB  CG2  sing N N 148 
ILE CB  HB   sing N N 149 
ILE CG1 CD1  sing N N 150 
ILE CG1 HG12 sing N N 151 
ILE CG1 HG13 sing N N 152 
ILE CG2 HG21 sing N N 153 
ILE CG2 HG22 sing N N 154 
ILE CG2 HG23 sing N N 155 
ILE CD1 HD11 sing N N 156 
ILE CD1 HD12 sing N N 157 
ILE CD1 HD13 sing N N 158 
ILE OXT HXT  sing N N 159 
LEU N   CA   sing N N 160 
LEU N   H    sing N N 161 
LEU N   H2   sing N N 162 
LEU CA  C    sing N N 163 
LEU CA  CB   sing N N 164 
LEU CA  HA   sing N N 165 
LEU C   O    doub N N 166 
LEU C   OXT  sing N N 167 
LEU CB  CG   sing N N 168 
LEU CB  HB2  sing N N 169 
LEU CB  HB3  sing N N 170 
LEU CG  CD1  sing N N 171 
LEU CG  CD2  sing N N 172 
LEU CG  HG   sing N N 173 
LEU CD1 HD11 sing N N 174 
LEU CD1 HD12 sing N N 175 
LEU CD1 HD13 sing N N 176 
LEU CD2 HD21 sing N N 177 
LEU CD2 HD22 sing N N 178 
LEU CD2 HD23 sing N N 179 
LEU OXT HXT  sing N N 180 
LYS N   CA   sing N N 181 
LYS N   H    sing N N 182 
LYS N   H2   sing N N 183 
LYS CA  C    sing N N 184 
LYS CA  CB   sing N N 185 
LYS CA  HA   sing N N 186 
LYS C   O    doub N N 187 
LYS C   OXT  sing N N 188 
LYS CB  CG   sing N N 189 
LYS CB  HB2  sing N N 190 
LYS CB  HB3  sing N N 191 
LYS CG  CD   sing N N 192 
LYS CG  HG2  sing N N 193 
LYS CG  HG3  sing N N 194 
LYS CD  CE   sing N N 195 
LYS CD  HD2  sing N N 196 
LYS CD  HD3  sing N N 197 
LYS CE  NZ   sing N N 198 
LYS CE  HE2  sing N N 199 
LYS CE  HE3  sing N N 200 
LYS NZ  HZ1  sing N N 201 
LYS NZ  HZ2  sing N N 202 
LYS NZ  HZ3  sing N N 203 
LYS OXT HXT  sing N N 204 
MET N   CA   sing N N 205 
MET N   H    sing N N 206 
MET N   H2   sing N N 207 
MET CA  C    sing N N 208 
MET CA  CB   sing N N 209 
MET CA  HA   sing N N 210 
MET C   O    doub N N 211 
MET C   OXT  sing N N 212 
MET CB  CG   sing N N 213 
MET CB  HB2  sing N N 214 
MET CB  HB3  sing N N 215 
MET CG  SD   sing N N 216 
MET CG  HG2  sing N N 217 
MET CG  HG3  sing N N 218 
MET SD  CE   sing N N 219 
MET CE  HE1  sing N N 220 
MET CE  HE2  sing N N 221 
MET CE  HE3  sing N N 222 
MET OXT HXT  sing N N 223 
PHE N   CA   sing N N 224 
PHE N   H    sing N N 225 
PHE N   H2   sing N N 226 
PHE CA  C    sing N N 227 
PHE CA  CB   sing N N 228 
PHE CA  HA   sing N N 229 
PHE C   O    doub N N 230 
PHE C   OXT  sing N N 231 
PHE CB  CG   sing N N 232 
PHE CB  HB2  sing N N 233 
PHE CB  HB3  sing N N 234 
PHE CG  CD1  doub Y N 235 
PHE CG  CD2  sing Y N 236 
PHE CD1 CE1  sing Y N 237 
PHE CD1 HD1  sing N N 238 
PHE CD2 CE2  doub Y N 239 
PHE CD2 HD2  sing N N 240 
PHE CE1 CZ   doub Y N 241 
PHE CE1 HE1  sing N N 242 
PHE CE2 CZ   sing Y N 243 
PHE CE2 HE2  sing N N 244 
PHE CZ  HZ   sing N N 245 
PHE OXT HXT  sing N N 246 
PRO N   CA   sing N N 247 
PRO N   CD   sing N N 248 
PRO N   H    sing N N 249 
PRO CA  C    sing N N 250 
PRO CA  CB   sing N N 251 
PRO CA  HA   sing N N 252 
PRO C   O    doub N N 253 
PRO C   OXT  sing N N 254 
PRO CB  CG   sing N N 255 
PRO CB  HB2  sing N N 256 
PRO CB  HB3  sing N N 257 
PRO CG  CD   sing N N 258 
PRO CG  HG2  sing N N 259 
PRO CG  HG3  sing N N 260 
PRO CD  HD2  sing N N 261 
PRO CD  HD3  sing N N 262 
PRO OXT HXT  sing N N 263 
SER N   CA   sing N N 264 
SER N   H    sing N N 265 
SER N   H2   sing N N 266 
SER CA  C    sing N N 267 
SER CA  CB   sing N N 268 
SER CA  HA   sing N N 269 
SER C   O    doub N N 270 
SER C   OXT  sing N N 271 
SER CB  OG   sing N N 272 
SER CB  HB2  sing N N 273 
SER CB  HB3  sing N N 274 
SER OG  HG   sing N N 275 
SER OXT HXT  sing N N 276 
THR N   CA   sing N N 277 
THR N   H    sing N N 278 
THR N   H2   sing N N 279 
THR CA  C    sing N N 280 
THR CA  CB   sing N N 281 
THR CA  HA   sing N N 282 
THR C   O    doub N N 283 
THR C   OXT  sing N N 284 
THR CB  OG1  sing N N 285 
THR CB  CG2  sing N N 286 
THR CB  HB   sing N N 287 
THR OG1 HG1  sing N N 288 
THR CG2 HG21 sing N N 289 
THR CG2 HG22 sing N N 290 
THR CG2 HG23 sing N N 291 
THR OXT HXT  sing N N 292 
TYR N   CA   sing N N 293 
TYR N   H    sing N N 294 
TYR N   H2   sing N N 295 
TYR CA  C    sing N N 296 
TYR CA  CB   sing N N 297 
TYR CA  HA   sing N N 298 
TYR C   O    doub N N 299 
TYR C   OXT  sing N N 300 
TYR CB  CG   sing N N 301 
TYR CB  HB2  sing N N 302 
TYR CB  HB3  sing N N 303 
TYR CG  CD1  doub Y N 304 
TYR CG  CD2  sing Y N 305 
TYR CD1 CE1  sing Y N 306 
TYR CD1 HD1  sing N N 307 
TYR CD2 CE2  doub Y N 308 
TYR CD2 HD2  sing N N 309 
TYR CE1 CZ   doub Y N 310 
TYR CE1 HE1  sing N N 311 
TYR CE2 CZ   sing Y N 312 
TYR CE2 HE2  sing N N 313 
TYR CZ  OH   sing N N 314 
TYR OH  HH   sing N N 315 
TYR OXT HXT  sing N N 316 
VAL N   CA   sing N N 317 
VAL N   H    sing N N 318 
VAL N   H2   sing N N 319 
VAL CA  C    sing N N 320 
VAL CA  CB   sing N N 321 
VAL CA  HA   sing N N 322 
VAL C   O    doub N N 323 
VAL C   OXT  sing N N 324 
VAL CB  CG1  sing N N 325 
VAL CB  CG2  sing N N 326 
VAL CB  HB   sing N N 327 
VAL CG1 HG11 sing N N 328 
VAL CG1 HG12 sing N N 329 
VAL CG1 HG13 sing N N 330 
VAL CG2 HG21 sing N N 331 
VAL CG2 HG22 sing N N 332 
VAL CG2 HG23 sing N N 333 
VAL OXT HXT  sing N N 334 
# 
_pdbx_entity_nonpoly.entity_id   2 
_pdbx_entity_nonpoly.name        water 
_pdbx_entity_nonpoly.comp_id     HOH 
# 
loop_
_pdbx_initial_refinement_model.id 
_pdbx_initial_refinement_model.entity_id_list 
_pdbx_initial_refinement_model.type 
_pdbx_initial_refinement_model.source_name 
_pdbx_initial_refinement_model.accession_code 
_pdbx_initial_refinement_model.details 
1 ? 'experimental model' PDB 2QG1 'PDB ENTRIES 2QG1 AND 2HE2' 
2 ? 'experimental model' PDB 2HE2 'PDB ENTRIES 2QG1 AND 2HE2' 
# 
